data_6N9H
# 
_entry.id   6N9H 
# 
_audit_conform.dict_name       mmcif_pdbx.dic 
_audit_conform.dict_version    5.389 
_audit_conform.dict_location   http://mmcif.pdb.org/dictionaries/ascii/mmcif_pdbx.dic 
# 
loop_
_database_2.database_id 
_database_2.database_code 
_database_2.pdbx_database_accession 
_database_2.pdbx_DOI 
PDB   6N9H         pdb_00006n9h 10.2210/pdb6n9h/pdb 
WWPDB D_1000238300 ?            ?                   
# 
loop_
_pdbx_audit_revision_history.ordinal 
_pdbx_audit_revision_history.data_content_type 
_pdbx_audit_revision_history.major_revision 
_pdbx_audit_revision_history.minor_revision 
_pdbx_audit_revision_history.revision_date 
1 'Structure model' 1 0 2019-12-18 
2 'Structure model' 1 1 2020-01-01 
3 'Structure model' 1 2 2024-03-13 
4 'Structure model' 1 3 2024-04-03 
# 
_pdbx_audit_revision_details.ordinal             1 
_pdbx_audit_revision_details.revision_ordinal    1 
_pdbx_audit_revision_details.data_content_type   'Structure model' 
_pdbx_audit_revision_details.provider            repository 
_pdbx_audit_revision_details.type                'Initial release' 
_pdbx_audit_revision_details.description         ? 
_pdbx_audit_revision_details.details             ? 
# 
loop_
_pdbx_audit_revision_group.ordinal 
_pdbx_audit_revision_group.revision_ordinal 
_pdbx_audit_revision_group.data_content_type 
_pdbx_audit_revision_group.group 
1 2 'Structure model' 'Database references'    
2 3 'Structure model' 'Data collection'        
3 3 'Structure model' 'Database references'    
4 3 'Structure model' 'Derived calculations'   
5 4 'Structure model' 'Refinement description' 
# 
loop_
_pdbx_audit_revision_category.ordinal 
_pdbx_audit_revision_category.revision_ordinal 
_pdbx_audit_revision_category.data_content_type 
_pdbx_audit_revision_category.category 
1 2 'Structure model' citation                      
2 2 'Structure model' citation_author               
3 3 'Structure model' chem_comp_atom                
4 3 'Structure model' chem_comp_bond                
5 3 'Structure model' database_2                    
6 3 'Structure model' pdbx_struct_conn_angle        
7 3 'Structure model' struct_conn                   
8 4 'Structure model' pdbx_initial_refinement_model 
# 
loop_
_pdbx_audit_revision_item.ordinal 
_pdbx_audit_revision_item.revision_ordinal 
_pdbx_audit_revision_item.data_content_type 
_pdbx_audit_revision_item.item 
1  2 'Structure model' '_citation.country'                           
2  2 'Structure model' '_citation.journal_abbrev'                    
3  2 'Structure model' '_citation.journal_id_CSD'                    
4  2 'Structure model' '_citation.journal_id_ISSN'                   
5  2 'Structure model' '_citation.journal_volume'                    
6  2 'Structure model' '_citation.pdbx_database_id_DOI'              
7  2 'Structure model' '_citation.pdbx_database_id_PubMed'           
8  2 'Structure model' '_citation.year'                              
9  2 'Structure model' '_citation_author.identifier_ORCID'           
10 2 'Structure model' '_citation_author.name'                       
11 3 'Structure model' '_database_2.pdbx_DOI'                        
12 3 'Structure model' '_database_2.pdbx_database_accession'         
13 3 'Structure model' '_pdbx_struct_conn_angle.ptnr1_auth_comp_id'  
14 3 'Structure model' '_pdbx_struct_conn_angle.ptnr1_auth_seq_id'   
15 3 'Structure model' '_pdbx_struct_conn_angle.ptnr1_label_asym_id' 
16 3 'Structure model' '_pdbx_struct_conn_angle.ptnr1_label_atom_id' 
17 3 'Structure model' '_pdbx_struct_conn_angle.ptnr1_label_comp_id' 
18 3 'Structure model' '_pdbx_struct_conn_angle.ptnr1_label_seq_id'  
19 3 'Structure model' '_pdbx_struct_conn_angle.ptnr3_auth_comp_id'  
20 3 'Structure model' '_pdbx_struct_conn_angle.ptnr3_auth_seq_id'   
21 3 'Structure model' '_pdbx_struct_conn_angle.ptnr3_label_asym_id' 
22 3 'Structure model' '_pdbx_struct_conn_angle.ptnr3_label_atom_id' 
23 3 'Structure model' '_pdbx_struct_conn_angle.ptnr3_label_comp_id' 
24 3 'Structure model' '_pdbx_struct_conn_angle.ptnr3_label_seq_id'  
25 3 'Structure model' '_pdbx_struct_conn_angle.value'               
26 3 'Structure model' '_struct_conn.pdbx_dist_value'                
27 3 'Structure model' '_struct_conn.ptnr1_auth_comp_id'             
28 3 'Structure model' '_struct_conn.ptnr1_auth_seq_id'              
29 3 'Structure model' '_struct_conn.ptnr1_label_asym_id'            
30 3 'Structure model' '_struct_conn.ptnr1_label_atom_id'            
31 3 'Structure model' '_struct_conn.ptnr1_label_comp_id'            
32 3 'Structure model' '_struct_conn.ptnr1_label_seq_id'             
33 3 'Structure model' '_struct_conn.ptnr2_auth_comp_id'             
34 3 'Structure model' '_struct_conn.ptnr2_auth_seq_id'              
35 3 'Structure model' '_struct_conn.ptnr2_label_asym_id'            
36 3 'Structure model' '_struct_conn.ptnr2_label_atom_id'            
37 3 'Structure model' '_struct_conn.ptnr2_label_comp_id'            
38 3 'Structure model' '_struct_conn.ptnr2_symmetry'                 
# 
_pdbx_database_status.status_code                     REL 
_pdbx_database_status.status_code_sf                  REL 
_pdbx_database_status.status_code_mr                  ? 
_pdbx_database_status.entry_id                        6N9H 
_pdbx_database_status.recvd_initial_deposition_date   2018-12-03 
_pdbx_database_status.SG_entry                        N 
_pdbx_database_status.deposit_site                    RCSB 
_pdbx_database_status.process_site                    RCSB 
_pdbx_database_status.status_code_cs                  ? 
_pdbx_database_status.methods_development_category    ? 
_pdbx_database_status.pdb_format_compatible           Y 
_pdbx_database_status.status_code_nmr_data            ? 
# 
loop_
_audit_author.name 
_audit_author.pdbx_ordinal 
_audit_author.identifier_ORCID 
'Park, J.'  1 0000-0001-8557-641X 
'Baker, D.' 2 0000-0001-7896-6217 
# 
_citation.abstract                  ? 
_citation.abstract_id_CAS           ? 
_citation.book_id_ISBN              ? 
_citation.book_publisher            ? 
_citation.book_publisher_city       ? 
_citation.book_title                ? 
_citation.coordinate_linkage        ? 
_citation.country                   US 
_citation.database_id_Medline       ? 
_citation.details                   ? 
_citation.id                        primary 
_citation.journal_abbrev            Elife 
_citation.journal_id_ASTM           ? 
_citation.journal_id_CSD            ? 
_citation.journal_id_ISSN           2050-084X 
_citation.journal_full              ? 
_citation.journal_issue             ? 
_citation.journal_volume            8 
_citation.language                  ? 
_citation.page_first                ? 
_citation.page_last                 ? 
_citation.title                     'De novo design of a homo-trimeric amantadine-binding protein.' 
_citation.year                      2019 
_citation.database_id_CSD           ? 
_citation.pdbx_database_id_DOI      10.7554/eLife.47839 
_citation.pdbx_database_id_PubMed   31854299 
_citation.unpublished_flag          ? 
# 
loop_
_citation_author.citation_id 
_citation_author.name 
_citation_author.ordinal 
_citation_author.identifier_ORCID 
primary 'Park, J.'        1  0000-0001-8557-641X 
primary 'Selvaraj, B.'    2  ?                   
primary 'McShan, A.C.'    3  0000-0002-3212-9867 
primary 'Boyken, S.E.'    4  0000-0002-5378-0632 
primary 'Wei, K.Y.'       5  0000-0002-8794-1385 
primary 'Oberdorfer, G.'  6  ?                   
primary 'DeGrado, W.'     7  ?                   
primary 'Sgourakis, N.G.' 8  0000-0003-3655-3902 
primary 'Cuneo, M.J.'     9  0000-0002-1475-6656 
primary 'Myles, D.A.'     10 0000-0002-7693-4964 
primary 'Baker, D.'       11 0000-0001-7896-6217 
# 
loop_
_entity.id 
_entity.type 
_entity.src_method 
_entity.pdbx_description 
_entity.formula_weight 
_entity.pdbx_number_of_molecules 
_entity.pdbx_ec 
_entity.pdbx_mutation 
_entity.pdbx_fragment 
_entity.details 
1 polymer     man 'amantadine-binding protein'                     9139.512 1   ? ? ? ? 
2 non-polymer syn '(3S,5S,7S)-tricyclo[3.3.1.1~3,7~]decan-1-amine' 151.249  1   ? ? ? ? 
3 non-polymer syn 'SODIUM ION'                                     22.990   1   ? ? ? ? 
4 water       nat water                                            18.015   117 ? ? ? ? 
# 
_entity_name_com.entity_id   1 
_entity_name_com.name        ABP 
# 
_entity_poly.entity_id                      1 
_entity_poly.type                           'polypeptide(L)' 
_entity_poly.nstd_linkage                   no 
_entity_poly.nstd_monomer                   no 
_entity_poly.pdbx_seq_one_letter_code       GSHMGDAQDKLKYLVKQLERALRELKKSLDELERSLEELEKNPSEDALVENNRLNVENNKIIVEVLRIILELAKASAKLA 
_entity_poly.pdbx_seq_one_letter_code_can   GSHMGDAQDKLKYLVKQLERALRELKKSLDELERSLEELEKNPSEDALVENNRLNVENNKIIVEVLRIILELAKASAKLA 
_entity_poly.pdbx_strand_id                 A 
_entity_poly.pdbx_target_identifier         ? 
# 
loop_
_pdbx_entity_nonpoly.entity_id 
_pdbx_entity_nonpoly.name 
_pdbx_entity_nonpoly.comp_id 
2 '(3S,5S,7S)-tricyclo[3.3.1.1~3,7~]decan-1-amine' 308 
3 'SODIUM ION'                                     NA  
4 water                                            HOH 
# 
loop_
_entity_poly_seq.entity_id 
_entity_poly_seq.num 
_entity_poly_seq.mon_id 
_entity_poly_seq.hetero 
1 1  GLY n 
1 2  SER n 
1 3  HIS n 
1 4  MET n 
1 5  GLY n 
1 6  ASP n 
1 7  ALA n 
1 8  GLN n 
1 9  ASP n 
1 10 LYS n 
1 11 LEU n 
1 12 LYS n 
1 13 TYR n 
1 14 LEU n 
1 15 VAL n 
1 16 LYS n 
1 17 GLN n 
1 18 LEU n 
1 19 GLU n 
1 20 ARG n 
1 21 ALA n 
1 22 LEU n 
1 23 ARG n 
1 24 GLU n 
1 25 LEU n 
1 26 LYS n 
1 27 LYS n 
1 28 SER n 
1 29 LEU n 
1 30 ASP n 
1 31 GLU n 
1 32 LEU n 
1 33 GLU n 
1 34 ARG n 
1 35 SER n 
1 36 LEU n 
1 37 GLU n 
1 38 GLU n 
1 39 LEU n 
1 40 GLU n 
1 41 LYS n 
1 42 ASN n 
1 43 PRO n 
1 44 SER n 
1 45 GLU n 
1 46 ASP n 
1 47 ALA n 
1 48 LEU n 
1 49 VAL n 
1 50 GLU n 
1 51 ASN n 
1 52 ASN n 
1 53 ARG n 
1 54 LEU n 
1 55 ASN n 
1 56 VAL n 
1 57 GLU n 
1 58 ASN n 
1 59 ASN n 
1 60 LYS n 
1 61 ILE n 
1 62 ILE n 
1 63 VAL n 
1 64 GLU n 
1 65 VAL n 
1 66 LEU n 
1 67 ARG n 
1 68 ILE n 
1 69 ILE n 
1 70 LEU n 
1 71 GLU n 
1 72 LEU n 
1 73 ALA n 
1 74 LYS n 
1 75 ALA n 
1 76 SER n 
1 77 ALA n 
1 78 LYS n 
1 79 LEU n 
1 80 ALA n 
# 
_entity_src_gen.entity_id                          1 
_entity_src_gen.pdbx_src_id                        1 
_entity_src_gen.pdbx_alt_source_flag               sample 
_entity_src_gen.pdbx_seq_type                      'Biological sequence' 
_entity_src_gen.pdbx_beg_seq_num                   1 
_entity_src_gen.pdbx_end_seq_num                   80 
_entity_src_gen.gene_src_common_name               ? 
_entity_src_gen.gene_src_genus                     ? 
_entity_src_gen.pdbx_gene_src_gene                 ? 
_entity_src_gen.gene_src_species                   ? 
_entity_src_gen.gene_src_strain                    ? 
_entity_src_gen.gene_src_tissue                    ? 
_entity_src_gen.gene_src_tissue_fraction           ? 
_entity_src_gen.gene_src_details                   ? 
_entity_src_gen.pdbx_gene_src_fragment             ? 
_entity_src_gen.pdbx_gene_src_scientific_name      'synthetic construct' 
_entity_src_gen.pdbx_gene_src_ncbi_taxonomy_id     32630 
_entity_src_gen.pdbx_gene_src_variant              ? 
_entity_src_gen.pdbx_gene_src_cell_line            ? 
_entity_src_gen.pdbx_gene_src_atcc                 ? 
_entity_src_gen.pdbx_gene_src_organ                ? 
_entity_src_gen.pdbx_gene_src_organelle            ? 
_entity_src_gen.pdbx_gene_src_cell                 ? 
_entity_src_gen.pdbx_gene_src_cellular_location    ? 
_entity_src_gen.host_org_common_name               ? 
_entity_src_gen.pdbx_host_org_scientific_name      'Escherichia coli BL21(DE3)' 
_entity_src_gen.pdbx_host_org_ncbi_taxonomy_id     469008 
_entity_src_gen.host_org_genus                     ? 
_entity_src_gen.pdbx_host_org_gene                 ? 
_entity_src_gen.pdbx_host_org_organ                ? 
_entity_src_gen.host_org_species                   ? 
_entity_src_gen.pdbx_host_org_tissue               ? 
_entity_src_gen.pdbx_host_org_tissue_fraction      ? 
_entity_src_gen.pdbx_host_org_strain               'BL21 Star(DE3)' 
_entity_src_gen.pdbx_host_org_variant              ? 
_entity_src_gen.pdbx_host_org_cell_line            ? 
_entity_src_gen.pdbx_host_org_atcc                 ? 
_entity_src_gen.pdbx_host_org_culture_collection   ? 
_entity_src_gen.pdbx_host_org_cell                 ? 
_entity_src_gen.pdbx_host_org_organelle            ? 
_entity_src_gen.pdbx_host_org_cellular_location    ? 
_entity_src_gen.pdbx_host_org_vector_type          plasmid 
_entity_src_gen.pdbx_host_org_vector               ? 
_entity_src_gen.host_org_details                   ? 
_entity_src_gen.expression_system_id               ? 
_entity_src_gen.plasmid_name                       'pET28b(+)' 
_entity_src_gen.plasmid_details                    ? 
_entity_src_gen.pdbx_description                   ? 
# 
loop_
_chem_comp.id 
_chem_comp.type 
_chem_comp.mon_nstd_flag 
_chem_comp.name 
_chem_comp.pdbx_synonyms 
_chem_comp.formula 
_chem_comp.formula_weight 
308 non-polymer         . '(3S,5S,7S)-tricyclo[3.3.1.1~3,7~]decan-1-amine' Amantadine 'C10 H17 N'      151.249 
ALA 'L-peptide linking' y ALANINE                                          ?          'C3 H7 N O2'     89.093  
ARG 'L-peptide linking' y ARGININE                                         ?          'C6 H15 N4 O2 1' 175.209 
ASN 'L-peptide linking' y ASPARAGINE                                       ?          'C4 H8 N2 O3'    132.118 
ASP 'L-peptide linking' y 'ASPARTIC ACID'                                  ?          'C4 H7 N O4'     133.103 
GLN 'L-peptide linking' y GLUTAMINE                                        ?          'C5 H10 N2 O3'   146.144 
GLU 'L-peptide linking' y 'GLUTAMIC ACID'                                  ?          'C5 H9 N O4'     147.129 
GLY 'peptide linking'   y GLYCINE                                          ?          'C2 H5 N O2'     75.067  
HIS 'L-peptide linking' y HISTIDINE                                        ?          'C6 H10 N3 O2 1' 156.162 
HOH non-polymer         . WATER                                            ?          'H2 O'           18.015  
ILE 'L-peptide linking' y ISOLEUCINE                                       ?          'C6 H13 N O2'    131.173 
LEU 'L-peptide linking' y LEUCINE                                          ?          'C6 H13 N O2'    131.173 
LYS 'L-peptide linking' y LYSINE                                           ?          'C6 H15 N2 O2 1' 147.195 
MET 'L-peptide linking' y METHIONINE                                       ?          'C5 H11 N O2 S'  149.211 
NA  non-polymer         . 'SODIUM ION'                                     ?          'Na 1'           22.990  
PRO 'L-peptide linking' y PROLINE                                          ?          'C5 H9 N O2'     115.130 
SER 'L-peptide linking' y SERINE                                           ?          'C3 H7 N O3'     105.093 
TYR 'L-peptide linking' y TYROSINE                                         ?          'C9 H11 N O3'    181.189 
VAL 'L-peptide linking' y VALINE                                           ?          'C5 H11 N O2'    117.146 
# 
loop_
_pdbx_poly_seq_scheme.asym_id 
_pdbx_poly_seq_scheme.entity_id 
_pdbx_poly_seq_scheme.seq_id 
_pdbx_poly_seq_scheme.mon_id 
_pdbx_poly_seq_scheme.ndb_seq_num 
_pdbx_poly_seq_scheme.pdb_seq_num 
_pdbx_poly_seq_scheme.auth_seq_num 
_pdbx_poly_seq_scheme.pdb_mon_id 
_pdbx_poly_seq_scheme.auth_mon_id 
_pdbx_poly_seq_scheme.pdb_strand_id 
_pdbx_poly_seq_scheme.pdb_ins_code 
_pdbx_poly_seq_scheme.hetero 
A 1 1  GLY 1  -4 ?  ?   ?   A . n 
A 1 2  SER 2  -3 ?  ?   ?   A . n 
A 1 3  HIS 3  -2 ?  ?   ?   A . n 
A 1 4  MET 4  -1 ?  ?   ?   A . n 
A 1 5  GLY 5  0  ?  ?   ?   A . n 
A 1 6  ASP 6  1  1  ASP ASP A . n 
A 1 7  ALA 7  2  2  ALA ALA A . n 
A 1 8  GLN 8  3  3  GLN GLN A . n 
A 1 9  ASP 9  4  4  ASP ASP A . n 
A 1 10 LYS 10 5  5  LYS LYS A . n 
A 1 11 LEU 11 6  6  LEU LEU A . n 
A 1 12 LYS 12 7  7  LYS LYS A . n 
A 1 13 TYR 13 8  8  TYR TYR A . n 
A 1 14 LEU 14 9  9  LEU LEU A . n 
A 1 15 VAL 15 10 10 VAL VAL A . n 
A 1 16 LYS 16 11 11 LYS LYS A . n 
A 1 17 GLN 17 12 12 GLN GLN A . n 
A 1 18 LEU 18 13 13 LEU LEU A . n 
A 1 19 GLU 19 14 14 GLU GLU A . n 
A 1 20 ARG 20 15 15 ARG ARG A . n 
A 1 21 ALA 21 16 16 ALA ALA A . n 
A 1 22 LEU 22 17 17 LEU LEU A . n 
A 1 23 ARG 23 18 18 ARG ARG A . n 
A 1 24 GLU 24 19 19 GLU GLU A . n 
A 1 25 LEU 25 20 20 LEU LEU A . n 
A 1 26 LYS 26 21 21 LYS LYS A . n 
A 1 27 LYS 27 22 22 LYS LYS A . n 
A 1 28 SER 28 23 23 SER SER A . n 
A 1 29 LEU 29 24 24 LEU LEU A . n 
A 1 30 ASP 30 25 25 ASP ASP A . n 
A 1 31 GLU 31 26 26 GLU GLU A . n 
A 1 32 LEU 32 27 27 LEU LEU A . n 
A 1 33 GLU 33 28 28 GLU GLU A . n 
A 1 34 ARG 34 29 29 ARG ARG A . n 
A 1 35 SER 35 30 30 SER SER A . n 
A 1 36 LEU 36 31 31 LEU LEU A . n 
A 1 37 GLU 37 32 32 GLU GLU A . n 
A 1 38 GLU 38 33 33 GLU GLU A . n 
A 1 39 LEU 39 34 34 LEU LEU A . n 
A 1 40 GLU 40 35 35 GLU GLU A . n 
A 1 41 LYS 41 36 36 LYS LYS A . n 
A 1 42 ASN 42 37 37 ASN ASN A . n 
A 1 43 PRO 43 38 38 PRO PRO A . n 
A 1 44 SER 44 39 39 SER SER A . n 
A 1 45 GLU 45 40 40 GLU GLU A . n 
A 1 46 ASP 46 41 41 ASP ASP A . n 
A 1 47 ALA 47 42 42 ALA ALA A . n 
A 1 48 LEU 48 43 43 LEU LEU A . n 
A 1 49 VAL 49 44 44 VAL VAL A . n 
A 1 50 GLU 50 45 45 GLU GLU A . n 
A 1 51 ASN 51 46 46 ASN ASN A . n 
A 1 52 ASN 52 47 47 ASN ASN A . n 
A 1 53 ARG 53 48 48 ARG ARG A . n 
A 1 54 LEU 54 49 49 LEU LEU A . n 
A 1 55 ASN 55 50 50 ASN ASN A . n 
A 1 56 VAL 56 51 51 VAL VAL A . n 
A 1 57 GLU 57 52 52 GLU GLU A . n 
A 1 58 ASN 58 53 53 ASN ASN A . n 
A 1 59 ASN 59 54 54 ASN ASN A . n 
A 1 60 LYS 60 55 55 LYS LYS A . n 
A 1 61 ILE 61 56 56 ILE ILE A . n 
A 1 62 ILE 62 57 57 ILE ILE A . n 
A 1 63 VAL 63 58 58 VAL VAL A . n 
A 1 64 GLU 64 59 59 GLU GLU A . n 
A 1 65 VAL 65 60 60 VAL VAL A . n 
A 1 66 LEU 66 61 61 LEU LEU A . n 
A 1 67 ARG 67 62 62 ARG ARG A . n 
A 1 68 ILE 68 63 63 ILE ILE A . n 
A 1 69 ILE 69 64 64 ILE ILE A . n 
A 1 70 LEU 70 65 65 LEU LEU A . n 
A 1 71 GLU 71 66 66 GLU GLU A . n 
A 1 72 LEU 72 67 67 LEU LEU A . n 
A 1 73 ALA 73 68 68 ALA ALA A . n 
A 1 74 LYS 74 69 69 LYS LYS A . n 
A 1 75 ALA 75 70 70 ALA ALA A . n 
A 1 76 SER 76 71 71 SER SER A . n 
A 1 77 ALA 77 72 72 ALA ALA A . n 
A 1 78 LYS 78 73 73 LYS LYS A . n 
A 1 79 LEU 79 74 74 LEU LEU A . n 
A 1 80 ALA 80 75 75 ALA ALA A . n 
# 
loop_
_pdbx_nonpoly_scheme.asym_id 
_pdbx_nonpoly_scheme.entity_id 
_pdbx_nonpoly_scheme.mon_id 
_pdbx_nonpoly_scheme.ndb_seq_num 
_pdbx_nonpoly_scheme.pdb_seq_num 
_pdbx_nonpoly_scheme.auth_seq_num 
_pdbx_nonpoly_scheme.pdb_mon_id 
_pdbx_nonpoly_scheme.auth_mon_id 
_pdbx_nonpoly_scheme.pdb_strand_id 
_pdbx_nonpoly_scheme.pdb_ins_code 
B 2 308 1   101 1   308 AMA A . 
C 3 NA  1   102 1   NA  NA  A . 
D 4 HOH 1   201 117 HOH HOH A . 
D 4 HOH 2   202 97  HOH HOH A . 
D 4 HOH 3   203 94  HOH HOH A . 
D 4 HOH 4   204 103 HOH HOH A . 
D 4 HOH 5   205 90  HOH HOH A . 
D 4 HOH 6   206 15  HOH HOH A . 
D 4 HOH 7   207 96  HOH HOH A . 
D 4 HOH 8   208 3   HOH HOH A . 
D 4 HOH 9   209 61  HOH HOH A . 
D 4 HOH 10  210 22  HOH HOH A . 
D 4 HOH 11  211 18  HOH HOH A . 
D 4 HOH 12  212 27  HOH HOH A . 
D 4 HOH 13  213 39  HOH HOH A . 
D 4 HOH 14  214 64  HOH HOH A . 
D 4 HOH 15  215 36  HOH HOH A . 
D 4 HOH 16  216 67  HOH HOH A . 
D 4 HOH 17  217 4   HOH HOH A . 
D 4 HOH 18  218 9   HOH HOH A . 
D 4 HOH 19  219 12  HOH HOH A . 
D 4 HOH 20  220 37  HOH HOH A . 
D 4 HOH 21  221 13  HOH HOH A . 
D 4 HOH 22  222 10  HOH HOH A . 
D 4 HOH 23  223 60  HOH HOH A . 
D 4 HOH 24  224 104 HOH HOH A . 
D 4 HOH 25  225 114 HOH HOH A . 
D 4 HOH 26  226 48  HOH HOH A . 
D 4 HOH 27  227 112 HOH HOH A . 
D 4 HOH 28  228 14  HOH HOH A . 
D 4 HOH 29  229 95  HOH HOH A . 
D 4 HOH 30  230 7   HOH HOH A . 
D 4 HOH 31  231 40  HOH HOH A . 
D 4 HOH 32  232 21  HOH HOH A . 
D 4 HOH 33  233 8   HOH HOH A . 
D 4 HOH 34  234 5   HOH HOH A . 
D 4 HOH 35  235 2   HOH HOH A . 
D 4 HOH 36  236 50  HOH HOH A . 
D 4 HOH 37  237 23  HOH HOH A . 
D 4 HOH 38  238 63  HOH HOH A . 
D 4 HOH 39  239 69  HOH HOH A . 
D 4 HOH 40  240 1   HOH HOH A . 
D 4 HOH 41  241 17  HOH HOH A . 
D 4 HOH 42  242 11  HOH HOH A . 
D 4 HOH 43  243 33  HOH HOH A . 
D 4 HOH 44  244 16  HOH HOH A . 
D 4 HOH 45  245 28  HOH HOH A . 
D 4 HOH 46  246 58  HOH HOH A . 
D 4 HOH 47  247 6   HOH HOH A . 
D 4 HOH 48  248 102 HOH HOH A . 
D 4 HOH 49  249 19  HOH HOH A . 
D 4 HOH 50  250 47  HOH HOH A . 
D 4 HOH 51  251 74  HOH HOH A . 
D 4 HOH 52  252 79  HOH HOH A . 
D 4 HOH 53  253 24  HOH HOH A . 
D 4 HOH 54  254 34  HOH HOH A . 
D 4 HOH 55  255 29  HOH HOH A . 
D 4 HOH 56  256 49  HOH HOH A . 
D 4 HOH 57  257 42  HOH HOH A . 
D 4 HOH 58  258 62  HOH HOH A . 
D 4 HOH 59  259 65  HOH HOH A . 
D 4 HOH 60  260 86  HOH HOH A . 
D 4 HOH 61  261 91  HOH HOH A . 
D 4 HOH 62  262 55  HOH HOH A . 
D 4 HOH 63  263 44  HOH HOH A . 
D 4 HOH 64  264 20  HOH HOH A . 
D 4 HOH 65  265 82  HOH HOH A . 
D 4 HOH 66  266 66  HOH HOH A . 
D 4 HOH 67  267 109 HOH HOH A . 
D 4 HOH 68  268 87  HOH HOH A . 
D 4 HOH 69  269 68  HOH HOH A . 
D 4 HOH 70  270 31  HOH HOH A . 
D 4 HOH 71  271 93  HOH HOH A . 
D 4 HOH 72  272 101 HOH HOH A . 
D 4 HOH 73  273 70  HOH HOH A . 
D 4 HOH 74  274 115 HOH HOH A . 
D 4 HOH 75  275 106 HOH HOH A . 
D 4 HOH 76  276 85  HOH HOH A . 
D 4 HOH 77  277 59  HOH HOH A . 
D 4 HOH 78  278 46  HOH HOH A . 
D 4 HOH 79  279 92  HOH HOH A . 
D 4 HOH 80  280 89  HOH HOH A . 
D 4 HOH 81  281 43  HOH HOH A . 
D 4 HOH 82  282 78  HOH HOH A . 
D 4 HOH 83  283 72  HOH HOH A . 
D 4 HOH 84  284 45  HOH HOH A . 
D 4 HOH 85  285 81  HOH HOH A . 
D 4 HOH 86  286 38  HOH HOH A . 
D 4 HOH 87  287 53  HOH HOH A . 
D 4 HOH 88  288 76  HOH HOH A . 
D 4 HOH 89  289 113 HOH HOH A . 
D 4 HOH 90  290 80  HOH HOH A . 
D 4 HOH 91  291 57  HOH HOH A . 
D 4 HOH 92  292 32  HOH HOH A . 
D 4 HOH 93  293 73  HOH HOH A . 
D 4 HOH 94  294 30  HOH HOH A . 
D 4 HOH 95  295 84  HOH HOH A . 
D 4 HOH 96  296 77  HOH HOH A . 
D 4 HOH 97  297 26  HOH HOH A . 
D 4 HOH 98  298 54  HOH HOH A . 
D 4 HOH 99  299 111 HOH HOH A . 
D 4 HOH 100 300 98  HOH HOH A . 
D 4 HOH 101 301 100 HOH HOH A . 
D 4 HOH 102 302 105 HOH HOH A . 
D 4 HOH 103 303 41  HOH HOH A . 
D 4 HOH 104 304 107 HOH HOH A . 
D 4 HOH 105 305 71  HOH HOH A . 
D 4 HOH 106 306 56  HOH HOH A . 
D 4 HOH 107 307 75  HOH HOH A . 
D 4 HOH 108 308 25  HOH HOH A . 
D 4 HOH 109 309 35  HOH HOH A . 
D 4 HOH 110 310 116 HOH HOH A . 
D 4 HOH 111 311 52  HOH HOH A . 
D 4 HOH 112 312 108 HOH HOH A . 
D 4 HOH 113 313 83  HOH HOH A . 
D 4 HOH 114 314 88  HOH HOH A . 
D 4 HOH 115 315 99  HOH HOH A . 
D 4 HOH 116 316 51  HOH HOH A . 
D 4 HOH 117 317 110 HOH HOH A . 
# 
loop_
_software.citation_id 
_software.classification 
_software.compiler_name 
_software.compiler_version 
_software.contact_author 
_software.contact_author_email 
_software.date 
_software.description 
_software.dependencies 
_software.hardware 
_software.language 
_software.location 
_software.mods 
_software.name 
_software.os 
_software.os_version 
_software.type 
_software.version 
_software.pdbx_ordinal 
? 'data reduction' ? ? ? ? ? ? ? ? ? ? ? HKL-3000 ? ? ? .        1 
? 'data scaling'   ? ? ? ? ? ? ? ? ? ? ? HKL-3000 ? ? ? .        2 
? refinement       ? ? ? ? ? ? ? ? ? ? ? PHENIX   ? ? ? dev_1616 3 
? phasing          ? ? ? ? ? ? ? ? ? ? ? PHASER   ? ? ? .        4 
# 
_cell.angle_alpha                  90.00 
_cell.angle_alpha_esd              ? 
_cell.angle_beta                   90.00 
_cell.angle_beta_esd               ? 
_cell.angle_gamma                  120.00 
_cell.angle_gamma_esd              ? 
_cell.entry_id                     6N9H 
_cell.details                      ? 
_cell.formula_units_Z              ? 
_cell.length_a                     49.986 
_cell.length_a_esd                 ? 
_cell.length_b                     49.986 
_cell.length_b_esd                 ? 
_cell.length_c                     67.339 
_cell.length_c_esd                 ? 
_cell.volume                       ? 
_cell.volume_esd                   ? 
_cell.Z_PDB                        6 
_cell.reciprocal_angle_alpha       ? 
_cell.reciprocal_angle_beta        ? 
_cell.reciprocal_angle_gamma       ? 
_cell.reciprocal_angle_alpha_esd   ? 
_cell.reciprocal_angle_beta_esd    ? 
_cell.reciprocal_angle_gamma_esd   ? 
_cell.reciprocal_length_a          ? 
_cell.reciprocal_length_b          ? 
_cell.reciprocal_length_c          ? 
_cell.reciprocal_length_a_esd      ? 
_cell.reciprocal_length_b_esd      ? 
_cell.reciprocal_length_c_esd      ? 
_cell.pdbx_unique_axis             ? 
# 
_symmetry.entry_id                         6N9H 
_symmetry.cell_setting                     ? 
_symmetry.Int_Tables_number                173 
_symmetry.space_group_name_Hall            ? 
_symmetry.space_group_name_H-M             'P 63' 
_symmetry.pdbx_full_space_group_name_H-M   ? 
# 
_exptl.absorpt_coefficient_mu     ? 
_exptl.absorpt_correction_T_max   ? 
_exptl.absorpt_correction_T_min   ? 
_exptl.absorpt_correction_type    ? 
_exptl.absorpt_process_details    ? 
_exptl.entry_id                   6N9H 
_exptl.crystals_number            1 
_exptl.details                    ? 
_exptl.method                     'X-RAY DIFFRACTION' 
_exptl.method_details             ? 
# 
_exptl_crystal.colour                      ? 
_exptl_crystal.density_diffrn              ? 
_exptl_crystal.density_Matthews            2.66 
_exptl_crystal.density_method              ? 
_exptl_crystal.density_percent_sol         53.77 
_exptl_crystal.description                 ? 
_exptl_crystal.F_000                       ? 
_exptl_crystal.id                          1 
_exptl_crystal.preparation                 ? 
_exptl_crystal.size_max                    ? 
_exptl_crystal.size_mid                    ? 
_exptl_crystal.size_min                    ? 
_exptl_crystal.size_rad                    ? 
_exptl_crystal.colour_lustre               ? 
_exptl_crystal.colour_modifier             ? 
_exptl_crystal.colour_primary              ? 
_exptl_crystal.density_meas                ? 
_exptl_crystal.density_meas_esd            ? 
_exptl_crystal.density_meas_gt             ? 
_exptl_crystal.density_meas_lt             ? 
_exptl_crystal.density_meas_temp           ? 
_exptl_crystal.density_meas_temp_esd       ? 
_exptl_crystal.density_meas_temp_gt        ? 
_exptl_crystal.density_meas_temp_lt        ? 
_exptl_crystal.pdbx_crystal_image_url      ? 
_exptl_crystal.pdbx_crystal_image_format   ? 
_exptl_crystal.pdbx_mosaicity              ? 
_exptl_crystal.pdbx_mosaicity_esd          ? 
# 
_exptl_crystal_grow.apparatus       ? 
_exptl_crystal_grow.atmosphere      ? 
_exptl_crystal_grow.crystal_id      1 
_exptl_crystal_grow.details         ? 
_exptl_crystal_grow.method          'VAPOR DIFFUSION, SITTING DROP' 
_exptl_crystal_grow.method_ref      ? 
_exptl_crystal_grow.pH              4.0 
_exptl_crystal_grow.pressure        ? 
_exptl_crystal_grow.pressure_esd    ? 
_exptl_crystal_grow.seeding         ? 
_exptl_crystal_grow.seeding_ref     ? 
_exptl_crystal_grow.temp            293.15 
_exptl_crystal_grow.temp_details    ? 
_exptl_crystal_grow.temp_esd        ? 
_exptl_crystal_grow.time            ? 
_exptl_crystal_grow.pdbx_details    '0.1 M citric acid, pH 4.0, 20% PEG6000' 
_exptl_crystal_grow.pdbx_pH_range   ? 
# 
_diffrn.ambient_environment              ? 
_diffrn.ambient_temp                     100 
_diffrn.ambient_temp_details             ? 
_diffrn.ambient_temp_esd                 ? 
_diffrn.crystal_id                       1 
_diffrn.crystal_support                  ? 
_diffrn.crystal_treatment                ? 
_diffrn.details                          ? 
_diffrn.id                               1 
_diffrn.ambient_pressure                 ? 
_diffrn.ambient_pressure_esd             ? 
_diffrn.ambient_pressure_gt              ? 
_diffrn.ambient_pressure_lt              ? 
_diffrn.ambient_temp_gt                  ? 
_diffrn.ambient_temp_lt                  ? 
_diffrn.pdbx_serial_crystal_experiment   N 
# 
_diffrn_detector.details                      ? 
_diffrn_detector.detector                     PIXEL 
_diffrn_detector.diffrn_id                    1 
_diffrn_detector.type                         'DECTRIS PILATUS3 6M' 
_diffrn_detector.area_resol_mean              ? 
_diffrn_detector.dtime                        ? 
_diffrn_detector.pdbx_frames_total            ? 
_diffrn_detector.pdbx_collection_time_total   ? 
_diffrn_detector.pdbx_collection_date         2017-02-11 
_diffrn_detector.pdbx_frequency               ? 
# 
_diffrn_radiation.collimation                      ? 
_diffrn_radiation.diffrn_id                        1 
_diffrn_radiation.filter_edge                      ? 
_diffrn_radiation.inhomogeneity                    ? 
_diffrn_radiation.monochromator                    'Rosenbaum-Rock double crystal Si(111)' 
_diffrn_radiation.polarisn_norm                    ? 
_diffrn_radiation.polarisn_ratio                   ? 
_diffrn_radiation.probe                            ? 
_diffrn_radiation.type                             ? 
_diffrn_radiation.xray_symbol                      ? 
_diffrn_radiation.wavelength_id                    1 
_diffrn_radiation.pdbx_monochromatic_or_laue_m_l   M 
_diffrn_radiation.pdbx_wavelength_list             ? 
_diffrn_radiation.pdbx_wavelength                  ? 
_diffrn_radiation.pdbx_diffrn_protocol             'SINGLE WAVELENGTH' 
_diffrn_radiation.pdbx_analyzer                    ? 
_diffrn_radiation.pdbx_scattering_type             x-ray 
# 
_diffrn_radiation_wavelength.id           1 
_diffrn_radiation_wavelength.wavelength   0.97926 
_diffrn_radiation_wavelength.wt           1.0 
# 
_diffrn_source.current                     ? 
_diffrn_source.details                     ? 
_diffrn_source.diffrn_id                   1 
_diffrn_source.power                       ? 
_diffrn_source.size                        ? 
_diffrn_source.source                      SYNCHROTRON 
_diffrn_source.target                      ? 
_diffrn_source.type                        'APS BEAMLINE 19-ID' 
_diffrn_source.voltage                     ? 
_diffrn_source.take-off_angle              ? 
_diffrn_source.pdbx_wavelength_list        0.97926 
_diffrn_source.pdbx_wavelength             ? 
_diffrn_source.pdbx_synchrotron_beamline   19-ID 
_diffrn_source.pdbx_synchrotron_site       APS 
# 
_reflns.B_iso_Wilson_estimate            ? 
_reflns.entry_id                         6N9H 
_reflns.data_reduction_details           ? 
_reflns.data_reduction_method            ? 
_reflns.d_resolution_high                1.039 
_reflns.d_resolution_low                 23.431 
_reflns.details                          ? 
_reflns.limit_h_max                      ? 
_reflns.limit_h_min                      ? 
_reflns.limit_k_max                      ? 
_reflns.limit_k_min                      ? 
_reflns.limit_l_max                      ? 
_reflns.limit_l_min                      ? 
_reflns.number_all                       ? 
_reflns.number_obs                       45841 
_reflns.observed_criterion               ? 
_reflns.observed_criterion_F_max         ? 
_reflns.observed_criterion_F_min         ? 
_reflns.observed_criterion_I_max         ? 
_reflns.observed_criterion_I_min         ? 
_reflns.observed_criterion_sigma_F       ? 
_reflns.observed_criterion_sigma_I       ? 
_reflns.percent_possible_obs             99.9 
_reflns.R_free_details                   ? 
_reflns.Rmerge_F_all                     ? 
_reflns.Rmerge_F_obs                     ? 
_reflns.Friedel_coverage                 ? 
_reflns.number_gt                        ? 
_reflns.threshold_expression             ? 
_reflns.pdbx_redundancy                  18.9 
_reflns.pdbx_Rmerge_I_obs                0.056 
_reflns.pdbx_Rmerge_I_all                ? 
_reflns.pdbx_Rsym_value                  ? 
_reflns.pdbx_netI_over_av_sigmaI         ? 
_reflns.pdbx_netI_over_sigmaI            62.1 
_reflns.pdbx_res_netI_over_av_sigmaI_2   ? 
_reflns.pdbx_res_netI_over_sigmaI_2      ? 
_reflns.pdbx_chi_squared                 ? 
_reflns.pdbx_scaling_rejects             ? 
_reflns.pdbx_d_res_high_opt              ? 
_reflns.pdbx_d_res_low_opt               ? 
_reflns.pdbx_d_res_opt_method            ? 
_reflns.phase_calculation_details        ? 
_reflns.pdbx_Rrim_I_all                  ? 
_reflns.pdbx_Rpim_I_all                  ? 
_reflns.pdbx_d_opt                       ? 
_reflns.pdbx_number_measured_all         ? 
_reflns.pdbx_diffrn_id                   1 
_reflns.pdbx_ordinal                     1 
_reflns.pdbx_CC_half                     ? 
_reflns.pdbx_R_split                     ? 
# 
_reflns_shell.d_res_high                  1.0392 
_reflns_shell.d_res_low                   1.0651 
_reflns_shell.meanI_over_sigI_all         ? 
_reflns_shell.meanI_over_sigI_obs         ? 
_reflns_shell.number_measured_all         ? 
_reflns_shell.number_measured_obs         ? 
_reflns_shell.number_possible             ? 
_reflns_shell.number_unique_all           ? 
_reflns_shell.number_unique_obs           2897 
_reflns_shell.percent_possible_all        ? 
_reflns_shell.percent_possible_obs        ? 
_reflns_shell.Rmerge_F_all                ? 
_reflns_shell.Rmerge_F_obs                ? 
_reflns_shell.Rmerge_I_all                ? 
_reflns_shell.Rmerge_I_obs                0.263 
_reflns_shell.meanI_over_sigI_gt          ? 
_reflns_shell.meanI_over_uI_all           ? 
_reflns_shell.meanI_over_uI_gt            ? 
_reflns_shell.number_measured_gt          ? 
_reflns_shell.number_unique_gt            ? 
_reflns_shell.percent_possible_gt         ? 
_reflns_shell.Rmerge_F_gt                 ? 
_reflns_shell.Rmerge_I_gt                 ? 
_reflns_shell.pdbx_redundancy             ? 
_reflns_shell.pdbx_Rsym_value             ? 
_reflns_shell.pdbx_chi_squared            ? 
_reflns_shell.pdbx_netI_over_sigmaI_all   ? 
_reflns_shell.pdbx_netI_over_sigmaI_obs   ? 
_reflns_shell.pdbx_Rrim_I_all             ? 
_reflns_shell.pdbx_Rpim_I_all             ? 
_reflns_shell.pdbx_rejects                ? 
_reflns_shell.pdbx_ordinal                1 
_reflns_shell.pdbx_diffrn_id              1 
_reflns_shell.pdbx_CC_half                ? 
_reflns_shell.pdbx_R_split                ? 
# 
_refine.aniso_B[1][1]                            ? 
_refine.aniso_B[1][2]                            ? 
_refine.aniso_B[1][3]                            ? 
_refine.aniso_B[2][2]                            ? 
_refine.aniso_B[2][3]                            ? 
_refine.aniso_B[3][3]                            ? 
_refine.B_iso_max                                ? 
_refine.B_iso_mean                               ? 
_refine.B_iso_min                                ? 
_refine.correlation_coeff_Fo_to_Fc               ? 
_refine.correlation_coeff_Fo_to_Fc_free          ? 
_refine.details                                  ? 
_refine.diff_density_max                         ? 
_refine.diff_density_max_esd                     ? 
_refine.diff_density_min                         ? 
_refine.diff_density_min_esd                     ? 
_refine.diff_density_rms                         ? 
_refine.diff_density_rms_esd                     ? 
_refine.entry_id                                 6N9H 
_refine.pdbx_refine_id                           'X-RAY DIFFRACTION' 
_refine.ls_abs_structure_details                 ? 
_refine.ls_abs_structure_Flack                   ? 
_refine.ls_abs_structure_Flack_esd               ? 
_refine.ls_abs_structure_Rogers                  ? 
_refine.ls_abs_structure_Rogers_esd              ? 
_refine.ls_d_res_high                            1.039 
_refine.ls_d_res_low                             23.431 
_refine.ls_extinction_coef                       ? 
_refine.ls_extinction_coef_esd                   ? 
_refine.ls_extinction_expression                 ? 
_refine.ls_extinction_method                     ? 
_refine.ls_goodness_of_fit_all                   ? 
_refine.ls_goodness_of_fit_all_esd               ? 
_refine.ls_goodness_of_fit_obs                   ? 
_refine.ls_goodness_of_fit_obs_esd               ? 
_refine.ls_hydrogen_treatment                    ? 
_refine.ls_matrix_type                           ? 
_refine.ls_number_constraints                    ? 
_refine.ls_number_parameters                     ? 
_refine.ls_number_reflns_all                     ? 
_refine.ls_number_reflns_obs                     42644 
_refine.ls_number_reflns_R_free                  1993 
_refine.ls_number_reflns_R_work                  ? 
_refine.ls_number_restraints                     ? 
_refine.ls_percent_reflns_obs                    92.98 
_refine.ls_percent_reflns_R_free                 4.67 
_refine.ls_R_factor_all                          ? 
_refine.ls_R_factor_obs                          0.1972 
_refine.ls_R_factor_R_free                       0.2139 
_refine.ls_R_factor_R_free_error                 ? 
_refine.ls_R_factor_R_free_error_details         ? 
_refine.ls_R_factor_R_work                       0.1964 
_refine.ls_R_Fsqd_factor_obs                     ? 
_refine.ls_R_I_factor_obs                        ? 
_refine.ls_redundancy_reflns_all                 ? 
_refine.ls_redundancy_reflns_obs                 ? 
_refine.ls_restrained_S_all                      ? 
_refine.ls_restrained_S_obs                      ? 
_refine.ls_shift_over_esd_max                    ? 
_refine.ls_shift_over_esd_mean                   ? 
_refine.ls_structure_factor_coef                 ? 
_refine.ls_weighting_details                     ? 
_refine.ls_weighting_scheme                      ? 
_refine.ls_wR_factor_all                         ? 
_refine.ls_wR_factor_obs                         ? 
_refine.ls_wR_factor_R_free                      ? 
_refine.ls_wR_factor_R_work                      ? 
_refine.occupancy_max                            ? 
_refine.occupancy_min                            ? 
_refine.solvent_model_details                    ? 
_refine.solvent_model_param_bsol                 ? 
_refine.solvent_model_param_ksol                 ? 
_refine.ls_R_factor_gt                           ? 
_refine.ls_goodness_of_fit_gt                    ? 
_refine.ls_goodness_of_fit_ref                   ? 
_refine.ls_shift_over_su_max                     ? 
_refine.ls_shift_over_su_max_lt                  ? 
_refine.ls_shift_over_su_mean                    ? 
_refine.ls_shift_over_su_mean_lt                 ? 
_refine.pdbx_ls_sigma_I                          ? 
_refine.pdbx_ls_sigma_F                          0.00 
_refine.pdbx_ls_sigma_Fsqd                       ? 
_refine.pdbx_data_cutoff_high_absF               ? 
_refine.pdbx_data_cutoff_high_rms_absF           ? 
_refine.pdbx_data_cutoff_low_absF                ? 
_refine.pdbx_isotropic_thermal_model             ? 
_refine.pdbx_ls_cross_valid_method               'FREE R-VALUE' 
_refine.pdbx_method_to_determine_struct          'MOLECULAR REPLACEMENT' 
_refine.pdbx_starting_model                      'De novo design model ABP' 
_refine.pdbx_stereochemistry_target_values       ? 
_refine.pdbx_R_Free_selection_details            ? 
_refine.pdbx_stereochem_target_val_spec_case     ? 
_refine.pdbx_overall_ESU_R                       ? 
_refine.pdbx_overall_ESU_R_Free                  ? 
_refine.pdbx_solvent_vdw_probe_radii             1.11 
_refine.pdbx_solvent_ion_probe_radii             ? 
_refine.pdbx_solvent_shrinkage_radii             0.90 
_refine.pdbx_real_space_R                        ? 
_refine.pdbx_density_correlation                 ? 
_refine.pdbx_pd_number_of_powder_patterns        ? 
_refine.pdbx_pd_number_of_points                 ? 
_refine.pdbx_pd_meas_number_of_points            ? 
_refine.pdbx_pd_proc_ls_prof_R_factor            ? 
_refine.pdbx_pd_proc_ls_prof_wR_factor           ? 
_refine.pdbx_pd_Marquardt_correlation_coeff      ? 
_refine.pdbx_pd_Fsqrd_R_factor                   ? 
_refine.pdbx_pd_ls_matrix_band_width             ? 
_refine.pdbx_overall_phase_error                 21.97 
_refine.pdbx_overall_SU_R_free_Cruickshank_DPI   ? 
_refine.pdbx_overall_SU_R_free_Blow_DPI          ? 
_refine.pdbx_overall_SU_R_Blow_DPI               ? 
_refine.pdbx_TLS_residual_ADP_flag               ? 
_refine.pdbx_diffrn_id                           1 
_refine.overall_SU_B                             ? 
_refine.overall_SU_ML                            0.07 
_refine.overall_SU_R_Cruickshank_DPI             ? 
_refine.overall_SU_R_free                        ? 
_refine.overall_FOM_free_R_set                   ? 
_refine.overall_FOM_work_R_set                   ? 
_refine.pdbx_average_fsc_overall                 ? 
_refine.pdbx_average_fsc_work                    ? 
_refine.pdbx_average_fsc_free                    ? 
# 
_refine_hist.pdbx_refine_id                   'X-RAY DIFFRACTION' 
_refine_hist.cycle_id                         LAST 
_refine_hist.pdbx_number_atoms_protein        607 
_refine_hist.pdbx_number_atoms_nucleic_acid   0 
_refine_hist.pdbx_number_atoms_ligand         12 
_refine_hist.number_atoms_solvent             117 
_refine_hist.number_atoms_total               736 
_refine_hist.d_res_high                       1.039 
_refine_hist.d_res_low                        23.431 
# 
loop_
_refine_ls_restr.pdbx_refine_id 
_refine_ls_restr.criterion 
_refine_ls_restr.dev_ideal 
_refine_ls_restr.dev_ideal_target 
_refine_ls_restr.number 
_refine_ls_restr.rejects 
_refine_ls_restr.type 
_refine_ls_restr.weight 
_refine_ls_restr.pdbx_restraint_function 
'X-RAY DIFFRACTION' ? 0.014  ? 625 ? f_bond_d           ? ? 
'X-RAY DIFFRACTION' ? 1.371  ? 842 ? f_angle_d          ? ? 
'X-RAY DIFFRACTION' ? 12.851 ? 253 ? f_dihedral_angle_d ? ? 
'X-RAY DIFFRACTION' ? 0.075  ? 104 ? f_chiral_restr     ? ? 
'X-RAY DIFFRACTION' ? 0.007  ? 106 ? f_plane_restr      ? ? 
# 
loop_
_refine_ls_shell.pdbx_refine_id 
_refine_ls_shell.d_res_high 
_refine_ls_shell.d_res_low 
_refine_ls_shell.number_reflns_all 
_refine_ls_shell.number_reflns_obs 
_refine_ls_shell.number_reflns_R_free 
_refine_ls_shell.number_reflns_R_work 
_refine_ls_shell.percent_reflns_obs 
_refine_ls_shell.percent_reflns_R_free 
_refine_ls_shell.R_factor_all 
_refine_ls_shell.R_factor_obs 
_refine_ls_shell.R_factor_R_free 
_refine_ls_shell.R_factor_R_free_error 
_refine_ls_shell.R_factor_R_work 
_refine_ls_shell.redundancy_reflns_all 
_refine_ls_shell.redundancy_reflns_obs 
_refine_ls_shell.wR_factor_all 
_refine_ls_shell.wR_factor_obs 
_refine_ls_shell.wR_factor_R_free 
_refine_ls_shell.wR_factor_R_work 
_refine_ls_shell.pdbx_total_number_of_bins_used 
_refine_ls_shell.pdbx_phase_error 
_refine_ls_shell.pdbx_fsc_work 
_refine_ls_shell.pdbx_fsc_free 
'X-RAY DIFFRACTION' 1.0392 1.0651  . . 85  1818 58.00  . . . 0.2211 . 0.2327 . . . . . . . . . . 
'X-RAY DIFFRACTION' 1.0651 1.0939  . . 101 2146 69.00  . . . 0.2059 . 0.2099 . . . . . . . . . . 
'X-RAY DIFFRACTION' 1.0939 1.1261  . . 134 2605 84.00  . . . 0.1932 . 0.1937 . . . . . . . . . . 
'X-RAY DIFFRACTION' 1.1261 1.1625  . . 141 2932 94.00  . . . 0.2048 . 0.1979 . . . . . . . . . . 
'X-RAY DIFFRACTION' 1.1625 1.2040  . . 150 3050 98.00  . . . 0.2095 . 0.1987 . . . . . . . . . . 
'X-RAY DIFFRACTION' 1.2040 1.2522  . . 147 3086 99.00  . . . 0.2071 . 0.2012 . . . . . . . . . . 
'X-RAY DIFFRACTION' 1.2522 1.3092  . . 156 3111 100.00 . . . 0.1881 . 0.2022 . . . . . . . . . . 
'X-RAY DIFFRACTION' 1.3092 1.3782  . . 151 3105 100.00 . . . 0.2205 . 0.2030 . . . . . . . . . . 
'X-RAY DIFFRACTION' 1.3782 1.4646  . . 152 3125 100.00 . . . 0.2341 . 0.1993 . . . . . . . . . . 
'X-RAY DIFFRACTION' 1.4646 1.5776  . . 154 3120 100.00 . . . 0.2169 . 0.1900 . . . . . . . . . . 
'X-RAY DIFFRACTION' 1.5776 1.7364  . . 151 3126 100.00 . . . 0.1985 . 0.1986 . . . . . . . . . . 
'X-RAY DIFFRACTION' 1.7364 1.9875  . . 155 3126 100.00 . . . 0.2207 . 0.2065 . . . . . . . . . . 
'X-RAY DIFFRACTION' 1.9875 2.5036  . . 154 3141 100.00 . . . 0.2067 . 0.1908 . . . . . . . . . . 
'X-RAY DIFFRACTION' 2.5036 23.4371 . . 162 3160 100.00 . . . 0.2189 . 0.1950 . . . . . . . . . . 
# 
_struct.entry_id                     6N9H 
_struct.title                        'De novo designed homo-trimeric amantadine-binding protein' 
_struct.pdbx_model_details           ? 
_struct.pdbx_formula_weight          ? 
_struct.pdbx_formula_weight_method   ? 
_struct.pdbx_model_type_details      ? 
_struct.pdbx_CASP_flag               N 
# 
_struct_keywords.entry_id        6N9H 
_struct_keywords.text            'helical bundle, trimer, amantadine-binding protein, DE NOVO PROTEIN' 
_struct_keywords.pdbx_keywords   'DE NOVO PROTEIN' 
# 
loop_
_struct_asym.id 
_struct_asym.pdbx_blank_PDB_chainid_flag 
_struct_asym.pdbx_modified 
_struct_asym.entity_id 
_struct_asym.details 
A N N 1 ? 
B N N 2 ? 
C N N 3 ? 
D N N 4 ? 
# 
_struct_ref.id                         1 
_struct_ref.db_name                    PDB 
_struct_ref.db_code                    6N9H 
_struct_ref.pdbx_db_accession          6N9H 
_struct_ref.pdbx_db_isoform            ? 
_struct_ref.entity_id                  1 
_struct_ref.pdbx_seq_one_letter_code   ? 
_struct_ref.pdbx_align_begin           1 
# 
_struct_ref_seq.align_id                      1 
_struct_ref_seq.ref_id                        1 
_struct_ref_seq.pdbx_PDB_id_code              6N9H 
_struct_ref_seq.pdbx_strand_id                A 
_struct_ref_seq.seq_align_beg                 1 
_struct_ref_seq.pdbx_seq_align_beg_ins_code   ? 
_struct_ref_seq.seq_align_end                 80 
_struct_ref_seq.pdbx_seq_align_end_ins_code   ? 
_struct_ref_seq.pdbx_db_accession             6N9H 
_struct_ref_seq.db_align_beg                  -4 
_struct_ref_seq.pdbx_db_align_beg_ins_code    ? 
_struct_ref_seq.db_align_end                  75 
_struct_ref_seq.pdbx_db_align_end_ins_code    ? 
_struct_ref_seq.pdbx_auth_seq_align_beg       -4 
_struct_ref_seq.pdbx_auth_seq_align_end       75 
# 
_pdbx_struct_assembly.id                   1 
_pdbx_struct_assembly.details              author_and_software_defined_assembly 
_pdbx_struct_assembly.method_details       PISA 
_pdbx_struct_assembly.oligomeric_details   trimeric 
_pdbx_struct_assembly.oligomeric_count     3 
# 
loop_
_pdbx_struct_assembly_prop.biol_id 
_pdbx_struct_assembly_prop.type 
_pdbx_struct_assembly_prop.value 
_pdbx_struct_assembly_prop.details 
1 'ABSA (A^2)' 6430  ? 
1 MORE         -68   ? 
1 'SSA (A^2)'  11880 ? 
# 
_pdbx_struct_assembly_gen.assembly_id       1 
_pdbx_struct_assembly_gen.oper_expression   1,2,3 
_pdbx_struct_assembly_gen.asym_id_list      A,B,C,D 
# 
_pdbx_struct_assembly_auth_evidence.id                     1 
_pdbx_struct_assembly_auth_evidence.assembly_id            1 
_pdbx_struct_assembly_auth_evidence.experimental_support   'gel filtration' 
_pdbx_struct_assembly_auth_evidence.details                ? 
# 
loop_
_pdbx_struct_oper_list.id 
_pdbx_struct_oper_list.type 
_pdbx_struct_oper_list.name 
_pdbx_struct_oper_list.symmetry_operation 
_pdbx_struct_oper_list.matrix[1][1] 
_pdbx_struct_oper_list.matrix[1][2] 
_pdbx_struct_oper_list.matrix[1][3] 
_pdbx_struct_oper_list.vector[1] 
_pdbx_struct_oper_list.matrix[2][1] 
_pdbx_struct_oper_list.matrix[2][2] 
_pdbx_struct_oper_list.matrix[2][3] 
_pdbx_struct_oper_list.vector[2] 
_pdbx_struct_oper_list.matrix[3][1] 
_pdbx_struct_oper_list.matrix[3][2] 
_pdbx_struct_oper_list.matrix[3][3] 
_pdbx_struct_oper_list.vector[3] 
1 'identity operation'         1_555 x,y,z       1.0000000000  0.0000000000  0.0000000000  0.0000000000   0.0000000000  1.0000000000  0.0000000000  0.0000000000  0.0000000000  0.0000000000  1.0000000000 0.0000000000  
2 'crystal symmetry operation' 2_545 -y,x-y-1,z  -0.1748325889 0.9811730349  -0.0820551128 -11.1843586644 -0.2880785183 -0.1306671636 -0.9486500196 2.6589832103  -0.9415117276 -0.1422166236 0.3054997526 -5.3056146465 
3 'crystal symmetry operation' 3_655 -x+y+1,-x,z -0.1748325889 -0.2880785183 -0.9415117276 -6.1846928492  0.9811730349  -0.1306671636 -0.1422166236 10.5666863260 -0.0820551128 -0.9486500196 0.3054997526 3.2255746245 
# 
loop_
_struct_conf.conf_type_id 
_struct_conf.id 
_struct_conf.pdbx_PDB_helix_id 
_struct_conf.beg_label_comp_id 
_struct_conf.beg_label_asym_id 
_struct_conf.beg_label_seq_id 
_struct_conf.pdbx_beg_PDB_ins_code 
_struct_conf.end_label_comp_id 
_struct_conf.end_label_asym_id 
_struct_conf.end_label_seq_id 
_struct_conf.pdbx_end_PDB_ins_code 
_struct_conf.beg_auth_comp_id 
_struct_conf.beg_auth_asym_id 
_struct_conf.beg_auth_seq_id 
_struct_conf.end_auth_comp_id 
_struct_conf.end_auth_asym_id 
_struct_conf.end_auth_seq_id 
_struct_conf.pdbx_PDB_helix_class 
_struct_conf.details 
_struct_conf.pdbx_PDB_helix_length 
HELX_P HELX_P1 AA1 ASP A 6  ? ASN A 42 ? ASP A 1  ASN A 37 1 ? 37 
HELX_P HELX_P2 AA2 SER A 44 ? ALA A 80 ? SER A 39 ALA A 75 1 ? 37 
# 
_struct_conf_type.id          HELX_P 
_struct_conf_type.criteria    ? 
_struct_conf_type.reference   ? 
# 
loop_
_struct_conn.id 
_struct_conn.conn_type_id 
_struct_conn.pdbx_leaving_atom_flag 
_struct_conn.pdbx_PDB_id 
_struct_conn.ptnr1_label_asym_id 
_struct_conn.ptnr1_label_comp_id 
_struct_conn.ptnr1_label_seq_id 
_struct_conn.ptnr1_label_atom_id 
_struct_conn.pdbx_ptnr1_label_alt_id 
_struct_conn.pdbx_ptnr1_PDB_ins_code 
_struct_conn.pdbx_ptnr1_standard_comp_id 
_struct_conn.ptnr1_symmetry 
_struct_conn.ptnr2_label_asym_id 
_struct_conn.ptnr2_label_comp_id 
_struct_conn.ptnr2_label_seq_id 
_struct_conn.ptnr2_label_atom_id 
_struct_conn.pdbx_ptnr2_label_alt_id 
_struct_conn.pdbx_ptnr2_PDB_ins_code 
_struct_conn.ptnr1_auth_asym_id 
_struct_conn.ptnr1_auth_comp_id 
_struct_conn.ptnr1_auth_seq_id 
_struct_conn.ptnr2_auth_asym_id 
_struct_conn.ptnr2_auth_comp_id 
_struct_conn.ptnr2_auth_seq_id 
_struct_conn.ptnr2_symmetry 
_struct_conn.pdbx_ptnr3_label_atom_id 
_struct_conn.pdbx_ptnr3_label_seq_id 
_struct_conn.pdbx_ptnr3_label_comp_id 
_struct_conn.pdbx_ptnr3_label_asym_id 
_struct_conn.pdbx_ptnr3_label_alt_id 
_struct_conn.pdbx_ptnr3_PDB_ins_code 
_struct_conn.details 
_struct_conn.pdbx_dist_value 
_struct_conn.pdbx_value_order 
_struct_conn.pdbx_role 
metalc1 metalc ? ? A ASN 52 OD1 ? ? ? 1_555 C NA  . NA ? ? A ASN 47  A NA  102 1_555 ? ? ? ? ? ? ? 2.504 ? ? 
metalc2 metalc ? ? A ASN 52 OD1 ? ? ? 1_555 C NA  . NA ? ? A ASN 47  A NA  102 3_655 ? ? ? ? ? ? ? 2.489 ? ? 
metalc3 metalc ? ? C NA  .  NA  ? ? ? 1_555 D HOH . O  ? ? A NA  102 A HOH 240 1_555 ? ? ? ? ? ? ? 2.379 ? ? 
metalc4 metalc ? ? C NA  .  NA  ? ? ? 1_555 D HOH . O  ? ? A NA  102 A HOH 240 2_545 ? ? ? ? ? ? ? 2.354 ? ? 
# 
_struct_conn_type.id          metalc 
_struct_conn_type.criteria    ? 
_struct_conn_type.reference   ? 
# 
loop_
_pdbx_struct_conn_angle.id 
_pdbx_struct_conn_angle.ptnr1_label_atom_id 
_pdbx_struct_conn_angle.ptnr1_label_alt_id 
_pdbx_struct_conn_angle.ptnr1_label_asym_id 
_pdbx_struct_conn_angle.ptnr1_label_comp_id 
_pdbx_struct_conn_angle.ptnr1_label_seq_id 
_pdbx_struct_conn_angle.ptnr1_auth_atom_id 
_pdbx_struct_conn_angle.ptnr1_auth_asym_id 
_pdbx_struct_conn_angle.ptnr1_auth_comp_id 
_pdbx_struct_conn_angle.ptnr1_auth_seq_id 
_pdbx_struct_conn_angle.ptnr1_PDB_ins_code 
_pdbx_struct_conn_angle.ptnr1_symmetry 
_pdbx_struct_conn_angle.ptnr2_label_atom_id 
_pdbx_struct_conn_angle.ptnr2_label_alt_id 
_pdbx_struct_conn_angle.ptnr2_label_asym_id 
_pdbx_struct_conn_angle.ptnr2_label_comp_id 
_pdbx_struct_conn_angle.ptnr2_label_seq_id 
_pdbx_struct_conn_angle.ptnr2_auth_atom_id 
_pdbx_struct_conn_angle.ptnr2_auth_asym_id 
_pdbx_struct_conn_angle.ptnr2_auth_comp_id 
_pdbx_struct_conn_angle.ptnr2_auth_seq_id 
_pdbx_struct_conn_angle.ptnr2_PDB_ins_code 
_pdbx_struct_conn_angle.ptnr2_symmetry 
_pdbx_struct_conn_angle.ptnr3_label_atom_id 
_pdbx_struct_conn_angle.ptnr3_label_alt_id 
_pdbx_struct_conn_angle.ptnr3_label_asym_id 
_pdbx_struct_conn_angle.ptnr3_label_comp_id 
_pdbx_struct_conn_angle.ptnr3_label_seq_id 
_pdbx_struct_conn_angle.ptnr3_auth_atom_id 
_pdbx_struct_conn_angle.ptnr3_auth_asym_id 
_pdbx_struct_conn_angle.ptnr3_auth_comp_id 
_pdbx_struct_conn_angle.ptnr3_auth_seq_id 
_pdbx_struct_conn_angle.ptnr3_PDB_ins_code 
_pdbx_struct_conn_angle.ptnr3_symmetry 
_pdbx_struct_conn_angle.value 
_pdbx_struct_conn_angle.value_esd 
1 OD1 ? A ASN 52 ? A ASN 47  ? 1_555 NA ? C NA . ? A NA 102 ? 1_555 OD1 ? A ASN 52 ? A ASN 47  ? 1_555 0.0   ? 
2 OD1 ? A ASN 52 ? A ASN 47  ? 1_555 NA ? C NA . ? A NA 102 ? 1_555 O   ? D HOH .  ? A HOH 240 ? 1_555 88.6  ? 
3 OD1 ? A ASN 52 ? A ASN 47  ? 1_555 NA ? C NA . ? A NA 102 ? 1_555 O   ? D HOH .  ? A HOH 240 ? 1_555 88.6  ? 
4 OD1 ? A ASN 52 ? A ASN 47  ? 1_555 NA ? C NA . ? A NA 102 ? 1_555 O   ? D HOH .  ? A HOH 240 ? 2_545 85.6  ? 
5 OD1 ? A ASN 52 ? A ASN 47  ? 1_555 NA ? C NA . ? A NA 102 ? 1_555 O   ? D HOH .  ? A HOH 240 ? 2_545 85.6  ? 
6 O   ? D HOH .  ? A HOH 240 ? 1_555 NA ? C NA . ? A NA 102 ? 1_555 O   ? D HOH .  ? A HOH 240 ? 2_545 100.0 ? 
# 
loop_
_struct_site.id 
_struct_site.pdbx_evidence_code 
_struct_site.pdbx_auth_asym_id 
_struct_site.pdbx_auth_comp_id 
_struct_site.pdbx_auth_seq_id 
_struct_site.pdbx_auth_ins_code 
_struct_site.pdbx_num_residues 
_struct_site.details 
AC1 Software A 308 101 ? 3 'binding site for residue 308 A 101' 
AC2 Software A NA  102 ? 6 'binding site for residue NA A 102'  
# 
loop_
_struct_site_gen.id 
_struct_site_gen.site_id 
_struct_site_gen.pdbx_num_res 
_struct_site_gen.label_comp_id 
_struct_site_gen.label_asym_id 
_struct_site_gen.label_seq_id 
_struct_site_gen.pdbx_auth_ins_code 
_struct_site_gen.auth_comp_id 
_struct_site_gen.auth_asym_id 
_struct_site_gen.auth_seq_id 
_struct_site_gen.label_atom_id 
_struct_site_gen.label_alt_id 
_struct_site_gen.symmetry 
_struct_site_gen.details 
1 AC1 3 HOH D .  ? HOH A 218 . ? 1_555 ? 
2 AC1 3 HOH D .  ? HOH A 218 . ? 2_545 ? 
3 AC1 3 HOH D .  ? HOH A 218 . ? 3_655 ? 
4 AC2 6 ASN A 52 ? ASN A 47  . ? 1_555 ? 
5 AC2 6 ASN A 52 ? ASN A 47  . ? 2_545 ? 
6 AC2 6 ASN A 52 ? ASN A 47  . ? 3_655 ? 
7 AC2 6 HOH D .  ? HOH A 240 . ? 3_655 ? 
8 AC2 6 HOH D .  ? HOH A 240 . ? 2_545 ? 
9 AC2 6 HOH D .  ? HOH A 240 . ? 1_555 ? 
# 
loop_
_pdbx_struct_special_symmetry.id 
_pdbx_struct_special_symmetry.PDB_model_num 
_pdbx_struct_special_symmetry.auth_asym_id 
_pdbx_struct_special_symmetry.auth_comp_id 
_pdbx_struct_special_symmetry.auth_seq_id 
_pdbx_struct_special_symmetry.PDB_ins_code 
_pdbx_struct_special_symmetry.label_asym_id 
_pdbx_struct_special_symmetry.label_comp_id 
_pdbx_struct_special_symmetry.label_seq_id 
1 1 A 308 101 ? B 308 . 
2 1 A 308 101 ? B 308 . 
3 1 A NA  102 ? C NA  . 
4 1 A HOH 310 ? D HOH . 
# 
_pdbx_entry_details.compound_details         ? 
_pdbx_entry_details.entry_id                 6N9H 
_pdbx_entry_details.has_ligand_of_interest   ? 
_pdbx_entry_details.nonpolymer_details       'Structure contains cationic amantadinium (ligand 308).' 
_pdbx_entry_details.sequence_details         ? 
_pdbx_entry_details.source_details           ? 
# 
_pdbx_distant_solvent_atoms.id                                1 
_pdbx_distant_solvent_atoms.PDB_model_num                     1 
_pdbx_distant_solvent_atoms.auth_atom_id                      O 
_pdbx_distant_solvent_atoms.label_alt_id                      ? 
_pdbx_distant_solvent_atoms.auth_asym_id                      A 
_pdbx_distant_solvent_atoms.auth_comp_id                      HOH 
_pdbx_distant_solvent_atoms.auth_seq_id                       317 
_pdbx_distant_solvent_atoms.PDB_ins_code                      ? 
_pdbx_distant_solvent_atoms.neighbor_macromolecule_distance   6.28 
_pdbx_distant_solvent_atoms.neighbor_ligand_distance          . 
# 
loop_
_pdbx_unobs_or_zero_occ_residues.id 
_pdbx_unobs_or_zero_occ_residues.PDB_model_num 
_pdbx_unobs_or_zero_occ_residues.polymer_flag 
_pdbx_unobs_or_zero_occ_residues.occupancy_flag 
_pdbx_unobs_or_zero_occ_residues.auth_asym_id 
_pdbx_unobs_or_zero_occ_residues.auth_comp_id 
_pdbx_unobs_or_zero_occ_residues.auth_seq_id 
_pdbx_unobs_or_zero_occ_residues.PDB_ins_code 
_pdbx_unobs_or_zero_occ_residues.label_asym_id 
_pdbx_unobs_or_zero_occ_residues.label_comp_id 
_pdbx_unobs_or_zero_occ_residues.label_seq_id 
1 1 Y 1 A GLY -4 ? A GLY 1 
2 1 Y 1 A SER -3 ? A SER 2 
3 1 Y 1 A HIS -2 ? A HIS 3 
4 1 Y 1 A MET -1 ? A MET 4 
5 1 Y 1 A GLY 0  ? A GLY 5 
# 
loop_
_chem_comp_atom.comp_id 
_chem_comp_atom.atom_id 
_chem_comp_atom.type_symbol 
_chem_comp_atom.pdbx_aromatic_flag 
_chem_comp_atom.pdbx_stereo_config 
_chem_comp_atom.pdbx_ordinal 
308 N1   N  N N 1   
308 C10  C  N N 2   
308 C7   C  N N 3   
308 C1   C  N N 4   
308 C8   C  N N 5   
308 C5   C  N N 6   
308 C6   C  N N 7   
308 C4   C  N N 8   
308 C9   C  N N 9   
308 C3   C  N N 10  
308 C2   C  N N 11  
308 HN1  H  N N 12  
308 HN1A H  N N 13  
308 H7   H  N N 14  
308 H7A  H  N N 15  
308 H1   H  N N 16  
308 H8   H  N N 17  
308 H8A  H  N N 18  
308 H5   H  N N 19  
308 H6   H  N N 20  
308 H6A  H  N N 21  
308 H4   H  N N 22  
308 H4A  H  N N 23  
308 H9   H  N N 24  
308 H9A  H  N N 25  
308 H3   H  N N 26  
308 H2   H  N N 27  
308 H2A  H  N N 28  
ALA N    N  N N 29  
ALA CA   C  N S 30  
ALA C    C  N N 31  
ALA O    O  N N 32  
ALA CB   C  N N 33  
ALA OXT  O  N N 34  
ALA H    H  N N 35  
ALA H2   H  N N 36  
ALA HA   H  N N 37  
ALA HB1  H  N N 38  
ALA HB2  H  N N 39  
ALA HB3  H  N N 40  
ALA HXT  H  N N 41  
ARG N    N  N N 42  
ARG CA   C  N S 43  
ARG C    C  N N 44  
ARG O    O  N N 45  
ARG CB   C  N N 46  
ARG CG   C  N N 47  
ARG CD   C  N N 48  
ARG NE   N  N N 49  
ARG CZ   C  N N 50  
ARG NH1  N  N N 51  
ARG NH2  N  N N 52  
ARG OXT  O  N N 53  
ARG H    H  N N 54  
ARG H2   H  N N 55  
ARG HA   H  N N 56  
ARG HB2  H  N N 57  
ARG HB3  H  N N 58  
ARG HG2  H  N N 59  
ARG HG3  H  N N 60  
ARG HD2  H  N N 61  
ARG HD3  H  N N 62  
ARG HE   H  N N 63  
ARG HH11 H  N N 64  
ARG HH12 H  N N 65  
ARG HH21 H  N N 66  
ARG HH22 H  N N 67  
ARG HXT  H  N N 68  
ASN N    N  N N 69  
ASN CA   C  N S 70  
ASN C    C  N N 71  
ASN O    O  N N 72  
ASN CB   C  N N 73  
ASN CG   C  N N 74  
ASN OD1  O  N N 75  
ASN ND2  N  N N 76  
ASN OXT  O  N N 77  
ASN H    H  N N 78  
ASN H2   H  N N 79  
ASN HA   H  N N 80  
ASN HB2  H  N N 81  
ASN HB3  H  N N 82  
ASN HD21 H  N N 83  
ASN HD22 H  N N 84  
ASN HXT  H  N N 85  
ASP N    N  N N 86  
ASP CA   C  N S 87  
ASP C    C  N N 88  
ASP O    O  N N 89  
ASP CB   C  N N 90  
ASP CG   C  N N 91  
ASP OD1  O  N N 92  
ASP OD2  O  N N 93  
ASP OXT  O  N N 94  
ASP H    H  N N 95  
ASP H2   H  N N 96  
ASP HA   H  N N 97  
ASP HB2  H  N N 98  
ASP HB3  H  N N 99  
ASP HD2  H  N N 100 
ASP HXT  H  N N 101 
GLN N    N  N N 102 
GLN CA   C  N S 103 
GLN C    C  N N 104 
GLN O    O  N N 105 
GLN CB   C  N N 106 
GLN CG   C  N N 107 
GLN CD   C  N N 108 
GLN OE1  O  N N 109 
GLN NE2  N  N N 110 
GLN OXT  O  N N 111 
GLN H    H  N N 112 
GLN H2   H  N N 113 
GLN HA   H  N N 114 
GLN HB2  H  N N 115 
GLN HB3  H  N N 116 
GLN HG2  H  N N 117 
GLN HG3  H  N N 118 
GLN HE21 H  N N 119 
GLN HE22 H  N N 120 
GLN HXT  H  N N 121 
GLU N    N  N N 122 
GLU CA   C  N S 123 
GLU C    C  N N 124 
GLU O    O  N N 125 
GLU CB   C  N N 126 
GLU CG   C  N N 127 
GLU CD   C  N N 128 
GLU OE1  O  N N 129 
GLU OE2  O  N N 130 
GLU OXT  O  N N 131 
GLU H    H  N N 132 
GLU H2   H  N N 133 
GLU HA   H  N N 134 
GLU HB2  H  N N 135 
GLU HB3  H  N N 136 
GLU HG2  H  N N 137 
GLU HG3  H  N N 138 
GLU HE2  H  N N 139 
GLU HXT  H  N N 140 
GLY N    N  N N 141 
GLY CA   C  N N 142 
GLY C    C  N N 143 
GLY O    O  N N 144 
GLY OXT  O  N N 145 
GLY H    H  N N 146 
GLY H2   H  N N 147 
GLY HA2  H  N N 148 
GLY HA3  H  N N 149 
GLY HXT  H  N N 150 
HIS N    N  N N 151 
HIS CA   C  N S 152 
HIS C    C  N N 153 
HIS O    O  N N 154 
HIS CB   C  N N 155 
HIS CG   C  Y N 156 
HIS ND1  N  Y N 157 
HIS CD2  C  Y N 158 
HIS CE1  C  Y N 159 
HIS NE2  N  Y N 160 
HIS OXT  O  N N 161 
HIS H    H  N N 162 
HIS H2   H  N N 163 
HIS HA   H  N N 164 
HIS HB2  H  N N 165 
HIS HB3  H  N N 166 
HIS HD1  H  N N 167 
HIS HD2  H  N N 168 
HIS HE1  H  N N 169 
HIS HE2  H  N N 170 
HIS HXT  H  N N 171 
HOH O    O  N N 172 
HOH H1   H  N N 173 
HOH H2   H  N N 174 
ILE N    N  N N 175 
ILE CA   C  N S 176 
ILE C    C  N N 177 
ILE O    O  N N 178 
ILE CB   C  N S 179 
ILE CG1  C  N N 180 
ILE CG2  C  N N 181 
ILE CD1  C  N N 182 
ILE OXT  O  N N 183 
ILE H    H  N N 184 
ILE H2   H  N N 185 
ILE HA   H  N N 186 
ILE HB   H  N N 187 
ILE HG12 H  N N 188 
ILE HG13 H  N N 189 
ILE HG21 H  N N 190 
ILE HG22 H  N N 191 
ILE HG23 H  N N 192 
ILE HD11 H  N N 193 
ILE HD12 H  N N 194 
ILE HD13 H  N N 195 
ILE HXT  H  N N 196 
LEU N    N  N N 197 
LEU CA   C  N S 198 
LEU C    C  N N 199 
LEU O    O  N N 200 
LEU CB   C  N N 201 
LEU CG   C  N N 202 
LEU CD1  C  N N 203 
LEU CD2  C  N N 204 
LEU OXT  O  N N 205 
LEU H    H  N N 206 
LEU H2   H  N N 207 
LEU HA   H  N N 208 
LEU HB2  H  N N 209 
LEU HB3  H  N N 210 
LEU HG   H  N N 211 
LEU HD11 H  N N 212 
LEU HD12 H  N N 213 
LEU HD13 H  N N 214 
LEU HD21 H  N N 215 
LEU HD22 H  N N 216 
LEU HD23 H  N N 217 
LEU HXT  H  N N 218 
LYS N    N  N N 219 
LYS CA   C  N S 220 
LYS C    C  N N 221 
LYS O    O  N N 222 
LYS CB   C  N N 223 
LYS CG   C  N N 224 
LYS CD   C  N N 225 
LYS CE   C  N N 226 
LYS NZ   N  N N 227 
LYS OXT  O  N N 228 
LYS H    H  N N 229 
LYS H2   H  N N 230 
LYS HA   H  N N 231 
LYS HB2  H  N N 232 
LYS HB3  H  N N 233 
LYS HG2  H  N N 234 
LYS HG3  H  N N 235 
LYS HD2  H  N N 236 
LYS HD3  H  N N 237 
LYS HE2  H  N N 238 
LYS HE3  H  N N 239 
LYS HZ1  H  N N 240 
LYS HZ2  H  N N 241 
LYS HZ3  H  N N 242 
LYS HXT  H  N N 243 
MET N    N  N N 244 
MET CA   C  N S 245 
MET C    C  N N 246 
MET O    O  N N 247 
MET CB   C  N N 248 
MET CG   C  N N 249 
MET SD   S  N N 250 
MET CE   C  N N 251 
MET OXT  O  N N 252 
MET H    H  N N 253 
MET H2   H  N N 254 
MET HA   H  N N 255 
MET HB2  H  N N 256 
MET HB3  H  N N 257 
MET HG2  H  N N 258 
MET HG3  H  N N 259 
MET HE1  H  N N 260 
MET HE2  H  N N 261 
MET HE3  H  N N 262 
MET HXT  H  N N 263 
NA  NA   NA N N 264 
PRO N    N  N N 265 
PRO CA   C  N S 266 
PRO C    C  N N 267 
PRO O    O  N N 268 
PRO CB   C  N N 269 
PRO CG   C  N N 270 
PRO CD   C  N N 271 
PRO OXT  O  N N 272 
PRO H    H  N N 273 
PRO HA   H  N N 274 
PRO HB2  H  N N 275 
PRO HB3  H  N N 276 
PRO HG2  H  N N 277 
PRO HG3  H  N N 278 
PRO HD2  H  N N 279 
PRO HD3  H  N N 280 
PRO HXT  H  N N 281 
SER N    N  N N 282 
SER CA   C  N S 283 
SER C    C  N N 284 
SER O    O  N N 285 
SER CB   C  N N 286 
SER OG   O  N N 287 
SER OXT  O  N N 288 
SER H    H  N N 289 
SER H2   H  N N 290 
SER HA   H  N N 291 
SER HB2  H  N N 292 
SER HB3  H  N N 293 
SER HG   H  N N 294 
SER HXT  H  N N 295 
TYR N    N  N N 296 
TYR CA   C  N S 297 
TYR C    C  N N 298 
TYR O    O  N N 299 
TYR CB   C  N N 300 
TYR CG   C  Y N 301 
TYR CD1  C  Y N 302 
TYR CD2  C  Y N 303 
TYR CE1  C  Y N 304 
TYR CE2  C  Y N 305 
TYR CZ   C  Y N 306 
TYR OH   O  N N 307 
TYR OXT  O  N N 308 
TYR H    H  N N 309 
TYR H2   H  N N 310 
TYR HA   H  N N 311 
TYR HB2  H  N N 312 
TYR HB3  H  N N 313 
TYR HD1  H  N N 314 
TYR HD2  H  N N 315 
TYR HE1  H  N N 316 
TYR HE2  H  N N 317 
TYR HH   H  N N 318 
TYR HXT  H  N N 319 
VAL N    N  N N 320 
VAL CA   C  N S 321 
VAL C    C  N N 322 
VAL O    O  N N 323 
VAL CB   C  N N 324 
VAL CG1  C  N N 325 
VAL CG2  C  N N 326 
VAL OXT  O  N N 327 
VAL H    H  N N 328 
VAL H2   H  N N 329 
VAL HA   H  N N 330 
VAL HB   H  N N 331 
VAL HG11 H  N N 332 
VAL HG12 H  N N 333 
VAL HG13 H  N N 334 
VAL HG21 H  N N 335 
VAL HG22 H  N N 336 
VAL HG23 H  N N 337 
VAL HXT  H  N N 338 
# 
loop_
_chem_comp_bond.comp_id 
_chem_comp_bond.atom_id_1 
_chem_comp_bond.atom_id_2 
_chem_comp_bond.value_order 
_chem_comp_bond.pdbx_aromatic_flag 
_chem_comp_bond.pdbx_stereo_config 
_chem_comp_bond.pdbx_ordinal 
308 N1  C10  sing N N 1   
308 C10 C7   sing N N 2   
308 C10 C8   sing N N 3   
308 C10 C9   sing N N 4   
308 C7  C1   sing N N 5   
308 C1  C6   sing N N 6   
308 C1  C2   sing N N 7   
308 C8  C5   sing N N 8   
308 C5  C6   sing N N 9   
308 C5  C4   sing N N 10  
308 C4  C3   sing N N 11  
308 C9  C3   sing N N 12  
308 C3  C2   sing N N 13  
308 N1  HN1  sing N N 14  
308 N1  HN1A sing N N 15  
308 C7  H7   sing N N 16  
308 C7  H7A  sing N N 17  
308 C1  H1   sing N N 18  
308 C8  H8   sing N N 19  
308 C8  H8A  sing N N 20  
308 C5  H5   sing N N 21  
308 C6  H6   sing N N 22  
308 C6  H6A  sing N N 23  
308 C4  H4   sing N N 24  
308 C4  H4A  sing N N 25  
308 C9  H9   sing N N 26  
308 C9  H9A  sing N N 27  
308 C3  H3   sing N N 28  
308 C2  H2   sing N N 29  
308 C2  H2A  sing N N 30  
ALA N   CA   sing N N 31  
ALA N   H    sing N N 32  
ALA N   H2   sing N N 33  
ALA CA  C    sing N N 34  
ALA CA  CB   sing N N 35  
ALA CA  HA   sing N N 36  
ALA C   O    doub N N 37  
ALA C   OXT  sing N N 38  
ALA CB  HB1  sing N N 39  
ALA CB  HB2  sing N N 40  
ALA CB  HB3  sing N N 41  
ALA OXT HXT  sing N N 42  
ARG N   CA   sing N N 43  
ARG N   H    sing N N 44  
ARG N   H2   sing N N 45  
ARG CA  C    sing N N 46  
ARG CA  CB   sing N N 47  
ARG CA  HA   sing N N 48  
ARG C   O    doub N N 49  
ARG C   OXT  sing N N 50  
ARG CB  CG   sing N N 51  
ARG CB  HB2  sing N N 52  
ARG CB  HB3  sing N N 53  
ARG CG  CD   sing N N 54  
ARG CG  HG2  sing N N 55  
ARG CG  HG3  sing N N 56  
ARG CD  NE   sing N N 57  
ARG CD  HD2  sing N N 58  
ARG CD  HD3  sing N N 59  
ARG NE  CZ   sing N N 60  
ARG NE  HE   sing N N 61  
ARG CZ  NH1  sing N N 62  
ARG CZ  NH2  doub N N 63  
ARG NH1 HH11 sing N N 64  
ARG NH1 HH12 sing N N 65  
ARG NH2 HH21 sing N N 66  
ARG NH2 HH22 sing N N 67  
ARG OXT HXT  sing N N 68  
ASN N   CA   sing N N 69  
ASN N   H    sing N N 70  
ASN N   H2   sing N N 71  
ASN CA  C    sing N N 72  
ASN CA  CB   sing N N 73  
ASN CA  HA   sing N N 74  
ASN C   O    doub N N 75  
ASN C   OXT  sing N N 76  
ASN CB  CG   sing N N 77  
ASN CB  HB2  sing N N 78  
ASN CB  HB3  sing N N 79  
ASN CG  OD1  doub N N 80  
ASN CG  ND2  sing N N 81  
ASN ND2 HD21 sing N N 82  
ASN ND2 HD22 sing N N 83  
ASN OXT HXT  sing N N 84  
ASP N   CA   sing N N 85  
ASP N   H    sing N N 86  
ASP N   H2   sing N N 87  
ASP CA  C    sing N N 88  
ASP CA  CB   sing N N 89  
ASP CA  HA   sing N N 90  
ASP C   O    doub N N 91  
ASP C   OXT  sing N N 92  
ASP CB  CG   sing N N 93  
ASP CB  HB2  sing N N 94  
ASP CB  HB3  sing N N 95  
ASP CG  OD1  doub N N 96  
ASP CG  OD2  sing N N 97  
ASP OD2 HD2  sing N N 98  
ASP OXT HXT  sing N N 99  
GLN N   CA   sing N N 100 
GLN N   H    sing N N 101 
GLN N   H2   sing N N 102 
GLN CA  C    sing N N 103 
GLN CA  CB   sing N N 104 
GLN CA  HA   sing N N 105 
GLN C   O    doub N N 106 
GLN C   OXT  sing N N 107 
GLN CB  CG   sing N N 108 
GLN CB  HB2  sing N N 109 
GLN CB  HB3  sing N N 110 
GLN CG  CD   sing N N 111 
GLN CG  HG2  sing N N 112 
GLN CG  HG3  sing N N 113 
GLN CD  OE1  doub N N 114 
GLN CD  NE2  sing N N 115 
GLN NE2 HE21 sing N N 116 
GLN NE2 HE22 sing N N 117 
GLN OXT HXT  sing N N 118 
GLU N   CA   sing N N 119 
GLU N   H    sing N N 120 
GLU N   H2   sing N N 121 
GLU CA  C    sing N N 122 
GLU CA  CB   sing N N 123 
GLU CA  HA   sing N N 124 
GLU C   O    doub N N 125 
GLU C   OXT  sing N N 126 
GLU CB  CG   sing N N 127 
GLU CB  HB2  sing N N 128 
GLU CB  HB3  sing N N 129 
GLU CG  CD   sing N N 130 
GLU CG  HG2  sing N N 131 
GLU CG  HG3  sing N N 132 
GLU CD  OE1  doub N N 133 
GLU CD  OE2  sing N N 134 
GLU OE2 HE2  sing N N 135 
GLU OXT HXT  sing N N 136 
GLY N   CA   sing N N 137 
GLY N   H    sing N N 138 
GLY N   H2   sing N N 139 
GLY CA  C    sing N N 140 
GLY CA  HA2  sing N N 141 
GLY CA  HA3  sing N N 142 
GLY C   O    doub N N 143 
GLY C   OXT  sing N N 144 
GLY OXT HXT  sing N N 145 
HIS N   CA   sing N N 146 
HIS N   H    sing N N 147 
HIS N   H2   sing N N 148 
HIS CA  C    sing N N 149 
HIS CA  CB   sing N N 150 
HIS CA  HA   sing N N 151 
HIS C   O    doub N N 152 
HIS C   OXT  sing N N 153 
HIS CB  CG   sing N N 154 
HIS CB  HB2  sing N N 155 
HIS CB  HB3  sing N N 156 
HIS CG  ND1  sing Y N 157 
HIS CG  CD2  doub Y N 158 
HIS ND1 CE1  doub Y N 159 
HIS ND1 HD1  sing N N 160 
HIS CD2 NE2  sing Y N 161 
HIS CD2 HD2  sing N N 162 
HIS CE1 NE2  sing Y N 163 
HIS CE1 HE1  sing N N 164 
HIS NE2 HE2  sing N N 165 
HIS OXT HXT  sing N N 166 
HOH O   H1   sing N N 167 
HOH O   H2   sing N N 168 
ILE N   CA   sing N N 169 
ILE N   H    sing N N 170 
ILE N   H2   sing N N 171 
ILE CA  C    sing N N 172 
ILE CA  CB   sing N N 173 
ILE CA  HA   sing N N 174 
ILE C   O    doub N N 175 
ILE C   OXT  sing N N 176 
ILE CB  CG1  sing N N 177 
ILE CB  CG2  sing N N 178 
ILE CB  HB   sing N N 179 
ILE CG1 CD1  sing N N 180 
ILE CG1 HG12 sing N N 181 
ILE CG1 HG13 sing N N 182 
ILE CG2 HG21 sing N N 183 
ILE CG2 HG22 sing N N 184 
ILE CG2 HG23 sing N N 185 
ILE CD1 HD11 sing N N 186 
ILE CD1 HD12 sing N N 187 
ILE CD1 HD13 sing N N 188 
ILE OXT HXT  sing N N 189 
LEU N   CA   sing N N 190 
LEU N   H    sing N N 191 
LEU N   H2   sing N N 192 
LEU CA  C    sing N N 193 
LEU CA  CB   sing N N 194 
LEU CA  HA   sing N N 195 
LEU C   O    doub N N 196 
LEU C   OXT  sing N N 197 
LEU CB  CG   sing N N 198 
LEU CB  HB2  sing N N 199 
LEU CB  HB3  sing N N 200 
LEU CG  CD1  sing N N 201 
LEU CG  CD2  sing N N 202 
LEU CG  HG   sing N N 203 
LEU CD1 HD11 sing N N 204 
LEU CD1 HD12 sing N N 205 
LEU CD1 HD13 sing N N 206 
LEU CD2 HD21 sing N N 207 
LEU CD2 HD22 sing N N 208 
LEU CD2 HD23 sing N N 209 
LEU OXT HXT  sing N N 210 
LYS N   CA   sing N N 211 
LYS N   H    sing N N 212 
LYS N   H2   sing N N 213 
LYS CA  C    sing N N 214 
LYS CA  CB   sing N N 215 
LYS CA  HA   sing N N 216 
LYS C   O    doub N N 217 
LYS C   OXT  sing N N 218 
LYS CB  CG   sing N N 219 
LYS CB  HB2  sing N N 220 
LYS CB  HB3  sing N N 221 
LYS CG  CD   sing N N 222 
LYS CG  HG2  sing N N 223 
LYS CG  HG3  sing N N 224 
LYS CD  CE   sing N N 225 
LYS CD  HD2  sing N N 226 
LYS CD  HD3  sing N N 227 
LYS CE  NZ   sing N N 228 
LYS CE  HE2  sing N N 229 
LYS CE  HE3  sing N N 230 
LYS NZ  HZ1  sing N N 231 
LYS NZ  HZ2  sing N N 232 
LYS NZ  HZ3  sing N N 233 
LYS OXT HXT  sing N N 234 
MET N   CA   sing N N 235 
MET N   H    sing N N 236 
MET N   H2   sing N N 237 
MET CA  C    sing N N 238 
MET CA  CB   sing N N 239 
MET CA  HA   sing N N 240 
MET C   O    doub N N 241 
MET C   OXT  sing N N 242 
MET CB  CG   sing N N 243 
MET CB  HB2  sing N N 244 
MET CB  HB3  sing N N 245 
MET CG  SD   sing N N 246 
MET CG  HG2  sing N N 247 
MET CG  HG3  sing N N 248 
MET SD  CE   sing N N 249 
MET CE  HE1  sing N N 250 
MET CE  HE2  sing N N 251 
MET CE  HE3  sing N N 252 
MET OXT HXT  sing N N 253 
PRO N   CA   sing N N 254 
PRO N   CD   sing N N 255 
PRO N   H    sing N N 256 
PRO CA  C    sing N N 257 
PRO CA  CB   sing N N 258 
PRO CA  HA   sing N N 259 
PRO C   O    doub N N 260 
PRO C   OXT  sing N N 261 
PRO CB  CG   sing N N 262 
PRO CB  HB2  sing N N 263 
PRO CB  HB3  sing N N 264 
PRO CG  CD   sing N N 265 
PRO CG  HG2  sing N N 266 
PRO CG  HG3  sing N N 267 
PRO CD  HD2  sing N N 268 
PRO CD  HD3  sing N N 269 
PRO OXT HXT  sing N N 270 
SER N   CA   sing N N 271 
SER N   H    sing N N 272 
SER N   H2   sing N N 273 
SER CA  C    sing N N 274 
SER CA  CB   sing N N 275 
SER CA  HA   sing N N 276 
SER C   O    doub N N 277 
SER C   OXT  sing N N 278 
SER CB  OG   sing N N 279 
SER CB  HB2  sing N N 280 
SER CB  HB3  sing N N 281 
SER OG  HG   sing N N 282 
SER OXT HXT  sing N N 283 
TYR N   CA   sing N N 284 
TYR N   H    sing N N 285 
TYR N   H2   sing N N 286 
TYR CA  C    sing N N 287 
TYR CA  CB   sing N N 288 
TYR CA  HA   sing N N 289 
TYR C   O    doub N N 290 
TYR C   OXT  sing N N 291 
TYR CB  CG   sing N N 292 
TYR CB  HB2  sing N N 293 
TYR CB  HB3  sing N N 294 
TYR CG  CD1  doub Y N 295 
TYR CG  CD2  sing Y N 296 
TYR CD1 CE1  sing Y N 297 
TYR CD1 HD1  sing N N 298 
TYR CD2 CE2  doub Y N 299 
TYR CD2 HD2  sing N N 300 
TYR CE1 CZ   doub Y N 301 
TYR CE1 HE1  sing N N 302 
TYR CE2 CZ   sing Y N 303 
TYR CE2 HE2  sing N N 304 
TYR CZ  OH   sing N N 305 
TYR OH  HH   sing N N 306 
TYR OXT HXT  sing N N 307 
VAL N   CA   sing N N 308 
VAL N   H    sing N N 309 
VAL N   H2   sing N N 310 
VAL CA  C    sing N N 311 
VAL CA  CB   sing N N 312 
VAL CA  HA   sing N N 313 
VAL C   O    doub N N 314 
VAL C   OXT  sing N N 315 
VAL CB  CG1  sing N N 316 
VAL CB  CG2  sing N N 317 
VAL CB  HB   sing N N 318 
VAL CG1 HG11 sing N N 319 
VAL CG1 HG12 sing N N 320 
VAL CG1 HG13 sing N N 321 
VAL CG2 HG21 sing N N 322 
VAL CG2 HG22 sing N N 323 
VAL CG2 HG23 sing N N 324 
VAL OXT HXT  sing N N 325 
# 
_pdbx_entity_instance_feature.ordinal        1 
_pdbx_entity_instance_feature.comp_id        308 
_pdbx_entity_instance_feature.asym_id        ? 
_pdbx_entity_instance_feature.seq_num        ? 
_pdbx_entity_instance_feature.auth_comp_id   308 
_pdbx_entity_instance_feature.auth_asym_id   ? 
_pdbx_entity_instance_feature.auth_seq_num   ? 
_pdbx_entity_instance_feature.feature_type   'SUBJECT OF INVESTIGATION' 
_pdbx_entity_instance_feature.details        ? 
# 
_pdbx_initial_refinement_model.accession_code   ? 
_pdbx_initial_refinement_model.id               1 
_pdbx_initial_refinement_model.entity_id_list   ? 
_pdbx_initial_refinement_model.type             'in silico model' 
_pdbx_initial_refinement_model.source_name      Other 
_pdbx_initial_refinement_model.details          'De novo design model ABP' 
# 
_atom_sites.entry_id                    6N9H 
_atom_sites.fract_transf_matrix[1][1]   -0.01367275 
_atom_sites.fract_transf_matrix[1][2]   0.01825392 
_atom_sites.fract_transf_matrix[1][3]   0.00367326 
_atom_sites.fract_transf_matrix[2][1]   0.00632669 
_atom_sites.fract_transf_matrix[2][2]   0.01632222 
_atom_sites.fract_transf_matrix[2][3]   0.01507210 
_atom_sites.fract_transf_matrix[3][1]   0.00691408 
_atom_sites.fract_transf_matrix[3][2]   0.00736868 
_atom_sites.fract_transf_matrix[3][3]   -0.01088212 
_atom_sites.fract_transf_vector[1]      0.176259 
_atom_sites.fract_transf_vector[2]      -0.358204 
_atom_sites.fract_transf_vector[3]      -0.236074 
# 
loop_
_atom_type.symbol 
C  
H  
N  
NA 
O  
# 
loop_
_atom_site.group_PDB 
_atom_site.id 
_atom_site.type_symbol 
_atom_site.label_atom_id 
_atom_site.label_alt_id 
_atom_site.label_comp_id 
_atom_site.label_asym_id 
_atom_site.label_entity_id 
_atom_site.label_seq_id 
_atom_site.pdbx_PDB_ins_code 
_atom_site.Cartn_x 
_atom_site.Cartn_y 
_atom_site.Cartn_z 
_atom_site.occupancy 
_atom_site.B_iso_or_equiv 
_atom_site.pdbx_formal_charge 
_atom_site.auth_seq_id 
_atom_site.auth_comp_id 
_atom_site.auth_asym_id 
_atom_site.auth_atom_id 
_atom_site.pdbx_PDB_model_num 
ATOM   1    N  N    . ASP A 1 6  ? -13.309 -20.682 13.861  1.00 19.79 ? 1   ASP A N    1 
ATOM   2    C  CA   . ASP A 1 6  ? -12.050 -20.249 13.206  1.00 23.68 ? 1   ASP A CA   1 
ATOM   3    C  C    . ASP A 1 6  ? -11.959 -18.734 13.018  1.00 17.89 ? 1   ASP A C    1 
ATOM   4    O  O    . ASP A 1 6  ? -10.878 -18.238 12.763  1.00 19.54 ? 1   ASP A O    1 
ATOM   5    C  CB   . ASP A 1 6  ? -11.919 -20.950 11.851  1.00 23.56 ? 1   ASP A CB   1 
ATOM   6    C  CG   . ASP A 1 6  ? -10.619 -20.607 11.131  1.00 22.28 ? 1   ASP A CG   1 
ATOM   7    O  OD1  . ASP A 1 6  ? -9.537  -20.813 11.714  1.00 21.31 ? 1   ASP A OD1  1 
ATOM   8    O  OD2  . ASP A 1 6  ? -10.682 -20.111 9.974   1.00 23.60 ? 1   ASP A OD2  1 
ATOM   9    H  H    . ASP A 1 6  ? -13.333 -21.571 13.900  1.00 23.74 ? 1   ASP A H    1 
ATOM   10   H  HA   . ASP A 1 6  ? -11.301 -20.525 13.758  1.00 28.42 ? 1   ASP A HA   1 
ATOM   11   H  HB2  . ASP A 1 6  ? -11.942 -21.910 11.989  1.00 28.27 ? 1   ASP A HB2  1 
ATOM   12   H  HB3  . ASP A 1 6  ? -12.657 -20.679 11.283  1.00 28.27 ? 1   ASP A HB3  1 
ATOM   13   N  N    . ALA A 1 7  ? -13.067 -18.008 13.127  1.00 19.24 ? 2   ALA A N    1 
ATOM   14   C  CA   . ALA A 1 7  ? -13.065 -16.586 12.746  1.00 18.40 ? 2   ALA A CA   1 
ATOM   15   C  C    . ALA A 1 7  ? -12.045 -15.742 13.522  1.00 19.02 ? 2   ALA A C    1 
ATOM   16   O  O    . ALA A 1 7  ? -11.307 -14.944 12.932  1.00 19.62 ? 2   ALA A O    1 
ATOM   17   C  CB   . ALA A 1 7  ? -14.447 -15.997 12.868  1.00 23.57 ? 2   ALA A CB   1 
ATOM   18   H  H    . ALA A 1 7  ? -13.823 -18.302 13.413  1.00 23.08 ? 2   ALA A H    1 
ATOM   19   H  HA   . ALA A 1 7  ? -12.817 -16.531 11.809  1.00 22.08 ? 2   ALA A HA   1 
ATOM   20   H  HB1  . ALA A 1 7  ? -14.416 -15.062 12.612  1.00 28.29 ? 2   ALA A HB1  1 
ATOM   21   H  HB2  . ALA A 1 7  ? -15.050 -16.481 12.282  1.00 28.29 ? 2   ALA A HB2  1 
ATOM   22   H  HB3  . ALA A 1 7  ? -14.745 -16.078 13.788  1.00 28.29 ? 2   ALA A HB3  1 
ATOM   23   N  N    . GLN A 1 8  ? -11.962 -15.900 14.839  1.00 19.60 ? 3   GLN A N    1 
ATOM   24   C  CA   . GLN A 1 8  ? -11.051 -15.114 15.618  1.00 19.02 ? 3   GLN A CA   1 
ATOM   25   C  C    . GLN A 1 8  ? -9.611  -15.379 15.185  1.00 17.58 ? 3   GLN A C    1 
ATOM   26   O  O    . GLN A 1 8  ? -8.810  -14.485 15.072  1.00 18.62 ? 3   GLN A O    1 
ATOM   27   C  CB   . GLN A 1 8  ? -11.228 -15.444 17.103  1.00 21.70 ? 3   GLN A CB   1 
ATOM   28   C  CG   . GLN A 1 8  ? -10.127 -14.897 18.019  1.00 33.99 ? 3   GLN A CG   1 
ATOM   29   C  CD   . GLN A 1 8  ? -10.274 -15.364 19.464  1.00 63.34 ? 3   GLN A CD   1 
ATOM   30   O  OE1  . GLN A 1 8  ? -11.225 -16.065 19.810  1.00 73.71 ? 3   GLN A OE1  1 
ATOM   31   N  NE2  . GLN A 1 8  ? -9.327  -14.974 20.312  1.00 69.00 ? 3   GLN A NE2  1 
ATOM   32   H  H    . GLN A 1 8  ? -12.428 -16.461 15.295  1.00 23.53 ? 3   GLN A H    1 
ATOM   33   H  HA   . GLN A 1 8  ? -11.243 -14.172 15.487  1.00 22.82 ? 3   GLN A HA   1 
ATOM   34   H  HB2  . GLN A 1 8  ? -12.072 -15.072 17.404  1.00 26.04 ? 3   GLN A HB2  1 
ATOM   35   H  HB3  . GLN A 1 8  ? -11.243 -16.408 17.207  1.00 26.04 ? 3   GLN A HB3  1 
ATOM   36   H  HG2  . GLN A 1 8  ? -9.266  -15.199 17.692  1.00 40.78 ? 3   GLN A HG2  1 
ATOM   37   H  HG3  . GLN A 1 8  ? -10.164 -13.928 18.012  1.00 40.78 ? 3   GLN A HG3  1 
ATOM   38   H  HE21 . GLN A 1 8  ? -8.677  -14.484 20.035  1.00 82.79 ? 3   GLN A HE21 1 
ATOM   39   H  HE22 . GLN A 1 8  ? -9.366  -15.212 21.138  1.00 82.79 ? 3   GLN A HE22 1 
ATOM   40   N  N    . ASP A 1 9  ? -9.264  -16.640 14.944  1.00 18.44 ? 4   ASP A N    1 
ATOM   41   C  CA   . ASP A 1 9  ? -7.898  -16.953 14.505  1.00 16.84 ? 4   ASP A CA   1 
ATOM   42   C  C    . ASP A 1 9  ? -7.590  -16.438 13.100  1.00 16.99 ? 4   ASP A C    1 
ATOM   43   O  O    . ASP A 1 9  ? -6.479  -15.994 12.818  1.00 17.35 ? 4   ASP A O    1 
ATOM   44   C  CB   . ASP A 1 9  ? -7.615  -18.437 14.623  1.00 22.91 ? 4   ASP A CB   1 
ATOM   45   C  CG   . ASP A 1 9  ? -6.155  -18.713 14.571  1.00 19.11 ? 4   ASP A CG   1 
ATOM   46   O  OD1  . ASP A 1 9  ? -5.483  -18.443 15.573  1.00 23.03 ? 4   ASP A OD1  1 
ATOM   47   O  OD2  . ASP A 1 9  ? -5.663  -19.084 13.515  1.00 19.20 ? 4   ASP A OD2  1 
ATOM   48   H  H    . ASP A 1 9  ? -9.784  -17.321 15.024  1.00 22.13 ? 4   ASP A H    1 
ATOM   49   H  HA   . ASP A 1 9  ? -7.285  -16.502 15.107  1.00 20.21 ? 4   ASP A HA   1 
ATOM   50   H  HB2  . ASP A 1 9  ? -7.956  -18.764 15.470  1.00 27.50 ? 4   ASP A HB2  1 
ATOM   51   H  HB3  . ASP A 1 9  ? -8.040  -18.905 13.886  1.00 27.50 ? 4   ASP A HB3  1 
ATOM   52   N  N    . LYS A 1 10 ? -8.578  -16.564 12.230  1.00 16.85 ? 5   LYS A N    1 
ATOM   53   C  CA   . LYS A 1 10 ? -8.427  -16.023 10.895  1.00 17.11 ? 5   LYS A CA   1 
ATOM   54   C  C    . LYS A 1 10 ? -8.182  -14.501 10.933  1.00 15.87 ? 5   LYS A C    1 
ATOM   55   O  O    . LYS A 1 10 ? -7.352  -13.981 10.221  1.00 16.32 ? 5   LYS A O    1 
ATOM   56   C  CB   . LYS A 1 10 ? -9.615  -16.362 10.016  1.00 18.04 ? 5   LYS A CB   1 
ATOM   57   C  CG   . LYS A 1 10 ? -9.467  -15.893 8.568   1.00 21.32 ? 5   LYS A CG   1 
ATOM   58   C  CD   . LYS A 1 10 ? -8.201  -16.435 7.929   1.00 42.90 ? 5   LYS A CD   1 
ATOM   59   C  CE   . LYS A 1 10 ? -8.192  -16.237 6.425   1.00 48.27 ? 5   LYS A CE   1 
ATOM   60   N  NZ   . LYS A 1 10 ? -6.977  -16.876 5.838   1.00 28.44 ? 5   LYS A NZ   1 
ATOM   61   H  H    . LYS A 1 10 ? -9.331  -16.949 12.384  1.00 20.22 ? 5   LYS A H    1 
ATOM   62   H  HA   . LYS A 1 10 ? -7.644  -16.430 10.490  1.00 20.53 ? 5   LYS A HA   1 
ATOM   63   H  HB2  . LYS A 1 10 ? -9.731  -17.324 10.005  1.00 21.65 ? 5   LYS A HB2  1 
ATOM   64   H  HB3  . LYS A 1 10 ? -10.406 -15.939 10.385  1.00 21.65 ? 5   LYS A HB3  1 
ATOM   65   H  HG2  . LYS A 1 10 ? -10.226 -16.206 8.052   1.00 25.59 ? 5   LYS A HG2  1 
ATOM   66   H  HG3  . LYS A 1 10 ? -9.426  -14.924 8.549   1.00 25.59 ? 5   LYS A HG3  1 
ATOM   67   H  HD2  . LYS A 1 10 ? -7.434  -15.971 8.299   1.00 51.48 ? 5   LYS A HD2  1 
ATOM   68   H  HD3  . LYS A 1 10 ? -8.135  -17.386 8.109   1.00 51.48 ? 5   LYS A HD3  1 
ATOM   69   H  HE2  . LYS A 1 10 ? -8.978  -16.653 6.038   1.00 57.92 ? 5   LYS A HE2  1 
ATOM   70   H  HE3  . LYS A 1 10 ? -8.172  -15.288 6.221   1.00 57.92 ? 5   LYS A HE3  1 
ATOM   71   H  HZ1  . LYS A 1 10 ? -6.969  -16.761 4.956   1.00 34.13 ? 5   LYS A HZ1  1 
ATOM   72   H  HZ2  . LYS A 1 10 ? -6.243  -16.509 6.184   1.00 34.13 ? 5   LYS A HZ2  1 
ATOM   73   H  HZ3  . LYS A 1 10 ? -6.976  -17.748 6.017   1.00 34.13 ? 5   LYS A HZ3  1 
ATOM   74   N  N    . LEU A 1 11 ? -8.911  -13.807 11.795  1.00 16.69 ? 6   LEU A N    1 
ATOM   75   C  CA   . LEU A 1 11 ? -8.716  -12.383 11.984  1.00 16.13 ? 6   LEU A CA   1 
ATOM   76   C  C    . LEU A 1 11 ? -7.299  -12.074 12.441  1.00 16.92 ? 6   LEU A C    1 
ATOM   77   O  O    . LEU A 1 11 ? -6.719  -11.108 11.996  1.00 16.46 ? 6   LEU A O    1 
ATOM   78   C  CB   . LEU A 1 11 ? -9.721  -11.842 12.999  1.00 17.14 ? 6   LEU A CB   1 
ATOM   79   C  CG   . LEU A 1 11 ? -11.160 -11.723 12.426  1.00 17.59 ? 6   LEU A CG   1 
ATOM   80   C  CD1  . LEU A 1 11 ? -12.160 -11.452 13.525  1.00 19.42 ? 6   LEU A CD1  1 
ATOM   81   C  CD2  . LEU A 1 11 ? -11.238 -10.618 11.344  1.00 17.36 ? 6   LEU A CD2  1 
ATOM   82   H  H    . LEU A 1 11 ? -9.531  -14.143 12.288  1.00 20.02 ? 6   LEU A H    1 
ATOM   83   H  HA   . LEU A 1 11 ? -8.865  -11.928 11.140  1.00 19.35 ? 6   LEU A HA   1 
ATOM   84   H  HB2  . LEU A 1 11 ? -9.752  -12.439 13.762  1.00 20.57 ? 6   LEU A HB2  1 
ATOM   85   H  HB3  . LEU A 1 11 ? -9.439  -10.957 13.282  1.00 20.57 ? 6   LEU A HB3  1 
ATOM   86   H  HG   . LEU A 1 11 ? -11.400 -12.565 12.009  1.00 21.11 ? 6   LEU A HG   1 
ATOM   87   H  HD11 . LEU A 1 11 ? -13.046 -11.383 13.136  1.00 23.30 ? 6   LEU A HD11 1 
ATOM   88   H  HD12 . LEU A 1 11 ? -12.134 -12.182 14.163  1.00 23.30 ? 6   LEU A HD12 1 
ATOM   89   H  HD13 . LEU A 1 11 ? -11.927 -10.619 13.965  1.00 23.30 ? 6   LEU A HD13 1 
ATOM   90   H  HD21 . LEU A 1 11 ? -12.146 -10.570 11.007  1.00 20.83 ? 6   LEU A HD21 1 
ATOM   91   H  HD22 . LEU A 1 11 ? -10.986 -9.770  11.740  1.00 20.83 ? 6   LEU A HD22 1 
ATOM   92   H  HD23 . LEU A 1 11 ? -10.629 -10.840 10.621  1.00 20.83 ? 6   LEU A HD23 1 
ATOM   93   N  N    . LYS A 1 12 ? -6.724  -12.906 13.318  1.00 15.92 ? 7   LYS A N    1 
ATOM   94   C  CA   . LYS A 1 12 ? -5.352  -12.711 13.781  1.00 16.95 ? 7   LYS A CA   1 
ATOM   95   C  C    . LYS A 1 12 ? -4.404  -12.754 12.583  1.00 16.51 ? 7   LYS A C    1 
ATOM   96   O  O    . LYS A 1 12 ? -3.499  -11.934 12.474  1.00 17.19 ? 7   LYS A O    1 
ATOM   97   C  CB   . LYS A 1 12 ? -4.955  -13.776 14.801  1.00 17.81 ? 7   LYS A CB   1 
ATOM   98   C  CG   . LYS A 1 12 ? -5.697  -13.697 16.096  1.00 23.27 ? 7   LYS A CG   1 
ATOM   99   C  CD   . LYS A 1 12 ? -4.860  -14.117 17.295  1.00 31.84 ? 7   LYS A CD   1 
ATOM   100  C  CE   . LYS A 1 12 ? -4.208  -15.464 17.132  1.00 38.83 ? 7   LYS A CE   1 
ATOM   101  N  NZ   . LYS A 1 12 ? -3.503  -15.884 18.387  1.00 45.58 ? 7   LYS A NZ   1 
ATOM   102  H  H    . LYS A 1 12 ? -7.112  -13.594 13.660  1.00 19.10 ? 7   LYS A H    1 
ATOM   103  H  HA   . LYS A 1 12 ? -5.275  -11.841 14.202  1.00 20.34 ? 7   LYS A HA   1 
ATOM   104  H  HB2  . LYS A 1 12 ? -5.123  -14.651 14.417  1.00 21.37 ? 7   LYS A HB2  1 
ATOM   105  H  HB3  . LYS A 1 12 ? -4.010  -13.680 14.997  1.00 21.37 ? 7   LYS A HB3  1 
ATOM   106  H  HG2  . LYS A 1 12 ? -5.984  -12.782 16.238  1.00 27.93 ? 7   LYS A HG2  1 
ATOM   107  H  HG3  . LYS A 1 12 ? -6.469  -14.283 16.050  1.00 27.93 ? 7   LYS A HG3  1 
ATOM   108  H  HD2  . LYS A 1 12 ? -4.157  -13.463 17.432  1.00 38.21 ? 7   LYS A HD2  1 
ATOM   109  H  HD3  . LYS A 1 12 ? -5.431  -14.156 18.078  1.00 38.21 ? 7   LYS A HD3  1 
ATOM   110  H  HE2  . LYS A 1 12 ? -4.888  -16.126 16.928  1.00 46.59 ? 7   LYS A HE2  1 
ATOM   111  H  HE3  . LYS A 1 12 ? -3.556  -15.421 16.416  1.00 46.59 ? 7   LYS A HE3  1 
ATOM   112  H  HZ1  . LYS A 1 12 ? -3.125  -16.682 18.271  1.00 54.70 ? 7   LYS A HZ1  1 
ATOM   113  H  HZ2  . LYS A 1 12 ? -2.872  -15.292 18.594  1.00 54.70 ? 7   LYS A HZ2  1 
ATOM   114  H  HZ3  . LYS A 1 12 ? -4.084  -15.934 19.060  1.00 54.70 ? 7   LYS A HZ3  1 
ATOM   115  N  N    . TYR A 1 13 ? -4.571  -13.743 11.729  1.00 16.08 ? 8   TYR A N    1 
ATOM   116  C  CA   . TYR A 1 13 ? -3.742  -13.880 10.537  1.00 15.59 ? 8   TYR A CA   1 
ATOM   117  C  C    . TYR A 1 13 ? -3.910  -12.679 9.600   1.00 14.65 ? 8   TYR A C    1 
ATOM   118  O  O    . TYR A 1 13 ? -2.992  -12.129 9.093   1.00 14.98 ? 8   TYR A O    1 
ATOM   119  C  CB   . TYR A 1 13 ? -4.117  -15.219 9.843   1.00 16.58 ? 8   TYR A CB   1 
ATOM   120  C  CG   . TYR A 1 13 ? -3.350  -15.539 8.560   1.00 17.32 ? 8   TYR A CG   1 
ATOM   121  C  CD1  . TYR A 1 13 ? -2.096  -15.030 8.288   1.00 16.45 ? 8   TYR A CD1  1 
ATOM   122  C  CD2  . TYR A 1 13 ? -3.894  -16.382 7.638   1.00 16.32 ? 8   TYR A CD2  1 
ATOM   123  C  CE1  . TYR A 1 13 ? -1.431  -15.378 7.151   1.00 16.77 ? 8   TYR A CE1  1 
ATOM   124  C  CE2  . TYR A 1 13 ? -3.255  -16.716 6.495   1.00 17.99 ? 8   TYR A CE2  1 
ATOM   125  C  CZ   . TYR A 1 13 ? -2.016  -16.236 6.249   1.00 17.53 ? 8   TYR A CZ   1 
ATOM   126  O  OH   . TYR A 1 13 ? -1.374  -16.571 5.066   1.00 20.21 ? 8   TYR A OH   1 
ATOM   127  H  H    . TYR A 1 13 ? -5.165  -14.359 11.813  1.00 19.30 ? 8   TYR A H    1 
ATOM   128  H  HA   . TYR A 1 13 ? -2.810  -13.928 10.801  1.00 18.71 ? 8   TYR A HA   1 
ATOM   129  H  HB2  . TYR A 1 13 ? -3.953  -15.944 10.467  1.00 19.90 ? 8   TYR A HB2  1 
ATOM   130  H  HB3  . TYR A 1 13 ? -5.060  -15.193 9.619   1.00 19.90 ? 8   TYR A HB3  1 
ATOM   131  H  HD1  . TYR A 1 13 ? -1.687  -14.465 8.904   1.00 19.74 ? 8   TYR A HD1  1 
ATOM   132  H  HD2  . TYR A 1 13 ? -4.737  -16.739 7.799   1.00 19.59 ? 8   TYR A HD2  1 
ATOM   133  H  HE1  . TYR A 1 13 ? -0.589  -15.025 6.977   1.00 20.12 ? 8   TYR A HE1  1 
ATOM   134  H  HE2  . TYR A 1 13 ? -3.657  -17.297 5.890   1.00 21.58 ? 8   TYR A HE2  1 
ATOM   135  H  HH   . TYR A 1 13 ? -0.633  -16.180 5.021   1.00 24.25 ? 8   TYR A HH   1 
ATOM   136  N  N    . LEU A 1 14 ? -5.143  -12.284 9.377   1.00 14.70 ? 9   LEU A N    1 
ATOM   137  C  CA   . LEU A 1 14 ? -5.435  -11.152 8.494   1.00 14.76 ? 9   LEU A CA   1 
ATOM   138  C  C    . LEU A 1 14 ? -4.833  -9.856  9.050   1.00 14.42 ? 9   LEU A C    1 
ATOM   139  O  O    . LEU A 1 14 ? -4.356  -9.054  8.283   1.00 15.18 ? 9   LEU A O    1 
ATOM   140  C  CB   . LEU A 1 14 ? -6.937  -10.989 8.269   1.00 15.45 ? 9   LEU A CB   1 
ATOM   141  C  CG   . LEU A 1 14 ? -7.581  -12.093 7.420   1.00 15.66 ? 9   LEU A CG   1 
ATOM   142  C  CD1  . LEU A 1 14 ? -9.090  -12.020 7.553   1.00 16.18 ? 9   LEU A CD1  1 
ATOM   143  C  CD2  . LEU A 1 14 ? -7.223  -11.949 5.962   1.00 16.83 ? 9   LEU A CD2  1 
ATOM   144  H  H    . LEU A 1 14 ? -5.841  -12.651 9.721   1.00 17.64 ? 9   LEU A H    1 
ATOM   145  H  HA   . LEU A 1 14 ? -5.025  -11.319 7.631   1.00 17.72 ? 9   LEU A HA   1 
ATOM   146  H  HB2  . LEU A 1 14 ? -7.380  -10.986 9.132   1.00 18.54 ? 9   LEU A HB2  1 
ATOM   147  H  HB3  . LEU A 1 14 ? -7.092  -10.144 7.819   1.00 18.54 ? 9   LEU A HB3  1 
ATOM   148  H  HG   . LEU A 1 14 ? -7.283  -12.962 7.731   1.00 18.79 ? 9   LEU A HG   1 
ATOM   149  H  HD11 . LEU A 1 14 ? -9.488  -12.721 7.013   1.00 19.41 ? 9   LEU A HD11 1 
ATOM   150  H  HD12 . LEU A 1 14 ? -9.331  -12.142 8.484   1.00 19.41 ? 9   LEU A HD12 1 
ATOM   151  H  HD13 . LEU A 1 14 ? -9.392  -11.152 7.244   1.00 19.41 ? 9   LEU A HD13 1 
ATOM   152  H  HD21 . LEU A 1 14 ? -7.648  -12.663 5.461   1.00 20.20 ? 9   LEU A HD21 1 
ATOM   153  H  HD22 . LEU A 1 14 ? -7.537  -11.088 5.642   1.00 20.20 ? 9   LEU A HD22 1 
ATOM   154  H  HD23 . LEU A 1 14 ? -6.259  -12.007 5.866   1.00 20.20 ? 9   LEU A HD23 1 
ATOM   155  N  N    . VAL A 1 15 ? -4.823  -9.649  10.362  1.00 15.07 ? 10  VAL A N    1 
ATOM   156  C  CA   . VAL A 1 15 ? -4.152  -8.506  10.975  1.00 15.98 ? 10  VAL A CA   1 
ATOM   157  C  C    . VAL A 1 15 ? -2.662  -8.570  10.671  1.00 14.44 ? 10  VAL A C    1 
ATOM   158  O  O    . VAL A 1 15 ? -2.052  -7.580  10.318  1.00 15.58 ? 10  VAL A O    1 
ATOM   159  C  CB   . VAL A 1 15 ? -4.423  -8.429  12.459  1.00 16.59 ? 10  VAL A CB   1 
ATOM   160  C  CG1  . VAL A 1 15 ? -3.480  -7.419  13.158  1.00 17.32 ? 10  VAL A CG1  1 
ATOM   161  C  CG2  . VAL A 1 15 ? -5.895  -7.973  12.655  1.00 16.21 ? 10  VAL A CG2  1 
ATOM   162  H  H    . VAL A 1 15 ? -5.206  -10.167 10.932  1.00 18.09 ? 10  VAL A H    1 
ATOM   163  H  HA   . VAL A 1 15 ? -4.498  -7.694  10.573  1.00 19.18 ? 10  VAL A HA   1 
ATOM   164  H  HB   . VAL A 1 15 ? -4.307  -9.303  12.863  1.00 19.91 ? 10  VAL A HB   1 
ATOM   165  H  HG11 . VAL A 1 15 ? -3.686  -7.400  14.106  1.00 20.79 ? 10  VAL A HG11 1 
ATOM   166  H  HG12 . VAL A 1 15 ? -2.562  -7.700  13.024  1.00 20.79 ? 10  VAL A HG12 1 
ATOM   167  H  HG13 . VAL A 1 15 ? -3.618  -6.540  12.772  1.00 20.79 ? 10  VAL A HG13 1 
ATOM   168  H  HG21 . VAL A 1 15 ? -6.084  -7.919  13.606  1.00 19.45 ? 10  VAL A HG21 1 
ATOM   169  H  HG22 . VAL A 1 15 ? -6.013  -7.102  12.244  1.00 19.45 ? 10  VAL A HG22 1 
ATOM   170  H  HG23 . VAL A 1 15 ? -6.484  -8.620  12.237  1.00 19.45 ? 10  VAL A HG23 1 
ATOM   171  N  N    . LYS A 1 16 ? -2.052  -9.759  10.781  1.00 15.08 ? 11  LYS A N    1 
ATOM   172  C  CA   . LYS A 1 16 ? -0.628  -9.900  10.417  1.00 15.54 ? 11  LYS A CA   1 
ATOM   173  C  C    . LYS A 1 16 ? -0.411  -9.564  8.942   1.00 15.09 ? 11  LYS A C    1 
ATOM   174  O  O    . LYS A 1 16 ? 0.580   -8.929  8.578   1.00 15.95 ? 11  LYS A O    1 
ATOM   175  C  CB   . LYS A 1 16 ? -0.133  -11.321 10.717  1.00 16.81 ? 11  LYS A CB   1 
ATOM   176  C  CG   . LYS A 1 16 ? -0.070  -11.626 12.210  1.00 17.91 ? 11  LYS A CG   1 
ATOM   177  C  CD   . LYS A 1 16 ? 1.084   -10.877 12.878  1.00 26.48 ? 11  LYS A CD   1 
ATOM   178  C  CE   . LYS A 1 16 ? 0.937   -10.818 14.383  1.00 40.89 ? 11  LYS A CE   1 
ATOM   179  N  NZ   . LYS A 1 16 ? 1.864   -9.828  14.984  1.00 51.74 ? 11  LYS A NZ   1 
ATOM   180  H  H    . LYS A 1 16 ? -2.427  -10.483 11.055  1.00 18.09 ? 11  LYS A H    1 
ATOM   181  H  HA   . LYS A 1 16 ? -0.102  -9.281  10.948  1.00 18.64 ? 11  LYS A HA   1 
ATOM   182  H  HB2  . LYS A 1 16 ? -0.737  -11.959 10.306  1.00 20.17 ? 11  LYS A HB2  1 
ATOM   183  H  HB3  . LYS A 1 16 ? 0.760   -11.428 10.352  1.00 20.17 ? 11  LYS A HB3  1 
ATOM   184  H  HG2  . LYS A 1 16 ? -0.899  -11.348 12.629  1.00 21.49 ? 11  LYS A HG2  1 
ATOM   185  H  HG3  . LYS A 1 16 ? 0.069   -12.578 12.337  1.00 21.49 ? 11  LYS A HG3  1 
ATOM   186  H  HD2  . LYS A 1 16 ? 1.917   -11.331 12.675  1.00 31.78 ? 11  LYS A HD2  1 
ATOM   187  H  HD3  . LYS A 1 16 ? 1.109   -9.968  12.542  1.00 31.78 ? 11  LYS A HD3  1 
ATOM   188  H  HE2  . LYS A 1 16 ? 0.030   -10.557 14.606  1.00 49.06 ? 11  LYS A HE2  1 
ATOM   189  H  HE3  . LYS A 1 16 ? 1.138   -11.688 14.759  1.00 49.06 ? 11  LYS A HE3  1 
ATOM   190  H  HZ1  . LYS A 1 16 ? 1.759   -9.811  15.868  1.00 62.09 ? 11  LYS A HZ1  1 
ATOM   191  H  HZ2  . LYS A 1 16 ? 2.705   -10.048 14.797  1.00 62.09 ? 11  LYS A HZ2  1 
ATOM   192  H  HZ3  . LYS A 1 16 ? 1.696   -9.017  14.658  1.00 62.09 ? 11  LYS A HZ3  1 
ATOM   193  N  N    . GLN A 1 17 ? -1.300  -10.024 8.077   1.00 15.51 ? 12  GLN A N    1 
ATOM   194  C  CA   . GLN A 1 17 ? -1.185  -9.662  6.662   1.00 15.47 ? 12  GLN A CA   1 
ATOM   195  C  C    . GLN A 1 17 ? -1.285  -8.153  6.456   1.00 14.30 ? 12  GLN A C    1 
ATOM   196  O  O    . GLN A 1 17 ? -0.561  -7.599  5.622   1.00 15.14 ? 12  GLN A O    1 
ATOM   197  C  CB   . GLN A 1 17 ? -2.276  -10.350 5.833   1.00 15.41 ? 12  GLN A CB   1 
ATOM   198  C  CG   . GLN A 1 17 ? -2.140  -11.867 5.767   1.00 16.64 ? 12  GLN A CG   1 
ATOM   199  C  CD   . GLN A 1 17 ? -3.237  -12.435 4.997   1.00 16.23 ? 12  GLN A CD   1 
ATOM   200  O  OE1  . GLN A 1 17 ? -3.649  -11.912 3.952   1.00 19.49 ? 12  GLN A OE1  1 
ATOM   201  N  NE2  . GLN A 1 17 ? -3.798  -13.490 5.531   1.00 17.34 ? 12  GLN A NE2  1 
ATOM   202  H  H    . GLN A 1 17 ? -1.964  -10.534 8.270   1.00 18.62 ? 12  GLN A H    1 
ATOM   203  H  HA   . GLN A 1 17 ? -0.323  -9.956  6.329   1.00 18.57 ? 12  GLN A HA   1 
ATOM   204  H  HB2  . GLN A 1 17 ? -3.139  -10.147 6.224   1.00 18.49 ? 12  GLN A HB2  1 
ATOM   205  H  HB3  . GLN A 1 17 ? -2.239  -10.010 4.925   1.00 18.49 ? 12  GLN A HB3  1 
ATOM   206  H  HG2  . GLN A 1 17 ? -1.305  -12.100 5.332   1.00 19.97 ? 12  GLN A HG2  1 
ATOM   207  H  HG3  . GLN A 1 17 ? -2.169  -12.235 6.664   1.00 19.97 ? 12  GLN A HG3  1 
ATOM   208  H  HE21 . GLN A 1 17 ? -3.511  -13.795 6.282   1.00 20.80 ? 12  GLN A HE21 1 
ATOM   209  H  HE22 . GLN A 1 17 ? -4.453  -13.878 5.131   1.00 20.80 ? 12  GLN A HE22 1 
ATOM   210  N  N    . LEU A 1 18 ? -2.205  -7.497  7.171   1.00 15.26 ? 13  LEU A N    1 
ATOM   211  C  CA   . LEU A 1 18 ? -2.358  -6.064  7.049   1.00 14.50 ? 13  LEU A CA   1 
ATOM   212  C  C    . LEU A 1 18 ? -1.115  -5.342  7.497   1.00 15.07 ? 13  LEU A C    1 
ATOM   213  O  O    . LEU A 1 18 ? -0.656  -4.393  6.856   1.00 15.50 ? 13  LEU A O    1 
ATOM   214  C  CB   . LEU A 1 18 ? -3.577  -5.612  7.875   1.00 14.34 ? 13  LEU A CB   1 
ATOM   215  C  CG   . LEU A 1 18 ? -3.887  -4.126  7.841   1.00 14.39 ? 13  LEU A CG   1 
ATOM   216  C  CD1  . LEU A 1 18 ? -3.973  -3.579  6.431   1.00 15.37 ? 13  LEU A CD1  1 
ATOM   217  C  CD2  . LEU A 1 18 ? -5.182  -3.854  8.567   1.00 15.12 ? 13  LEU A CD2  1 
ATOM   218  H  H    . LEU A 1 18 ? -2.745  -7.867  7.729   1.00 18.31 ? 13  LEU A H    1 
ATOM   219  H  HA   . LEU A 1 18 ? -2.522  -5.840  6.120   1.00 17.40 ? 13  LEU A HA   1 
ATOM   220  H  HB2  . LEU A 1 18 ? -4.360  -6.079  7.544   1.00 17.21 ? 13  LEU A HB2  1 
ATOM   221  H  HB3  . LEU A 1 18 ? -3.424  -5.855  8.801   1.00 17.21 ? 13  LEU A HB3  1 
ATOM   222  H  HG   . LEU A 1 18 ? -3.180  -3.649  8.302   1.00 17.27 ? 13  LEU A HG   1 
ATOM   223  H  HD11 . LEU A 1 18 ? -4.172  -2.631  6.472   1.00 18.45 ? 13  LEU A HD11 1 
ATOM   224  H  HD12 . LEU A 1 18 ? -3.123  -3.720  5.985   1.00 18.45 ? 13  LEU A HD12 1 
ATOM   225  H  HD13 . LEU A 1 18 ? -4.678  -4.046  5.954   1.00 18.45 ? 13  LEU A HD13 1 
ATOM   226  H  HD21 . LEU A 1 18 ? -5.366  -2.903  8.537   1.00 18.15 ? 13  LEU A HD21 1 
ATOM   227  H  HD22 . LEU A 1 18 ? -5.897  -4.344  8.132   1.00 18.15 ? 13  LEU A HD22 1 
ATOM   228  H  HD23 . LEU A 1 18 ? -5.093  -4.145  9.489   1.00 18.15 ? 13  LEU A HD23 1 
ATOM   229  N  N    . GLU A 1 19 ? -0.522  -5.808  8.579   1.00 15.40 ? 14  GLU A N    1 
ATOM   230  C  CA   . GLU A 1 19 ? 0.732   -5.200  9.080   1.00 16.13 ? 14  GLU A CA   1 
ATOM   231  C  C    . GLU A 1 19 ? 1.848   -5.320  8.066   1.00 15.94 ? 14  GLU A C    1 
ATOM   232  O  O    . GLU A 1 19 ? 2.575   -4.374  7.801   1.00 16.31 ? 14  GLU A O    1 
ATOM   233  C  CB   . GLU A 1 19 ? 1.144   -5.817  10.427  1.00 15.82 ? 14  GLU A CB   1 
ATOM   234  C  CG   . GLU A 1 19 ? 0.184   -5.445  11.520  1.00 18.77 ? 14  GLU A CG   1 
ATOM   235  C  CD   . GLU A 1 19 ? 0.268   -6.273  12.810  1.00 20.24 ? 14  GLU A CD   1 
ATOM   236  O  OE1  . GLU A 1 19 ? 0.634   -7.461  12.789  1.00 21.46 ? 14  GLU A OE1  1 
ATOM   237  O  OE2  . GLU A 1 19 ? -0.116  -5.722  13.871  1.00 34.10 ? 14  GLU A OE2  1 
ATOM   238  H  H    . GLU A 1 19 ? -0.809  -6.469  9.049   1.00 18.48 ? 14  GLU A H    1 
ATOM   239  H  HA   . GLU A 1 19 ? 0.575   -4.254  9.230   1.00 19.35 ? 14  GLU A HA   1 
ATOM   240  H  HB2  . GLU A 1 19 ? 1.153   -6.784  10.347  1.00 18.98 ? 14  GLU A HB2  1 
ATOM   241  H  HB3  . GLU A 1 19 ? 2.024   -5.492  10.673  1.00 18.98 ? 14  GLU A HB3  1 
ATOM   242  H  HG2  . GLU A 1 19 ? 0.343   -4.518  11.762  1.00 22.53 ? 14  GLU A HG2  1 
ATOM   243  H  HG3  . GLU A 1 19 ? -0.719  -5.537  11.177  1.00 22.53 ? 14  GLU A HG3  1 
ATOM   244  N  N    . ARG A 1 20 ? 1.957   -6.486  7.477   1.00 15.58 ? 15  ARG A N    1 
ATOM   245  C  CA   . ARG A 1 20 ? 2.992   -6.737  6.512   1.00 17.06 ? 15  ARG A CA   1 
ATOM   246  C  C    . ARG A 1 20 ? 2.791   -5.860  5.278   1.00 15.78 ? 15  ARG A C    1 
ATOM   247  O  O    . ARG A 1 20 ? 3.718   -5.250  4.768   1.00 16.05 ? 15  ARG A O    1 
ATOM   248  C  CB   . ARG A 1 20 ? 2.987   -8.231  6.150   1.00 17.33 ? 15  ARG A CB   1 
ATOM   249  C  CG   . ARG A 1 20 ? 4.073   -8.625  5.169   1.00 18.23 ? 15  ARG A CG   1 
ATOM   250  C  CD   . ARG A 1 20 ? 4.023   -10.079 4.802   1.00 25.17 ? 15  ARG A CD   1 
ATOM   251  N  NE   . ARG A 1 20 ? 5.164   -10.435 3.945   1.00 29.62 ? 15  ARG A NE   1 
ATOM   252  C  CZ   . ARG A 1 20 ? 5.136   -11.366 2.995   1.00 53.68 ? 15  ARG A CZ   1 
ATOM   253  N  NH1  . ARG A 1 20 ? 4.022   -12.038 2.750   1.00 27.60 ? 15  ARG A NH1  1 
ATOM   254  N  NH2  . ARG A 1 20 ? 6.228   -11.623 2.275   1.00 39.82 ? 15  ARG A NH2  1 
ATOM   255  H  H    . ARG A 1 20 ? 1.437   -7.155  7.622   1.00 18.69 ? 15  ARG A H    1 
ATOM   256  H  HA   . ARG A 1 20 ? 3.853   -6.521  6.901   1.00 20.47 ? 15  ARG A HA   1 
ATOM   257  H  HB2  . ARG A 1 20 ? 3.117   -8.748  6.960   1.00 20.80 ? 15  ARG A HB2  1 
ATOM   258  H  HB3  . ARG A 1 20 ? 2.133   -8.454  5.750   1.00 20.80 ? 15  ARG A HB3  1 
ATOM   259  H  HG2  . ARG A 1 20 ? 3.967   -8.107  4.356   1.00 21.87 ? 15  ARG A HG2  1 
ATOM   260  H  HG3  . ARG A 1 20 ? 4.938   -8.447  5.567   1.00 21.87 ? 15  ARG A HG3  1 
ATOM   261  H  HD2  . ARG A 1 20 ? 4.066   -10.618 5.607   1.00 30.20 ? 15  ARG A HD2  1 
ATOM   262  H  HD3  . ARG A 1 20 ? 3.205   -10.261 4.315   1.00 30.20 ? 15  ARG A HD3  1 
ATOM   263  H  HE   . ARG A 1 20 ? 5.901   -10.011 4.066   1.00 35.55 ? 15  ARG A HE   1 
ATOM   264  H  HH11 . ARG A 1 20 ? 3.314   -11.879 3.212   1.00 33.12 ? 15  ARG A HH11 1 
ATOM   265  H  HH12 . ARG A 1 20 ? 4.007   -12.637 2.133   1.00 33.12 ? 15  ARG A HH12 1 
ATOM   266  H  HH21 . ARG A 1 20 ? 6.954   -11.188 2.425   1.00 47.79 ? 15  ARG A HH21 1 
ATOM   267  H  HH22 . ARG A 1 20 ? 6.205   -12.221 1.657   1.00 47.79 ? 15  ARG A HH22 1 
ATOM   268  N  N    . ALA A 1 21 ? 1.564   -5.787  4.797   1.00 14.92 ? 16  ALA A N    1 
ATOM   269  C  CA   . ALA A 1 21 ? 1.279   -4.987  3.614   1.00 15.54 ? 16  ALA A CA   1 
ATOM   270  C  C    . ALA A 1 21 ? 1.530   -3.524  3.902   1.00 15.75 ? 16  ALA A C    1 
ATOM   271  O  O    . ALA A 1 21 ? 1.945   -2.787  3.015   1.00 16.08 ? 16  ALA A O    1 
ATOM   272  C  CB   . ALA A 1 21 ? -0.150  -5.215  3.131   1.00 15.61 ? 16  ALA A CB   1 
ATOM   273  H  H    . ALA A 1 21 ? 0.881   -6.188  5.131   1.00 17.90 ? 16  ALA A H    1 
ATOM   274  H  HA   . ALA A 1 21 ? 1.878   -5.256  2.901   1.00 18.65 ? 16  ALA A HA   1 
ATOM   275  H  HB1  . ALA A 1 21 ? -0.308  -4.668  2.344   1.00 18.73 ? 16  ALA A HB1  1 
ATOM   276  H  HB2  . ALA A 1 21 ? -0.263  -6.152  2.910   1.00 18.73 ? 16  ALA A HB2  1 
ATOM   277  H  HB3  . ALA A 1 21 ? -0.766  -4.965  3.837   1.00 18.73 ? 16  ALA A HB3  1 
ATOM   278  N  N    . LEU A 1 22 ? 1.222   -3.070  5.107   1.00 15.60 ? 17  LEU A N    1 
ATOM   279  C  CA   . LEU A 1 22 ? 1.458   -1.656  5.439   1.00 15.59 ? 17  LEU A CA   1 
ATOM   280  C  C    . LEU A 1 22 ? 2.951   -1.376  5.532   1.00 15.89 ? 17  LEU A C    1 
ATOM   281  O  O    . LEU A 1 22 ? 3.364   -0.242  5.237   1.00 16.49 ? 17  LEU A O    1 
ATOM   282  C  CB   . LEU A 1 22 ? 0.736   -1.248  6.714   1.00 16.34 ? 17  LEU A CB   1 
ATOM   283  C  CG   . LEU A 1 22 ? -0.757  -1.012  6.514   1.00 16.70 ? 17  LEU A CG   1 
ATOM   284  C  CD1  . LEU A 1 22 ? -1.495  -0.850  7.811   1.00 20.39 ? 17  LEU A CD1  1 
ATOM   285  C  CD2  . LEU A 1 22 ? -1.054  0.193   5.588   1.00 19.60 ? 17  LEU A CD2  1 
ATOM   286  H  H    . LEU A 1 22 ? 0.881   -3.540  5.742   1.00 18.72 ? 17  LEU A H    1 
ATOM   287  H  HA   . LEU A 1 22 ? 1.105   -1.110  4.719   1.00 18.71 ? 17  LEU A HA   1 
ATOM   288  H  HB2  . LEU A 1 22 ? 0.840   -1.952  7.373   1.00 19.61 ? 17  LEU A HB2  1 
ATOM   289  H  HB3  . LEU A 1 22 ? 1.127   -0.424  7.047   1.00 19.61 ? 17  LEU A HB3  1 
ATOM   290  H  HG   . LEU A 1 22 ? -1.125  -1.797  6.079   1.00 20.04 ? 17  LEU A HG   1 
ATOM   291  H  HD11 . LEU A 1 22 ? -2.435  -0.703  7.621   1.00 24.46 ? 17  LEU A HD11 1 
ATOM   292  H  HD12 . LEU A 1 22 ? -1.385  -1.657  8.337   1.00 24.46 ? 17  LEU A HD12 1 
ATOM   293  H  HD13 . LEU A 1 22 ? -1.131  -0.090  8.288   1.00 24.46 ? 17  LEU A HD13 1 
ATOM   294  H  HD21 . LEU A 1 22 ? -2.015  0.294   5.499   1.00 23.52 ? 17  LEU A HD21 1 
ATOM   295  H  HD22 . LEU A 1 22 ? -0.672  0.994   5.980   1.00 23.52 ? 17  LEU A HD22 1 
ATOM   296  H  HD23 . LEU A 1 22 ? -0.656  0.028   4.719   1.00 23.52 ? 17  LEU A HD23 1 
ATOM   297  N  N    . ARG A 1 23 ? 3.782   -2.359  5.926   1.00 16.34 ? 18  ARG A N    1 
ATOM   298  C  CA   . ARG A 1 23 ? 5.228   -2.131  5.875   1.00 16.65 ? 18  ARG A CA   1 
ATOM   299  C  C    . ARG A 1 23 ? 5.658   -1.952  4.420   1.00 17.27 ? 18  ARG A C    1 
ATOM   300  O  O    . ARG A 1 23 ? 6.472   -1.065  4.126   1.00 17.64 ? 18  ARG A O    1 
ATOM   301  C  CB   . ARG A 1 23 ? 6.027   -3.259  6.514   1.00 17.76 ? 18  ARG A CB   1 
ATOM   302  C  CG   . ARG A 1 23 ? 5.870   -3.359  8.007   1.00 19.76 ? 18  ARG A CG   1 
ATOM   303  C  CD   . ARG A 1 23 ? 6.838   -4.358  8.702   1.00 22.93 ? 18  ARG A CD   1 
ATOM   304  N  NE   . ARG A 1 23 ? 6.732   -5.733  8.204   1.00 23.06 ? 18  ARG A NE   1 
ATOM   305  C  CZ   . ARG A 1 23 ? 5.886   -6.655  8.671   1.00 30.03 ? 18  ARG A CZ   1 
ATOM   306  N  NH1  . ARG A 1 23 ? 5.065   -6.377  9.667   1.00 25.72 ? 18  ARG A NH1  1 
ATOM   307  N  NH2  . ARG A 1 23 ? 5.873   -7.870  8.151   1.00 28.34 ? 18  ARG A NH2  1 
ATOM   308  H  H    . ARG A 1 23 ? 3.540   -3.133  6.215   1.00 19.61 ? 18  ARG A H    1 
ATOM   309  H  HA   . ARG A 1 23 ? 5.434   -1.312  6.352   1.00 19.98 ? 18  ARG A HA   1 
ATOM   310  H  HB2  . ARG A 1 23 ? 5.737   -4.102  6.130   1.00 21.31 ? 18  ARG A HB2  1 
ATOM   311  H  HB3  . ARG A 1 23 ? 6.967   -3.120  6.324   1.00 21.31 ? 18  ARG A HB3  1 
ATOM   312  H  HG2  . ARG A 1 23 ? 6.028   -2.482  8.392   1.00 23.72 ? 18  ARG A HG2  1 
ATOM   313  H  HG3  . ARG A 1 23 ? 4.965   -3.643  8.204   1.00 23.72 ? 18  ARG A HG3  1 
ATOM   314  H  HD2  . ARG A 1 23 ? 7.750   -4.061  8.559   1.00 27.52 ? 18  ARG A HD2  1 
ATOM   315  H  HD3  . ARG A 1 23 ? 6.641   -4.371  9.652   1.00 27.52 ? 18  ARG A HD3  1 
ATOM   316  H  HE   . ARG A 1 23 ? 7.254   -5.964  7.562   1.00 27.67 ? 18  ARG A HE   1 
ATOM   317  H  HH11 . ARG A 1 23 ? 5.063   -5.591  10.016  1.00 30.86 ? 18  ARG A HH11 1 
ATOM   318  H  HH12 . ARG A 1 23 ? 4.527   -6.979  9.961   1.00 30.86 ? 18  ARG A HH12 1 
ATOM   319  H  HH21 . ARG A 1 23 ? 6.404   -8.066  7.504   1.00 34.01 ? 18  ARG A HH21 1 
ATOM   320  H  HH22 . ARG A 1 23 ? 5.330   -8.463  8.457   1.00 34.01 ? 18  ARG A HH22 1 
ATOM   321  N  N    . GLU A 1 24 ? 5.137   -2.768  3.513   1.00 15.92 ? 19  GLU A N    1 
ATOM   322  C  CA   . GLU A 1 24 ? 5.410   -2.617  2.081   1.00 16.51 ? 19  GLU A CA   1 
ATOM   323  C  C    . GLU A 1 24 ? 4.929   -1.260  1.542   1.00 15.13 ? 19  GLU A C    1 
ATOM   324  O  O    . GLU A 1 24 ? 5.602   -0.615  0.764   1.00 16.22 ? 19  GLU A O    1 
ATOM   325  C  CB   . GLU A 1 24 ? 4.723   -3.759  1.311   1.00 17.25 ? 19  GLU A CB   1 
ATOM   326  C  CG   . GLU A 1 24 ? 5.307   -5.114  1.650   1.00 19.12 ? 19  GLU A CG   1 
ATOM   327  C  CD   . GLU A 1 24 ? 4.493   -6.307  1.184   1.00 25.85 ? 19  GLU A CD   1 
ATOM   328  O  OE1  . GLU A 1 24 ? 3.574   -6.138  0.362   1.00 26.86 ? 19  GLU A OE1  1 
ATOM   329  O  OE2  . GLU A 1 24 ? 4.795   -7.437  1.645   1.00 31.89 ? 19  GLU A OE2  1 
ATOM   330  H  H    . GLU A 1 24 ? 4.615   -3.426  3.699   1.00 19.10 ? 19  GLU A H    1 
ATOM   331  H  HA   . GLU A 1 24 ? 6.366   -2.681  1.930   1.00 19.82 ? 19  GLU A HA   1 
ATOM   332  H  HB2  . GLU A 1 24 ? 3.779   -3.771  1.536   1.00 20.70 ? 19  GLU A HB2  1 
ATOM   333  H  HB3  . GLU A 1 24 ? 4.835   -3.611  0.359   1.00 20.70 ? 19  GLU A HB3  1 
ATOM   334  H  HG2  . GLU A 1 24 ? 6.184   -5.182  1.240   1.00 22.95 ? 19  GLU A HG2  1 
ATOM   335  H  HG3  . GLU A 1 24 ? 5.394   -5.179  2.614   1.00 22.95 ? 19  GLU A HG3  1 
ATOM   336  N  N    . LEU A 1 25 ? 3.739   -0.844  1.966   1.00 15.55 ? 20  LEU A N    1 
ATOM   337  C  CA   . LEU A 1 25 ? 3.180   0.428   1.526   1.00 14.65 ? 20  LEU A CA   1 
ATOM   338  C  C    . LEU A 1 25 ? 4.035   1.589   1.986   1.00 15.25 ? 20  LEU A C    1 
ATOM   339  O  O    . LEU A 1 25 ? 4.227   2.568   1.232   1.00 15.76 ? 20  LEU A O    1 
ATOM   340  C  CB   . LEU A 1 25 ? 1.756   0.533   2.049   1.00 15.23 ? 20  LEU A CB   1 
ATOM   341  C  CG   . LEU A 1 25 ? 0.987   1.787   1.545   1.00 14.60 ? 20  LEU A CG   1 
ATOM   342  C  CD1  . LEU A 1 25 ? 0.973   1.981   0.020   1.00 15.32 ? 20  LEU A CD1  1 
ATOM   343  C  CD2  . LEU A 1 25 ? -0.392  1.786   2.037   1.00 15.91 ? 20  LEU A CD2  1 
ATOM   344  H  H    . LEU A 1 25 ? 3.235   -1.282  2.509   1.00 18.66 ? 20  LEU A H    1 
ATOM   345  H  HA   . LEU A 1 25 ? 3.147   0.442   0.557   1.00 17.58 ? 20  LEU A HA   1 
ATOM   346  H  HB2  . LEU A 1 25 ? 1.261   -0.251  1.766   1.00 18.28 ? 20  LEU A HB2  1 
ATOM   347  H  HB3  . LEU A 1 25 ? 1.782   0.572   3.018   1.00 18.28 ? 20  LEU A HB3  1 
ATOM   348  H  HG   . LEU A 1 25 ? 1.419   2.569   1.922   1.00 17.52 ? 20  LEU A HG   1 
ATOM   349  H  HD11 . LEU A 1 25 ? 0.471   2.785   -0.189  1.00 18.38 ? 20  LEU A HD11 1 
ATOM   350  H  HD12 . LEU A 1 25 ? 1.885   2.069   -0.296  1.00 18.38 ? 20  LEU A HD12 1 
ATOM   351  H  HD13 . LEU A 1 25 ? 0.551   1.211   -0.393  1.00 18.38 ? 20  LEU A HD13 1 
ATOM   352  H  HD21 . LEU A 1 25 ? -0.845  2.578   1.707   1.00 19.09 ? 20  LEU A HD21 1 
ATOM   353  H  HD22 . LEU A 1 25 ? -0.842  0.989   1.716   1.00 19.09 ? 20  LEU A HD22 1 
ATOM   354  H  HD23 . LEU A 1 25 ? -0.380  1.791   3.007   1.00 19.09 ? 20  LEU A HD23 1 
ATOM   355  N  N    . LYS A 1 26 ? 4.577   1.497   3.197   1.00 16.36 ? 21  LYS A N    1 
ATOM   356  C  CA   . LYS A 1 26 ? 5.413   2.591   3.711   1.00 17.99 ? 21  LYS A CA   1 
ATOM   357  C  C    . LYS A 1 26 ? 6.710   2.688   2.911   1.00 16.42 ? 21  LYS A C    1 
ATOM   358  O  O    . LYS A 1 26 ? 7.188   3.761   2.564   1.00 16.75 ? 21  LYS A O    1 
ATOM   359  C  CB   . LYS A 1 26 ? 5.721   2.342   5.185   1.00 18.80 ? 21  LYS A CB   1 
ATOM   360  C  CG   . LYS A 1 26 ? 6.628   3.411   5.796   1.00 24.62 ? 21  LYS A CG   1 
ATOM   361  C  CD   . LYS A 1 26 ? 6.928   3.112   7.257   1.00 39.39 ? 21  LYS A CD   1 
ATOM   362  C  CE   . LYS A 1 26 ? 8.018   4.039   7.788   1.00 73.38 ? 21  LYS A CE   1 
ATOM   363  N  NZ   . LYS A 1 26 ? 7.659   5.482   7.629   1.00 60.74 ? 21  LYS A NZ   1 
ATOM   364  H  H    . LYS A 1 26 ? 4.482   0.832   3.734   1.00 19.63 ? 21  LYS A H    1 
ATOM   365  H  HA   . LYS A 1 26 ? 4.936   3.432   3.631   1.00 21.58 ? 21  LYS A HA   1 
ATOM   366  H  HB2  . LYS A 1 26 ? 4.889   2.335   5.683   1.00 22.56 ? 21  LYS A HB2  1 
ATOM   367  H  HB3  . LYS A 1 26 ? 6.167   1.485   5.273   1.00 22.56 ? 21  LYS A HB3  1 
ATOM   368  H  HG2  . LYS A 1 26 ? 7.467   3.433   5.311   1.00 29.55 ? 21  LYS A HG2  1 
ATOM   369  H  HG3  . LYS A 1 26 ? 6.186   4.273   5.745   1.00 29.55 ? 21  LYS A HG3  1 
ATOM   370  H  HD2  . LYS A 1 26 ? 6.126   3.249   7.786   1.00 47.27 ? 21  LYS A HD2  1 
ATOM   371  H  HD3  . LYS A 1 26 ? 7.237   2.197   7.342   1.00 47.27 ? 21  LYS A HD3  1 
ATOM   372  H  HE2  . LYS A 1 26 ? 8.152   3.863   8.733   1.00 88.06 ? 21  LYS A HE2  1 
ATOM   373  H  HE3  . LYS A 1 26 ? 8.839   3.877   7.298   1.00 88.06 ? 21  LYS A HE3  1 
ATOM   374  H  HZ1  . LYS A 1 26 ? 8.313   5.995   7.947   1.00 72.89 ? 21  LYS A HZ1  1 
ATOM   375  H  HZ2  . LYS A 1 26 ? 7.535   5.672   6.769   1.00 72.89 ? 21  LYS A HZ2  1 
ATOM   376  H  HZ3  . LYS A 1 26 ? 6.909   5.659   8.075   1.00 72.89 ? 21  LYS A HZ3  1 
ATOM   377  N  N    . LYS A 1 27 ? 7.305   1.560   2.605   1.00 16.68 ? 22  LYS A N    1 
ATOM   378  C  CA   . LYS A 1 27 ? 8.502   1.561   1.744   1.00 17.10 ? 22  LYS A CA   1 
ATOM   379  C  C    . LYS A 1 27 ? 8.213   2.172   0.367   1.00 16.37 ? 22  LYS A C    1 
ATOM   380  O  O    . LYS A 1 27 ? 8.995   2.992   -0.140  1.00 17.04 ? 22  LYS A O    1 
ATOM   381  C  CB   . LYS A 1 27 ? 9.023   0.131   1.565   1.00 18.07 ? 22  LYS A CB   1 
ATOM   382  C  CG   . LYS A 1 27 ? 10.339  0.002   0.829   1.00 35.31 ? 22  LYS A CG   1 
ATOM   383  C  CD   . LYS A 1 27 ? 10.720  -1.467  0.682   1.00 40.02 ? 22  LYS A CD   1 
ATOM   384  C  CE   . LYS A 1 27 ? 11.924  -1.643  -0.227  1.00 64.43 ? 22  LYS A CE   1 
ATOM   385  N  NZ   . LYS A 1 27 ? 12.089  -3.063  -0.659  1.00 51.94 ? 22  LYS A NZ   1 
ATOM   386  H  H    . LYS A 1 27 ? 7.053   0.781   2.870   1.00 20.02 ? 22  LYS A H    1 
ATOM   387  H  HA   . LYS A 1 27 ? 9.199   2.086   2.169   1.00 20.52 ? 22  LYS A HA   1 
ATOM   388  H  HB2  . LYS A 1 27 ? 9.141   -0.264  2.442   1.00 21.69 ? 22  LYS A HB2  1 
ATOM   389  H  HB3  . LYS A 1 27 ? 8.361   -0.376  1.069   1.00 21.69 ? 22  LYS A HB3  1 
ATOM   390  H  HG2  . LYS A 1 27 ? 10.254  0.387   -0.057  1.00 42.37 ? 22  LYS A HG2  1 
ATOM   391  H  HG3  . LYS A 1 27 ? 11.036  0.452   1.330   1.00 42.37 ? 22  LYS A HG3  1 
ATOM   392  H  HD2  . LYS A 1 27 ? 10.943  -1.828  1.555   1.00 48.03 ? 22  LYS A HD2  1 
ATOM   393  H  HD3  . LYS A 1 27 ? 9.975   -1.954  0.298   1.00 48.03 ? 22  LYS A HD3  1 
ATOM   394  H  HE2  . LYS A 1 27 ? 11.807  -1.097  -1.021  1.00 77.31 ? 22  LYS A HE2  1 
ATOM   395  H  HE3  . LYS A 1 27 ? 12.726  -1.375  0.248   1.00 77.31 ? 22  LYS A HE3  1 
ATOM   396  H  HZ1  . LYS A 1 27 ? 12.800  -3.139  -1.191  1.00 62.32 ? 22  LYS A HZ1  1 
ATOM   397  H  HZ2  . LYS A 1 27 ? 12.203  -3.586  0.052   1.00 62.32 ? 22  LYS A HZ2  1 
ATOM   398  H  HZ3  . LYS A 1 27 ? 11.367  -3.332  -1.103  1.00 62.32 ? 22  LYS A HZ3  1 
ATOM   399  N  N    . SER A 1 28 ? 7.051   1.836   -0.186  1.00 15.61 ? 23  SER A N    1 
ATOM   400  C  CA   . SER A 1 28 ? 6.624   2.413   -1.453  1.00 14.80 ? 23  SER A CA   1 
ATOM   401  C  C    . SER A 1 28 ? 6.444   3.917   -1.318  1.00 14.97 ? 23  SER A C    1 
ATOM   402  O  O    . SER A 1 28 ? 6.857   4.679   -2.185  1.00 15.38 ? 23  SER A O    1 
ATOM   403  C  CB   . SER A 1 28 ? 5.396   1.708   -1.955  1.00 14.96 ? 23  SER A CB   1 
ATOM   404  O  OG   . SER A 1 28 ? 4.700   2.440   -2.928  1.00 15.68 ? 23  SER A OG   1 
ATOM   405  H  H    . SER A 1 28 ? 6.493   1.276   0.154   1.00 18.73 ? 23  SER A H    1 
ATOM   406  H  HA   . SER A 1 28 ? 7.327   2.266   -2.106  1.00 17.75 ? 23  SER A HA   1 
ATOM   407  H  HB2  . SER A 1 28 ? 5.664   0.859   -2.341  1.00 17.95 ? 23  SER A HB2  1 
ATOM   408  H  HB3  . SER A 1 28 ? 4.802   1.550   -1.205  1.00 17.95 ? 23  SER A HB3  1 
ATOM   409  H  HG   . SER A 1 28 ? 5.195   2.581   -3.591  1.00 18.82 ? 23  SER A HG   1 
ATOM   410  N  N    . LEU A 1 29 ? 5.777   4.365   -0.263  1.00 14.86 ? 24  LEU A N    1 
ATOM   411  C  CA   . LEU A 1 29 ? 5.531   5.783   -0.084  1.00 15.28 ? 24  LEU A CA   1 
ATOM   412  C  C    . LEU A 1 29 ? 6.871   6.534   0.037   1.00 15.93 ? 24  LEU A C    1 
ATOM   413  O  O    . LEU A 1 29 ? 7.059   7.595   -0.489  1.00 15.50 ? 24  LEU A O    1 
ATOM   414  C  CB   . LEU A 1 29 ? 4.685   6.007   1.163   1.00 14.99 ? 24  LEU A CB   1 
ATOM   415  C  CG   . LEU A 1 29 ? 4.376   7.488   1.464   1.00 16.24 ? 24  LEU A CG   1 
ATOM   416  C  CD1  . LEU A 1 29 ? 3.563   8.116   0.390   1.00 18.30 ? 24  LEU A CD1  1 
ATOM   417  C  CD2  . LEU A 1 29 ? 3.696   7.639   2.773   1.00 18.30 ? 24  LEU A CD2  1 
ATOM   418  H  H    . LEU A 1 29 ? 5.457   3.868   0.362   1.00 17.83 ? 24  LEU A H    1 
ATOM   419  H  HA   . LEU A 1 29 ? 5.049   6.129   -0.852  1.00 18.34 ? 24  LEU A HA   1 
ATOM   420  H  HB2  . LEU A 1 29 ? 3.838   5.547   1.051   1.00 17.99 ? 24  LEU A HB2  1 
ATOM   421  H  HB3  . LEU A 1 29 ? 5.156   5.643   1.928   1.00 17.99 ? 24  LEU A HB3  1 
ATOM   422  H  HG   . LEU A 1 29 ? 5.215   7.973   1.514   1.00 19.49 ? 24  LEU A HG   1 
ATOM   423  H  HD11 . LEU A 1 29 ? 3.394   9.042   0.622   1.00 21.95 ? 24  LEU A HD11 1 
ATOM   424  H  HD12 . LEU A 1 29 ? 4.053   8.068   -0.445  1.00 21.95 ? 24  LEU A HD12 1 
ATOM   425  H  HD13 . LEU A 1 29 ? 2.723   7.637   0.310   1.00 21.95 ? 24  LEU A HD13 1 
ATOM   426  H  HD21 . LEU A 1 29 ? 3.518   8.580   2.929   1.00 21.96 ? 24  LEU A HD21 1 
ATOM   427  H  HD22 . LEU A 1 29 ? 2.863   7.143   2.755   1.00 21.96 ? 24  LEU A HD22 1 
ATOM   428  H  HD23 . LEU A 1 29 ? 4.274   7.291   3.470   1.00 21.96 ? 24  LEU A HD23 1 
ATOM   429  N  N    . ASP A 1 30 ? 7.825   5.945   0.730   1.00 16.18 ? 25  ASP A N    1 
ATOM   430  C  CA   . ASP A 1 30 ? 9.164   6.553   0.864   1.00 17.60 ? 25  ASP A CA   1 
ATOM   431  C  C    . ASP A 1 30 ? 9.846   6.719   -0.501  1.00 16.05 ? 25  ASP A C    1 
ATOM   432  O  O    . ASP A 1 30 ? 10.409  7.768   -0.815  1.00 17.03 ? 25  ASP A O    1 
ATOM   433  C  CB   . ASP A 1 30 ? 10.073  5.713   1.804   1.00 18.25 ? 25  ASP A CB   1 
ATOM   434  C  CG   . ASP A 1 30 ? 9.637   5.795   3.275   1.00 32.84 ? 25  ASP A CG   1 
ATOM   435  O  OD1  . ASP A 1 30 ? 8.778   6.636   3.621   1.00 26.96 ? 25  ASP A OD1  1 
ATOM   436  O  OD2  . ASP A 1 30 ? 10.172  5.013   4.096   1.00 40.72 ? 25  ASP A OD2  1 
ATOM   437  H  H    . ASP A 1 30 ? 7.737   5.193   1.138   1.00 19.41 ? 25  ASP A H    1 
ATOM   438  H  HA   . ASP A 1 30 ? 9.068   7.435   1.257   1.00 21.12 ? 25  ASP A HA   1 
ATOM   439  H  HB2  . ASP A 1 30 ? 10.037  4.784   1.531   1.00 21.90 ? 25  ASP A HB2  1 
ATOM   440  H  HB3  . ASP A 1 30 ? 10.983  6.044   1.741   1.00 21.90 ? 25  ASP A HB3  1 
ATOM   441  N  N    . GLU A 1 31 ? 9.749   5.694   -1.311  1.00 15.86 ? 26  GLU A N    1 
ATOM   442  C  CA   . GLU A 1 31 ? 10.314  5.741   -2.670  1.00 15.96 ? 26  GLU A CA   1 
ATOM   443  C  C    . GLU A 1 31 ? 9.625   6.818   -3.486  1.00 14.56 ? 26  GLU A C    1 
ATOM   444  O  O    . GLU A 1 31 ? 10.269  7.593   -4.208  1.00 16.36 ? 26  GLU A O    1 
ATOM   445  C  CB   . GLU A 1 31 ? 10.171  4.387   -3.380  1.00 17.56 ? 26  GLU A CB   1 
ATOM   446  C  CG   . GLU A 1 31 ? 11.031  3.278   -2.821  1.00 22.26 ? 26  GLU A CG   1 
ATOM   447  C  CD   . GLU A 1 31 ? 10.837  1.950   -3.548  1.00 43.11 ? 26  GLU A CD   1 
ATOM   448  O  OE1  . GLU A 1 31 ? 10.407  1.953   -4.734  1.00 35.86 ? 26  GLU A OE1  1 
ATOM   449  O  OE2  . GLU A 1 31 ? 11.141  0.906   -2.926  1.00 49.41 ? 26  GLU A OE2  1 
ATOM   450  H  H    . GLU A 1 31 ? 9.365   4.951   -1.114  1.00 19.03 ? 26  GLU A H    1 
ATOM   451  H  HA   . GLU A 1 31 ? 11.257  5.958   -2.617  1.00 19.15 ? 26  GLU A HA   1 
ATOM   452  H  HB2  . GLU A 1 31 ? 9.246   4.101   -3.315  1.00 21.08 ? 26  GLU A HB2  1 
ATOM   453  H  HB3  . GLU A 1 31 ? 10.411  4.500   -4.314  1.00 21.08 ? 26  GLU A HB3  1 
ATOM   454  H  HG2  . GLU A 1 31 ? 11.963  3.531   -2.904  1.00 26.71 ? 26  GLU A HG2  1 
ATOM   455  H  HG3  . GLU A 1 31 ? 10.804  3.144   -1.888  1.00 26.71 ? 26  GLU A HG3  1 
ATOM   456  N  N    . LEU A 1 32 ? 8.296   6.857   -3.364  1.00 15.10 ? 27  LEU A N    1 
ATOM   457  C  CA   . LEU A 1 32 ? 7.520   7.849   -4.080  1.00 14.55 ? 27  LEU A CA   1 
ATOM   458  C  C    . LEU A 1 32 ? 7.897   9.258   -3.649  1.00 15.02 ? 27  LEU A C    1 
ATOM   459  O  O    . LEU A 1 32 ? 8.060   10.131  -4.493  1.00 15.36 ? 27  LEU A O    1 
ATOM   460  C  CB   . LEU A 1 32 ? 6.028   7.587   -3.811  1.00 14.93 ? 27  LEU A CB   1 
ATOM   461  C  CG   . LEU A 1 32 ? 5.032   8.572   -4.402  1.00 14.42 ? 27  LEU A CG   1 
ATOM   462  C  CD1  . LEU A 1 32 ? 5.182   8.620   -5.949  1.00 14.97 ? 27  LEU A CD1  1 
ATOM   463  C  CD2  . LEU A 1 32 ? 3.593   8.170   -4.040  1.00 14.40 ? 27  LEU A CD2  1 
ATOM   464  H  H    . LEU A 1 32 ? 7.830   6.322   -2.877  1.00 18.13 ? 27  LEU A H    1 
ATOM   465  H  HA   . LEU A 1 32 ? 7.682   7.765   -5.033  1.00 17.46 ? 27  LEU A HA   1 
ATOM   466  H  HB2  . LEU A 1 32 ? 5.808   6.711   -4.167  1.00 17.91 ? 27  LEU A HB2  1 
ATOM   467  H  HB3  . LEU A 1 32 ? 5.891   7.583   -2.851  1.00 17.91 ? 27  LEU A HB3  1 
ATOM   468  H  HG   . LEU A 1 32 ? 5.203   9.459   -4.048  1.00 17.30 ? 27  LEU A HG   1 
ATOM   469  H  HD11 . LEU A 1 32 ? 4.541   9.252   -6.309  1.00 17.96 ? 27  LEU A HD11 1 
ATOM   470  H  HD12 . LEU A 1 32 ? 6.084   8.901   -6.169  1.00 17.96 ? 27  LEU A HD12 1 
ATOM   471  H  HD13 . LEU A 1 32 ? 5.014   7.736   -6.309  1.00 17.96 ? 27  LEU A HD13 1 
ATOM   472  H  HD21 . LEU A 1 32 ? 2.978   8.813   -4.428  1.00 17.28 ? 27  LEU A HD21 1 
ATOM   473  H  HD22 . LEU A 1 32 ? 3.414   7.285   -4.395  1.00 17.28 ? 27  LEU A HD22 1 
ATOM   474  H  HD23 . LEU A 1 32 ? 3.501   8.164   -3.075  1.00 17.28 ? 27  LEU A HD23 1 
ATOM   475  N  N    . GLU A 1 33 ? 8.003   9.515   -2.347  1.00 15.88 ? 28  GLU A N    1 
ATOM   476  C  CA   . GLU A 1 33 ? 8.370   10.814  -1.833  1.00 15.75 ? 28  GLU A CA   1 
ATOM   477  C  C    . GLU A 1 33 ? 9.791   11.212  -2.291  1.00 17.14 ? 28  GLU A C    1 
ATOM   478  O  O    . GLU A 1 33 ? 10.022  12.382  -2.640  1.00 17.54 ? 28  GLU A O    1 
ATOM   479  C  CB   . GLU A 1 33 ? 8.265   10.834  -0.302  1.00 17.17 ? 28  GLU A CB   1 
ATOM   480  C  CG   . GLU A 1 33 ? 6.847   10.726  0.222   1.00 15.48 ? 28  GLU A CG   1 
ATOM   481  C  CD   . GLU A 1 33 ? 6.094   11.986  0.159   1.00 16.32 ? 28  GLU A CD   1 
ATOM   482  O  OE1  . GLU A 1 33 ? 6.566   13.012  -0.369  1.00 19.02 ? 28  GLU A OE1  1 
ATOM   483  O  OE2  . GLU A 1 33 ? 4.926   11.964  0.639   1.00 18.27 ? 28  GLU A OE2  1 
ATOM   484  H  H    . GLU A 1 33 ? 7.862   8.931   -1.732  1.00 19.05 ? 28  GLU A H    1 
ATOM   485  H  HA   . GLU A 1 33 ? 7.750   11.474  -2.181  1.00 18.90 ? 28  GLU A HA   1 
ATOM   486  H  HB2  . GLU A 1 33 ? 8.770   10.086  0.055   1.00 20.61 ? 28  GLU A HB2  1 
ATOM   487  H  HB3  . GLU A 1 33 ? 8.638   11.668  0.026   1.00 20.61 ? 28  GLU A HB3  1 
ATOM   488  H  HG2  . GLU A 1 33 ? 6.368   10.068  -0.307  1.00 18.57 ? 28  GLU A HG2  1 
ATOM   489  H  HG3  . GLU A 1 33 ? 6.877   10.443  1.150   1.00 18.57 ? 28  GLU A HG3  1 
ATOM   490  N  N    . ARG A 1 34 ? 10.744  10.285  -2.303  1.00 16.08 ? 29  ARG A N    1 
ATOM   491  C  CA   . ARG A 1 34 ? 12.081  10.564  -2.817  1.00 16.44 ? 29  ARG A CA   1 
ATOM   492  C  C    . ARG A 1 34 ? 12.012  10.959  -4.280  1.00 17.26 ? 29  ARG A C    1 
ATOM   493  O  O    . ARG A 1 34 ? 12.677  11.908  -4.724  1.00 18.57 ? 29  ARG A O    1 
ATOM   494  C  CB   . ARG A 1 34 ? 13.013  9.363   -2.621  1.00 19.32 ? 29  ARG A CB   1 
ATOM   495  C  CG   . ARG A 1 34 ? 13.409  9.172   -1.150  1.00 22.42 ? 29  ARG A CG   1 
ATOM   496  C  CD   . ARG A 1 34 ? 14.634  8.260   -0.966  1.00 45.12 ? 29  ARG A CD   1 
ATOM   497  N  NE   . ARG A 1 34 ? 14.401  6.899   -1.453  1.00 37.70 ? 29  ARG A NE   1 
ATOM   498  C  CZ   . ARG A 1 34 ? 13.804  5.931   -0.756  1.00 39.27 ? 29  ARG A CZ   1 
ATOM   499  N  NH1  . ARG A 1 34 ? 13.375  6.157   0.481   1.00 38.88 ? 29  ARG A NH1  1 
ATOM   500  N  NH2  . ARG A 1 34 ? 13.638  4.727   -1.303  1.00 35.51 ? 29  ARG A NH2  1 
ATOM   501  H  H    . ARG A 1 34 ? 10.640  9.480   -2.017  1.00 19.30 ? 29  ARG A H    1 
ATOM   502  H  HA   . ARG A 1 34 ? 12.456  11.312  -2.325  1.00 19.73 ? 29  ARG A HA   1 
ATOM   503  H  HB2  . ARG A 1 34 ? 12.561  8.558   -2.919  1.00 23.18 ? 29  ARG A HB2  1 
ATOM   504  H  HB3  . ARG A 1 34 ? 13.823  9.501   -3.137  1.00 23.18 ? 29  ARG A HB3  1 
ATOM   505  H  HG2  . ARG A 1 34 ? 13.620  10.037  -0.766  1.00 26.90 ? 29  ARG A HG2  1 
ATOM   506  H  HG3  . ARG A 1 34 ? 12.664  8.771   -0.673  1.00 26.90 ? 29  ARG A HG3  1 
ATOM   507  H  HD2  . ARG A 1 34 ? 15.381  8.632   -1.459  1.00 54.15 ? 29  ARG A HD2  1 
ATOM   508  H  HD3  . ARG A 1 34 ? 14.851  8.208   -0.023  1.00 54.15 ? 29  ARG A HD3  1 
ATOM   509  H  HE   . ARG A 1 34 ? 14.670  6.710   -2.248  1.00 45.24 ? 29  ARG A HE   1 
ATOM   510  H  HH11 . ARG A 1 34 ? 13.479  6.934   0.836   1.00 46.65 ? 29  ARG A HH11 1 
ATOM   511  H  HH12 . ARG A 1 34 ? 12.992  5.529   0.925   1.00 46.65 ? 29  ARG A HH12 1 
ATOM   512  H  HH21 . ARG A 1 34 ? 13.917  4.577   -2.102  1.00 42.61 ? 29  ARG A HH21 1 
ATOM   513  H  HH22 . ARG A 1 34 ? 13.257  4.101   -0.855  1.00 42.61 ? 29  ARG A HH22 1 
ATOM   514  N  N    . SER A 1 35 ? 11.191  10.280  -5.056  1.00 16.67 ? 30  SER A N    1 
ATOM   515  C  CA   A SER A 1 35 ? 11.076  10.568  -6.506  0.50 17.84 ? 30  SER A CA   1 
ATOM   516  C  CA   B SER A 1 35 ? 11.102  10.604  -6.446  0.50 17.62 ? 30  SER A CA   1 
ATOM   517  C  C    . SER A 1 35 ? 10.440  11.939  -6.687  1.00 16.56 ? 30  SER A C    1 
ATOM   518  O  O    . SER A 1 35 ? 10.798  12.647  -7.644  1.00 17.36 ? 30  SER A O    1 
ATOM   519  C  CB   A SER A 1 35 ? 10.318  9.468   -7.338  0.50 13.63 ? 30  SER A CB   1 
ATOM   520  C  CB   B SER A 1 35 ? 10.305  9.536   -7.124  0.50 17.29 ? 30  SER A CB   1 
ATOM   521  O  OG   A SER A 1 35 ? 8.917   9.506   -7.098  0.50 13.12 ? 30  SER A OG   1 
ATOM   522  O  OG   B SER A 1 35 ? 9.660   10.109  -8.233  0.50 20.28 ? 30  SER A OG   1 
ATOM   523  H  H    . SER A 1 35 ? 10.681  9.639   -4.793  1.00 20.00 ? 30  SER A H    1 
ATOM   524  H  HA   A SER A 1 35 ? 11.973  10.623  -6.869  0.50 21.41 ? 30  SER A HA   1 
ATOM   525  H  HA   B SER A 1 35 ? 11.991  10.622  -6.834  0.50 21.15 ? 30  SER A HA   1 
ATOM   526  H  HB2  A SER A 1 35 ? 10.479  9.623   -8.282  0.50 16.36 ? 30  SER A HB2  1 
ATOM   527  H  HB2  B SER A 1 35 ? 10.898  8.829   -7.422  0.50 20.75 ? 30  SER A HB2  1 
ATOM   528  H  HB3  A SER A 1 35 ? 10.656  8.595   -7.085  0.50 16.36 ? 30  SER A HB3  1 
ATOM   529  H  HB3  B SER A 1 35 ? 9.643   9.187   -6.508  0.50 20.75 ? 30  SER A HB3  1 
ATOM   530  H  HG   A SER A 1 35 ? 8.761   9.372   -6.284  0.50 15.74 ? 30  SER A HG   1 
ATOM   531  H  HG   B SER A 1 35 ? 10.229  10.422  -8.766  0.50 24.33 ? 30  SER A HG   1 
ATOM   532  N  N    . LEU A 1 36 ? 9.526   12.328  -5.805  1.00 15.23 ? 31  LEU A N    1 
ATOM   533  C  CA   . LEU A 1 36 ? 8.890   13.642  -5.876  1.00 15.96 ? 31  LEU A CA   1 
ATOM   534  C  C    . LEU A 1 36 ? 9.925   14.721  -5.618  1.00 15.45 ? 31  LEU A C    1 
ATOM   535  O  O    . LEU A 1 36 ? 9.965   15.751  -6.272  1.00 16.63 ? 31  LEU A O    1 
ATOM   536  C  CB   . LEU A 1 36 ? 7.730   13.751  -4.876  1.00 15.44 ? 31  LEU A CB   1 
ATOM   537  C  CG   . LEU A 1 36 ? 7.081   15.116  -4.880  1.00 15.62 ? 31  LEU A CG   1 
ATOM   538  C  CD1  . LEU A 1 36 ? 6.492   15.588  -6.200  1.00 16.20 ? 31  LEU A CD1  1 
ATOM   539  C  CD2  . LEU A 1 36 ? 5.979   15.152  -3.825  1.00 16.06 ? 31  LEU A CD2  1 
ATOM   540  H  H    . LEU A 1 36 ? 9.255   11.846  -5.147  1.00 18.27 ? 31  LEU A H    1 
ATOM   541  H  HA   . LEU A 1 36 ? 8.533   13.773  -6.768  1.00 19.15 ? 31  LEU A HA   1 
ATOM   542  H  HB2  . LEU A 1 36 ? 7.053   13.096  -5.106  1.00 18.53 ? 31  LEU A HB2  1 
ATOM   543  H  HB3  . LEU A 1 36 ? 8.067   13.582  -3.982  1.00 18.53 ? 31  LEU A HB3  1 
ATOM   544  H  HG   . LEU A 1 36 ? 7.749   15.767  -4.617  1.00 18.75 ? 31  LEU A HG   1 
ATOM   545  H  HD11 . LEU A 1 36 ? 6.107   16.469  -6.077  1.00 19.44 ? 31  LEU A HD11 1 
ATOM   546  H  HD12 . LEU A 1 36 ? 7.198   15.624  -6.866  1.00 19.44 ? 31  LEU A HD12 1 
ATOM   547  H  HD13 . LEU A 1 36 ? 5.806   14.963  -6.481  1.00 19.44 ? 31  LEU A HD13 1 
ATOM   548  H  HD21 . LEU A 1 36 ? 5.565   16.029  -3.832  1.00 19.27 ? 31  LEU A HD21 1 
ATOM   549  H  HD22 . LEU A 1 36 ? 5.319   14.472  -4.036  1.00 19.27 ? 31  LEU A HD22 1 
ATOM   550  H  HD23 . LEU A 1 36 ? 6.370   14.975  -2.955  1.00 19.27 ? 31  LEU A HD23 1 
ATOM   551  N  N    . GLU A 1 37 ? 10.749  14.521  -4.588  1.00 16.41 ? 32  GLU A N    1 
ATOM   552  C  CA   . GLU A 1 37 ? 11.821  15.471  -4.275  1.00 17.72 ? 32  GLU A CA   1 
ATOM   553  C  C    . GLU A 1 37 ? 12.764  15.629  -5.472  1.00 18.19 ? 32  GLU A C    1 
ATOM   554  O  O    . GLU A 1 37 ? 13.159  16.771  -5.799  1.00 18.89 ? 32  GLU A O    1 
ATOM   555  C  CB   . GLU A 1 37 ? 12.561  14.998  -3.039  1.00 18.21 ? 32  GLU A CB   1 
ATOM   556  C  CG   . GLU A 1 37 ? 13.614  15.940  -2.530  1.00 30.07 ? 32  GLU A CG   1 
ATOM   557  C  CD   . GLU A 1 37 ? 13.999  15.616  -1.101  1.00 51.72 ? 32  GLU A CD   1 
ATOM   558  O  OE1  . GLU A 1 37 ? 13.500  14.593  -0.567  1.00 40.27 ? 32  GLU A OE1  1 
ATOM   559  O  OE2  . GLU A 1 37 ? 14.792  16.385  -0.514  1.00 59.09 ? 32  GLU A OE2  1 
ATOM   560  H  H    . GLU A 1 37 ? 10.711  13.845  -4.058  1.00 19.69 ? 32  GLU A H    1 
ATOM   561  H  HA   . GLU A 1 37 ? 11.432  16.338  -4.081  1.00 21.27 ? 32  GLU A HA   1 
ATOM   562  H  HB2  . GLU A 1 37 ? 11.917  14.866  -2.326  1.00 21.86 ? 32  GLU A HB2  1 
ATOM   563  H  HB3  . GLU A 1 37 ? 12.996  14.155  -3.243  1.00 21.86 ? 32  GLU A HB3  1 
ATOM   564  H  HG2  . GLU A 1 37 ? 14.406  15.864  -3.084  1.00 36.09 ? 32  GLU A HG2  1 
ATOM   565  H  HG3  . GLU A 1 37 ? 13.272  16.846  -2.554  1.00 36.09 ? 32  GLU A HG3  1 
ATOM   566  N  N    . GLU A 1 38 ? 13.126  14.525  -6.106  1.00 17.98 ? 33  GLU A N    1 
ATOM   567  C  CA   . GLU A 1 38 ? 13.996  14.601  -7.278  1.00 19.78 ? 33  GLU A CA   1 
ATOM   568  C  C    . GLU A 1 38 ? 13.312  15.374  -8.421  1.00 16.54 ? 33  GLU A C    1 
ATOM   569  O  O    . GLU A 1 38 ? 13.959  16.141  -9.163  1.00 18.75 ? 33  GLU A O    1 
ATOM   570  C  CB   . GLU A 1 38 ? 14.409  13.224  -7.770  1.00 20.34 ? 33  GLU A CB   1 
ATOM   571  C  CG   . GLU A 1 38 ? 15.400  12.511  -6.896  1.00 47.27 ? 33  GLU A CG   1 
ATOM   572  C  CD   . GLU A 1 38 ? 16.283  11.563  -7.693  1.00 73.44 ? 33  GLU A CD   1 
ATOM   573  O  OE1  . GLU A 1 38 ? 17.521  11.728  -7.648  1.00 76.59 ? 33  GLU A OE1  1 
ATOM   574  O  OE2  . GLU A 1 38 ? 15.736  10.659  -8.367  1.00 66.87 ? 33  GLU A OE2  1 
ATOM   575  H  H    . GLU A 1 38 ? 12.888  13.729  -5.886  1.00 21.57 ? 33  GLU A H    1 
ATOM   576  H  HA   . GLU A 1 38 ? 14.802  15.084  -7.037  1.00 23.74 ? 33  GLU A HA   1 
ATOM   577  H  HB2  . GLU A 1 38 ? 13.617  12.667  -7.829  1.00 24.41 ? 33  GLU A HB2  1 
ATOM   578  H  HB3  . GLU A 1 38 ? 14.808  13.316  -8.649  1.00 24.41 ? 33  GLU A HB3  1 
ATOM   579  H  HG2  . GLU A 1 38 ? 15.971  13.165  -6.464  1.00 56.72 ? 33  GLU A HG2  1 
ATOM   580  H  HG3  . GLU A 1 38 ? 14.922  11.993  -6.230  1.00 56.72 ? 33  GLU A HG3  1 
ATOM   581  N  N    . LEU A 1 39 ? 12.033  15.130  -8.637  1.00 16.71 ? 34  LEU A N    1 
ATOM   582  C  CA   . LEU A 1 39 ? 11.254  15.800  -9.669  1.00 16.42 ? 34  LEU A CA   1 
ATOM   583  C  C    . LEU A 1 39 ? 11.178  17.280  -9.431  1.00 16.40 ? 34  LEU A C    1 
ATOM   584  O  O    . LEU A 1 39 ? 11.358  18.088  -10.345 1.00 17.40 ? 34  LEU A O    1 
ATOM   585  C  CB   . LEU A 1 39 ? 9.851   15.183  -9.716  1.00 15.90 ? 34  LEU A CB   1 
ATOM   586  C  CG   . LEU A 1 39 ? 8.792   15.908  -10.557 1.00 16.21 ? 34  LEU A CG   1 
ATOM   587  C  CD1  . LEU A 1 39 ? 9.164   15.890  -12.038 1.00 16.06 ? 34  LEU A CD1  1 
ATOM   588  C  CD2  . LEU A 1 39 ? 7.455   15.225  -10.317 1.00 16.27 ? 34  LEU A CD2  1 
ATOM   589  H  H    . LEU A 1 39 ? 11.575  14.560  -8.184  1.00 20.05 ? 34  LEU A H    1 
ATOM   590  H  HA   . LEU A 1 39 ? 11.676  15.654  -10.530 1.00 19.71 ? 34  LEU A HA   1 
ATOM   591  H  HB2  . LEU A 1 39 ? 9.930   14.284  -10.072 1.00 19.08 ? 34  LEU A HB2  1 
ATOM   592  H  HB3  . LEU A 1 39 ? 9.511   15.137  -8.808  1.00 19.08 ? 34  LEU A HB3  1 
ATOM   593  H  HG   . LEU A 1 39 ? 8.723   16.832  -10.267 1.00 19.45 ? 34  LEU A HG   1 
ATOM   594  H  HD11 . LEU A 1 39 ? 8.478   16.354  -12.542 1.00 19.27 ? 34  LEU A HD11 1 
ATOM   595  H  HD12 . LEU A 1 39 ? 10.019  16.333  -12.155 1.00 19.27 ? 34  LEU A HD12 1 
ATOM   596  H  HD13 . LEU A 1 39 ? 9.226   14.968  -12.335 1.00 19.27 ? 34  LEU A HD13 1 
ATOM   597  H  HD21 . LEU A 1 39 ? 6.773   15.673  -10.843 1.00 19.53 ? 34  LEU A HD21 1 
ATOM   598  H  HD22 . LEU A 1 39 ? 7.524   14.295  -10.587 1.00 19.53 ? 34  LEU A HD22 1 
ATOM   599  H  HD23 . LEU A 1 39 ? 7.236   15.281  -9.374  1.00 19.53 ? 34  LEU A HD23 1 
ATOM   600  N  N    . GLU A 1 40 ? 10.903  17.677  -8.196  1.00 16.35 ? 35  GLU A N    1 
ATOM   601  C  CA   . GLU A 1 40 ? 10.839  19.083  -7.865  1.00 16.61 ? 35  GLU A CA   1 
ATOM   602  C  C    . GLU A 1 40 ? 12.208  19.743  -8.021  1.00 17.59 ? 35  GLU A C    1 
ATOM   603  O  O    . GLU A 1 40 ? 12.273  20.909  -8.415  1.00 20.31 ? 35  GLU A O    1 
ATOM   604  C  CB   . GLU A 1 40 ? 10.338  19.281  -6.418  1.00 17.22 ? 35  GLU A CB   1 
ATOM   605  C  CG   . GLU A 1 40 ? 8.885   18.903  -6.252  1.00 16.06 ? 35  GLU A CG   1 
ATOM   606  C  CD   . GLU A 1 40 ? 8.435   18.960  -4.809  1.00 16.81 ? 35  GLU A CD   1 
ATOM   607  O  OE1  . GLU A 1 40 ? 9.230   19.237  -3.909  1.00 20.35 ? 35  GLU A OE1  1 
ATOM   608  O  OE2  . GLU A 1 40 ? 7.234   18.683  -4.557  1.00 17.32 ? 35  GLU A OE2  1 
ATOM   609  H  H    . GLU A 1 40 ? 10.749  17.149  -7.536  1.00 19.62 ? 35  GLU A H    1 
ATOM   610  H  HA   . GLU A 1 40 ? 10.218  19.526  -8.464  1.00 19.94 ? 35  GLU A HA   1 
ATOM   611  H  HB2  . GLU A 1 40 ? 10.863  18.723  -5.821  1.00 20.66 ? 35  GLU A HB2  1 
ATOM   612  H  HB3  . GLU A 1 40 ? 10.436  20.214  -6.172  1.00 20.66 ? 35  GLU A HB3  1 
ATOM   613  H  HG2  . GLU A 1 40 ? 8.337   19.519  -6.765  1.00 19.27 ? 35  GLU A HG2  1 
ATOM   614  H  HG3  . GLU A 1 40 ? 8.754   17.997  -6.573  1.00 19.27 ? 35  GLU A HG3  1 
ATOM   615  N  N    . LYS A 1 41 ? 13.273  19.032  -7.700  1.00 18.52 ? 36  LYS A N    1 
ATOM   616  C  CA   . LYS A 1 41 ? 14.618  19.592  -7.817  1.00 18.58 ? 36  LYS A CA   1 
ATOM   617  C  C    . LYS A 1 41 ? 14.998  19.836  -9.272  1.00 22.34 ? 36  LYS A C    1 
ATOM   618  O  O    . LYS A 1 41 ? 15.555  20.903  -9.618  1.00 23.55 ? 36  LYS A O    1 
ATOM   619  C  CB   . LYS A 1 41 ? 15.638  18.648  -7.163  1.00 19.60 ? 36  LYS A CB   1 
ATOM   620  C  CG   . LYS A 1 41 ? 17.072  19.104  -7.213  1.00 25.36 ? 36  LYS A CG   1 
ATOM   621  C  CD   . LYS A 1 41 ? 17.988  18.018  -6.679  1.00 27.21 ? 36  LYS A CD   1 
ATOM   622  C  CE   . LYS A 1 41 ? 17.833  17.850  -5.168  1.00 62.07 ? 36  LYS A CE   1 
ATOM   623  N  NZ   . LYS A 1 41 ? 18.515  16.626  -4.647  1.00 71.95 ? 36  LYS A NZ   1 
ATOM   624  H  H    . LYS A 1 41 ? 13.252  18.223  -7.411  1.00 22.22 ? 36  LYS A H    1 
ATOM   625  H  HA   . LYS A 1 41 ? 14.651  20.442  -7.350  1.00 22.30 ? 36  LYS A HA   1 
ATOM   626  H  HB2  . LYS A 1 41 ? 15.400  18.539  -6.229  1.00 23.52 ? 36  LYS A HB2  1 
ATOM   627  H  HB3  . LYS A 1 41 ? 15.591  17.789  -7.611  1.00 23.52 ? 36  LYS A HB3  1 
ATOM   628  H  HG2  . LYS A 1 41 ? 17.321  19.293  -8.131  1.00 30.43 ? 36  LYS A HG2  1 
ATOM   629  H  HG3  . LYS A 1 41 ? 17.180  19.896  -6.662  1.00 30.43 ? 36  LYS A HG3  1 
ATOM   630  H  HD2  . LYS A 1 41 ? 17.764  17.174  -7.103  1.00 32.65 ? 36  LYS A HD2  1 
ATOM   631  H  HD3  . LYS A 1 41 ? 18.910  18.254  -6.867  1.00 32.65 ? 36  LYS A HD3  1 
ATOM   632  H  HE2  . LYS A 1 41 ? 18.220  18.620  -4.724  1.00 74.48 ? 36  LYS A HE2  1 
ATOM   633  H  HE3  . LYS A 1 41 ? 16.891  17.781  -4.952  1.00 74.48 ? 36  LYS A HE3  1 
ATOM   634  H  HZ1  . LYS A 1 41 ? 18.402  16.567  -3.766  1.00 86.34 ? 36  LYS A HZ1  1 
ATOM   635  H  HZ2  . LYS A 1 41 ? 18.175  15.901  -5.033  1.00 86.34 ? 36  LYS A HZ2  1 
ATOM   636  H  HZ3  . LYS A 1 41 ? 19.387  16.665  -4.824  1.00 86.34 ? 36  LYS A HZ3  1 
ATOM   637  N  N    . ASN A 1 42 ? 14.705  18.849  -10.109 1.00 21.90 ? 37  ASN A N    1 
ATOM   638  C  CA   . ASN A 1 42 ? 15.095  18.876  -11.512 1.00 20.54 ? 37  ASN A CA   1 
ATOM   639  C  C    . ASN A 1 42 ? 13.966  18.336  -12.373 1.00 20.59 ? 37  ASN A C    1 
ATOM   640  O  O    . ASN A 1 42 ? 14.000  17.200  -12.756 1.00 21.08 ? 37  ASN A O    1 
ATOM   641  C  CB   . ASN A 1 42 ? 16.338  18.010  -11.740 1.00 25.13 ? 37  ASN A CB   1 
ATOM   642  C  CG   . ASN A 1 42 ? 17.581  18.564  -11.071 1.00 39.27 ? 37  ASN A CG   1 
ATOM   643  O  OD1  . ASN A 1 42 ? 18.028  19.673  -11.379 1.00 44.74 ? 37  ASN A OD1  1 
ATOM   644  N  ND2  . ASN A 1 42 ? 18.160  17.782  -10.168 1.00 39.46 ? 37  ASN A ND2  1 
ATOM   645  H  H    . ASN A 1 42 ? 14.272  18.140  -9.885  1.00 26.28 ? 37  ASN A H    1 
ATOM   646  H  HA   . ASN A 1 42 ? 15.290  19.786  -11.782 1.00 24.65 ? 37  ASN A HA   1 
ATOM   647  H  HB2  . ASN A 1 42 ? 16.176  17.124  -11.382 1.00 30.16 ? 37  ASN A HB2  1 
ATOM   648  H  HB3  . ASN A 1 42 ? 16.513  17.955  -12.693 1.00 30.16 ? 37  ASN A HB3  1 
ATOM   649  H  HD21 . ASN A 1 42 ? 18.867  18.048  -9.759  1.00 47.35 ? 37  ASN A HD21 1 
ATOM   650  H  HD22 . ASN A 1 42 ? 17.828  17.007  -9.994  1.00 47.35 ? 37  ASN A HD22 1 
ATOM   651  N  N    . PRO A 1 43 ? 12.969  19.161  -12.698 1.00 18.77 ? 38  PRO A N    1 
ATOM   652  C  CA   . PRO A 1 43 ? 11.862  18.597  -13.481 1.00 18.87 ? 38  PRO A CA   1 
ATOM   653  C  C    . PRO A 1 43 ? 12.266  18.228  -14.894 1.00 18.32 ? 38  PRO A C    1 
ATOM   654  O  O    . PRO A 1 43 ? 13.084  18.942  -15.496 1.00 19.32 ? 38  PRO A O    1 
ATOM   655  C  CB   . PRO A 1 43 ? 10.812  19.723  -13.487 1.00 20.52 ? 38  PRO A CB   1 
ATOM   656  C  CG   . PRO A 1 43 ? 11.517  20.912  -13.009 1.00 28.53 ? 38  PRO A CG   1 
ATOM   657  C  CD   . PRO A 1 43 ? 12.694  20.528  -12.232 1.00 19.21 ? 38  PRO A CD   1 
ATOM   658  H  HA   . PRO A 1 43 ? 11.496  17.817  -13.036 1.00 22.64 ? 38  PRO A HA   1 
ATOM   659  H  HB2  . PRO A 1 43 ? 10.484  19.860  -14.389 1.00 24.63 ? 38  PRO A HB2  1 
ATOM   660  H  HB3  . PRO A 1 43 ? 10.083  19.494  -12.888 1.00 24.63 ? 38  PRO A HB3  1 
ATOM   661  H  HG2  . PRO A 1 43 ? 11.790  21.440  -13.775 1.00 34.23 ? 38  PRO A HG2  1 
ATOM   662  H  HG3  . PRO A 1 43 ? 10.913  21.430  -12.453 1.00 34.23 ? 38  PRO A HG3  1 
ATOM   663  H  HD2  . PRO A 1 43 ? 13.441  21.112  -12.436 1.00 23.05 ? 38  PRO A HD2  1 
ATOM   664  H  HD3  . PRO A 1 43 ? 12.489  20.528  -11.284 1.00 23.05 ? 38  PRO A HD3  1 
ATOM   665  N  N    . SER A 1 44 ? 11.749  17.102  -15.387 1.00 17.43 ? 39  SER A N    1 
ATOM   666  C  CA   . SER A 1 44 ? 12.008  16.646  -16.732 1.00 19.00 ? 39  SER A CA   1 
ATOM   667  C  C    . SER A 1 44 ? 10.954  15.610  -17.036 1.00 16.45 ? 39  SER A C    1 
ATOM   668  O  O    . SER A 1 44 ? 10.271  15.088  -16.148 1.00 16.65 ? 39  SER A O    1 
ATOM   669  C  CB   . SER A 1 44 ? 13.405  15.983  -16.826 1.00 19.84 ? 39  SER A CB   1 
ATOM   670  O  OG   . SER A 1 44 ? 13.440  14.749  -16.098 1.00 20.31 ? 39  SER A OG   1 
ATOM   671  H  H    . SER A 1 44 ? 11.233  16.578  -14.941 1.00 20.92 ? 39  SER A H    1 
ATOM   672  H  HA   . SER A 1 44 ? 11.945  17.379  -17.365 1.00 22.80 ? 39  SER A HA   1 
ATOM   673  H  HB2  . SER A 1 44 ? 13.607  15.806  -17.758 1.00 23.81 ? 39  SER A HB2  1 
ATOM   674  H  HB3  . SER A 1 44 ? 14.066  16.587  -16.453 1.00 23.81 ? 39  SER A HB3  1 
ATOM   675  H  HG   . SER A 1 44 ? 13.266  14.888  -15.288 1.00 24.37 ? 39  SER A HG   1 
ATOM   676  N  N    . GLU A 1 45 ? 10.876  15.259  -18.295 1.00 17.77 ? 40  GLU A N    1 
ATOM   677  C  CA   . GLU A 1 45 ? 9.971   14.203  -18.707 1.00 19.03 ? 40  GLU A CA   1 
ATOM   678  C  C    . GLU A 1 45 ? 10.284  12.886  -17.990 1.00 17.12 ? 40  GLU A C    1 
ATOM   679  O  O    . GLU A 1 45 ? 9.393   12.226  -17.454 1.00 17.68 ? 40  GLU A O    1 
ATOM   680  C  CB   . GLU A 1 45 ? 10.014  13.979  -20.217 1.00 19.21 ? 40  GLU A CB   1 
ATOM   681  C  CG   . GLU A 1 45 ? 8.869   13.140  -20.706 1.00 20.16 ? 40  GLU A CG   1 
ATOM   682  C  CD   . GLU A 1 45 ? 8.742   13.180  -22.208 1.00 25.96 ? 40  GLU A CD   1 
ATOM   683  O  OE1  . GLU A 1 45 ? 9.598   12.561  -22.852 1.00 32.80 ? 40  GLU A OE1  1 
ATOM   684  O  OE2  . GLU A 1 45 ? 7.794   13.814  -22.728 1.00 36.55 ? 40  GLU A OE2  1 
ATOM   685  H  H    . GLU A 1 45 ? 11.332  15.610  -18.934 1.00 21.32 ? 40  GLU A H    1 
ATOM   686  H  HA   . GLU A 1 45 ? 9.066   14.460  -18.472 1.00 22.84 ? 40  GLU A HA   1 
ATOM   687  H  HB2  . GLU A 1 45 ? 9.971   14.838  -20.666 1.00 23.06 ? 40  GLU A HB2  1 
ATOM   688  H  HB3  . GLU A 1 45 ? 10.840  13.524  -20.446 1.00 23.06 ? 40  GLU A HB3  1 
ATOM   689  H  HG2  . GLU A 1 45 ? 9.012   12.219  -20.440 1.00 24.19 ? 40  GLU A HG2  1 
ATOM   690  H  HG3  . GLU A 1 45 ? 8.043   13.474  -20.324 1.00 24.19 ? 40  GLU A HG3  1 
ATOM   691  N  N    . ASP A 1 46 ? 11.546  12.510  -17.947 1.00 19.04 ? 41  ASP A N    1 
ATOM   692  C  CA   . ASP A 1 46 ? 11.971  11.289  -17.274 1.00 19.73 ? 41  ASP A CA   1 
ATOM   693  C  C    . ASP A 1 46 ? 11.594  11.283  -15.786 1.00 18.95 ? 41  ASP A C    1 
ATOM   694  O  O    . ASP A 1 46 ? 11.100  10.277  -15.262 1.00 17.40 ? 41  ASP A O    1 
ATOM   695  C  CB   . ASP A 1 46 ? 13.490  11.103  -17.402 1.00 24.21 ? 41  ASP A CB   1 
ATOM   696  C  CG   . ASP A 1 46 ? 13.922  10.757  -18.807 1.00 27.24 ? 41  ASP A CG   1 
ATOM   697  O  OD1  . ASP A 1 46 ? 13.064  10.286  -19.589 1.00 27.96 ? 41  ASP A OD1  1 
ATOM   698  O  OD2  . ASP A 1 46 ? 15.115  10.945  -19.122 1.00 42.89 ? 41  ASP A OD2  1 
ATOM   699  H  H    . ASP A 1 46 ? 12.191  12.951  -18.306 1.00 22.85 ? 41  ASP A H    1 
ATOM   700  H  HA   . ASP A 1 46 ? 11.539  10.529  -17.695 1.00 23.67 ? 41  ASP A HA   1 
ATOM   701  H  HB2  . ASP A 1 46 ? 13.931  11.929  -17.148 1.00 29.05 ? 41  ASP A HB2  1 
ATOM   702  H  HB3  . ASP A 1 46 ? 13.771  10.383  -16.815 1.00 29.05 ? 41  ASP A HB3  1 
ATOM   703  N  N    . ALA A 1 47 ? 11.807  12.393  -15.111 1.00 17.46 ? 42  ALA A N    1 
ATOM   704  C  CA   . ALA A 1 47 ? 11.442  12.448  -13.711 1.00 15.76 ? 42  ALA A CA   1 
ATOM   705  C  C    . ALA A 1 47 ? 9.934   12.407  -13.467 1.00 14.89 ? 42  ALA A C    1 
ATOM   706  O  O    . ALA A 1 47 ? 9.481   11.823  -12.487 1.00 15.31 ? 42  ALA A O    1 
ATOM   707  C  CB   . ALA A 1 47 ? 12.068  13.721  -13.074 1.00 17.91 ? 42  ALA A CB   1 
ATOM   708  H  H    . ALA A 1 47 ? 12.153  13.113  -15.430 1.00 20.95 ? 42  ALA A H    1 
ATOM   709  H  HA   . ALA A 1 47 ? 11.829  11.679  -13.264 1.00 18.91 ? 42  ALA A HA   1 
ATOM   710  H  HB1  . ALA A 1 47 ? 11.824  13.757  -12.136 1.00 21.49 ? 42  ALA A HB1  1 
ATOM   711  H  HB2  . ALA A 1 47 ? 13.033  13.677  -13.164 1.00 21.49 ? 42  ALA A HB2  1 
ATOM   712  H  HB3  . ALA A 1 47 ? 11.728  14.503  -13.535 1.00 21.49 ? 42  ALA A HB3  1 
ATOM   713  N  N    . LEU A 1 48 ? 9.169   12.971  -14.383 1.00 15.20 ? 43  LEU A N    1 
ATOM   714  C  CA   . LEU A 1 48 ? 7.716   12.894  -14.339 1.00 14.68 ? 43  LEU A CA   1 
ATOM   715  C  C    . LEU A 1 48 ? 7.262   11.464  -14.504 1.00 14.43 ? 43  LEU A C    1 
ATOM   716  O  O    . LEU A 1 48 ? 6.435   10.989  -13.738 1.00 14.81 ? 43  LEU A O    1 
ATOM   717  C  CB   . LEU A 1 48 ? 7.123   13.820  -15.408 1.00 15.44 ? 43  LEU A CB   1 
ATOM   718  C  CG   . LEU A 1 48 ? 7.133   15.322  -15.040 1.00 15.64 ? 43  LEU A CG   1 
ATOM   719  C  CD1  . LEU A 1 48 ? 6.862   16.163  -16.241 1.00 18.56 ? 43  LEU A CD1  1 
ATOM   720  C  CD2  . LEU A 1 48 ? 6.007   15.530  -14.026 1.00 16.99 ? 43  LEU A CD2  1 
ATOM   721  H  H    . LEU A 1 48 ? 9.471   13.413  -15.055 1.00 18.24 ? 43  LEU A H    1 
ATOM   722  H  HA   . LEU A 1 48 ? 7.410   13.206  -13.473 1.00 17.62 ? 43  LEU A HA   1 
ATOM   723  H  HB2  . LEU A 1 48 ? 7.635   13.715  -16.225 1.00 18.53 ? 43  LEU A HB2  1 
ATOM   724  H  HB3  . LEU A 1 48 ? 6.203   13.562  -15.565 1.00 18.53 ? 43  LEU A HB3  1 
ATOM   725  H  HG   . LEU A 1 48 ? 7.981   15.576  -14.644 1.00 18.76 ? 43  LEU A HG   1 
ATOM   726  H  HD11 . LEU A 1 48 ? 6.873   17.097  -15.982 1.00 22.28 ? 43  LEU A HD11 1 
ATOM   727  H  HD12 . LEU A 1 48 ? 7.549   15.994  -16.905 1.00 22.28 ? 43  LEU A HD12 1 
ATOM   728  H  HD13 . LEU A 1 48 ? 5.991   15.929  -16.600 1.00 22.28 ? 43  LEU A HD13 1 
ATOM   729  H  HD21 . LEU A 1 48 ? 5.982   16.465  -13.770 1.00 20.39 ? 43  LEU A HD21 1 
ATOM   730  H  HD22 . LEU A 1 48 ? 5.165   15.275  -14.434 1.00 20.39 ? 43  LEU A HD22 1 
ATOM   731  H  HD23 . LEU A 1 48 ? 6.179   14.977  -13.247 1.00 20.39 ? 43  LEU A HD23 1 
ATOM   732  N  N    . VAL A 1 49 ? 7.798   10.756  -15.501 1.00 14.76 ? 44  VAL A N    1 
ATOM   733  C  CA   . VAL A 1 49 ? 7.355   9.381   -15.743 1.00 14.92 ? 44  VAL A CA   1 
ATOM   734  C  C    . VAL A 1 49 ? 7.680   8.506   -14.550 1.00 15.03 ? 44  VAL A C    1 
ATOM   735  O  O    . VAL A 1 49 ? 6.849   7.692   -14.110 1.00 14.70 ? 44  VAL A O    1 
ATOM   736  C  CB   . VAL A 1 49 ? 7.927   8.804   -17.071 1.00 15.13 ? 44  VAL A CB   1 
ATOM   737  C  CG1  . VAL A 1 49 ? 7.539   7.369   -17.187 1.00 16.12 ? 44  VAL A CG1  1 
ATOM   738  C  CG2  . VAL A 1 49 ? 7.442   9.602   -18.271 1.00 15.52 ? 44  VAL A CG2  1 
ATOM   739  H  H    . VAL A 1 49 ? 8.407   11.040  -16.038 1.00 17.71 ? 44  VAL A H    1 
ATOM   740  H  HA   . VAL A 1 49 ? 6.390   9.389   -15.833 1.00 17.91 ? 44  VAL A HA   1 
ATOM   741  H  HB   . VAL A 1 49 ? 8.896   8.853   -17.047 1.00 18.16 ? 44  VAL A HB   1 
ATOM   742  H  HG11 . VAL A 1 49 ? 7.896   7.012   -18.014 1.00 19.35 ? 44  VAL A HG11 1 
ATOM   743  H  HG12 . VAL A 1 49 ? 7.903   6.882   -16.431 1.00 19.35 ? 44  VAL A HG12 1 
ATOM   744  H  HG13 . VAL A 1 49 ? 6.571   7.304   -17.188 1.00 19.35 ? 44  VAL A HG13 1 
ATOM   745  H  HG21 . VAL A 1 49 ? 7.816   9.216   -19.078 1.00 18.62 ? 44  VAL A HG21 1 
ATOM   746  H  HG22 . VAL A 1 49 ? 6.473   9.563   -18.304 1.00 18.62 ? 44  VAL A HG22 1 
ATOM   747  H  HG23 . VAL A 1 49 ? 7.734   10.521  -18.177 1.00 18.62 ? 44  VAL A HG23 1 
ATOM   748  N  N    . GLU A 1 50 ? 8.902   8.624   -14.046 1.00 14.31 ? 45  GLU A N    1 
ATOM   749  C  CA   . GLU A 1 50 ? 9.315   7.827   -12.913 1.00 15.17 ? 45  GLU A CA   1 
ATOM   750  C  C    . GLU A 1 50 ? 8.423   8.082   -11.690 1.00 13.98 ? 45  GLU A C    1 
ATOM   751  O  O    . GLU A 1 50 ? 8.033   7.167   -10.967 1.00 15.17 ? 45  GLU A O    1 
ATOM   752  C  CB   . GLU A 1 50 ? 10.787  8.083   -12.570 1.00 17.17 ? 45  GLU A CB   1 
ATOM   753  C  CG   . GLU A 1 50 ? 11.307  7.414   -11.292 1.00 18.08 ? 45  GLU A CG   1 
ATOM   754  C  CD   . GLU A 1 50 ? 11.339  5.880   -11.355 1.00 19.84 ? 45  GLU A CD   1 
ATOM   755  O  OE1  . GLU A 1 50 ? 10.970  5.254   -12.392 1.00 18.21 ? 45  GLU A OE1  1 
ATOM   756  O  OE2  . GLU A 1 50 ? 11.742  5.293   -10.305 1.00 20.48 ? 45  GLU A OE2  1 
ATOM   757  H  H    . GLU A 1 50 ? 9.507   9.157   -14.346 1.00 17.18 ? 45  GLU A H    1 
ATOM   758  H  HA   . GLU A 1 50 ? 9.228   6.890   -13.147 1.00 18.21 ? 45  GLU A HA   1 
ATOM   759  H  HB2  . GLU A 1 50 ? 11.330  7.761   -13.306 1.00 20.61 ? 45  GLU A HB2  1 
ATOM   760  H  HB3  . GLU A 1 50 ? 10.914  9.038   -12.469 1.00 20.61 ? 45  GLU A HB3  1 
ATOM   761  H  HG2  . GLU A 1 50 ? 12.211  7.722   -11.126 1.00 21.69 ? 45  GLU A HG2  1 
ATOM   762  H  HG3  . GLU A 1 50 ? 10.733  7.668   -10.552 1.00 21.69 ? 45  GLU A HG3  1 
ATOM   763  N  N    . ASN A 1 51 ? 8.112   9.348   -11.427 1.00 13.39 ? 46  ASN A N    1 
ATOM   764  C  CA   . ASN A 1 51 ? 7.236   9.679   -10.325 1.00 13.97 ? 46  ASN A CA   1 
ATOM   765  C  C    . ASN A 1 51 ? 5.833   9.097   -10.508 1.00 13.63 ? 46  ASN A C    1 
ATOM   766  O  O    . ASN A 1 51 ? 5.250   8.521   -9.604  1.00 14.14 ? 46  ASN A O    1 
ATOM   767  C  CB   . ASN A 1 51 ? 7.178   11.203  -10.105 1.00 14.36 ? 46  ASN A CB   1 
ATOM   768  C  CG   . ASN A 1 51 ? 6.326   11.589  -8.915  1.00 14.21 ? 46  ASN A CG   1 
ATOM   769  O  OD1  . ASN A 1 51 ? 5.256   12.143  -9.056  1.00 16.00 ? 46  ASN A OD1  1 
ATOM   770  N  ND2  . ASN A 1 51 ? 6.835   11.334  -7.706  1.00 15.81 ? 46  ASN A ND2  1 
ATOM   771  H  H    . ASN A 1 51 ? 8.397   10.025  -11.872 1.00 16.06 ? 46  ASN A H    1 
ATOM   772  H  HA   . ASN A 1 51 ? 7.605   9.287   -9.518  1.00 16.77 ? 46  ASN A HA   1 
ATOM   773  H  HB2  . ASN A 1 51 ? 8.076   11.535  -9.951  1.00 17.23 ? 46  ASN A HB2  1 
ATOM   774  H  HB3  . ASN A 1 51 ? 6.800   11.622  -10.894 1.00 17.23 ? 46  ASN A HB3  1 
ATOM   775  H  HD21 . ASN A 1 51 ? 6.388   11.537  -7.000  1.00 18.97 ? 46  ASN A HD21 1 
ATOM   776  H  HD22 . ASN A 1 51 ? 7.610   10.969  -7.634  1.00 18.97 ? 46  ASN A HD22 1 
ATOM   777  N  N    . ASN A 1 52 ? 5.294   9.222   -11.712 1.00 13.49 ? 47  ASN A N    1 
ATOM   778  C  CA   . ASN A 1 52 ? 4.017   8.594   -12.001 1.00 13.53 ? 47  ASN A CA   1 
ATOM   779  C  C    . ASN A 1 52 ? 4.035   7.101   -11.795 1.00 13.43 ? 47  ASN A C    1 
ATOM   780  O  O    . ASN A 1 52 ? 3.113   6.531   -11.239 1.00 13.35 ? 47  ASN A O    1 
ATOM   781  C  CB   . ASN A 1 52 ? 3.549   8.912   -13.456 1.00 14.00 ? 47  ASN A CB   1 
ATOM   782  C  CG   . ASN A 1 52 ? 3.019   10.325  -13.618 1.00 13.98 ? 47  ASN A CG   1 
ATOM   783  O  OD1  . ASN A 1 52 ? 3.222   11.186  -12.791 1.00 14.35 ? 47  ASN A OD1  1 
ATOM   784  N  ND2  . ASN A 1 52 ? 2.298   10.539  -14.714 1.00 14.64 ? 47  ASN A ND2  1 
ATOM   785  H  H    . ASN A 1 52 ? 5.640   9.658   -12.367 1.00 16.19 ? 47  ASN A H    1 
ATOM   786  H  HA   . ASN A 1 52 ? 3.353   8.961   -11.396 1.00 16.24 ? 47  ASN A HA   1 
ATOM   787  H  HB2  . ASN A 1 52 ? 4.301   8.806   -14.058 1.00 16.81 ? 47  ASN A HB2  1 
ATOM   788  H  HB3  . ASN A 1 52 ? 2.840   8.298   -13.700 1.00 16.81 ? 47  ASN A HB3  1 
ATOM   789  H  HD21 . ASN A 1 52 ? 1.968   11.318  -14.866 1.00 17.56 ? 47  ASN A HD21 1 
ATOM   790  H  HD22 . ASN A 1 52 ? 2.162   9.898   -15.272 1.00 17.56 ? 47  ASN A HD22 1 
ATOM   791  N  N    . ARG A 1 53 ? 5.108   6.460   -12.262 1.00 13.60 ? 48  ARG A N    1 
ATOM   792  C  CA   . ARG A 1 53 ? 5.252   5.021   -12.089 1.00 13.35 ? 48  ARG A CA   1 
ATOM   793  C  C    . ARG A 1 53 ? 5.148   4.632   -10.629 1.00 13.75 ? 48  ARG A C    1 
ATOM   794  O  O    . ARG A 1 53 ? 4.454   3.699   -10.247 1.00 13.94 ? 48  ARG A O    1 
ATOM   795  C  CB   . ARG A 1 53 ? 6.568   4.540   -12.701 1.00 14.80 ? 48  ARG A CB   1 
ATOM   796  C  CG   . ARG A 1 53 ? 6.783   3.029   -12.570 1.00 14.93 ? 48  ARG A CG   1 
ATOM   797  C  CD   . ARG A 1 53 ? 8.147   2.597   -13.060 1.00 16.05 ? 48  ARG A CD   1 
ATOM   798  N  NE   . ARG A 1 53 ? 9.190   2.934   -12.141 1.00 16.66 ? 48  ARG A NE   1 
ATOM   799  C  CZ   . ARG A 1 53 ? 9.461   2.248   -11.032 1.00 17.54 ? 48  ARG A CZ   1 
ATOM   800  N  NH1  . ARG A 1 53 ? 8.748   1.200   -10.710 1.00 17.93 ? 48  ARG A NH1  1 
ATOM   801  N  NH2  . ARG A 1 53 ? 10.431  2.624   -10.250 1.00 18.56 ? 48  ARG A NH2  1 
ATOM   802  H  H    . ARG A 1 53 ? 5.760   6.836   -12.679 1.00 16.32 ? 48  ARG A H    1 
ATOM   803  H  HA   . ARG A 1 53 ? 4.529   4.580   -12.563 1.00 16.02 ? 48  ARG A HA   1 
ATOM   804  H  HB2  . ARG A 1 53 ? 6.574   4.760   -13.645 1.00 17.77 ? 48  ARG A HB2  1 
ATOM   805  H  HB3  . ARG A 1 53 ? 7.304   4.985   -12.253 1.00 17.77 ? 48  ARG A HB3  1 
ATOM   806  H  HG2  . ARG A 1 53 ? 6.705   2.779   -11.636 1.00 17.91 ? 48  ARG A HG2  1 
ATOM   807  H  HG3  . ARG A 1 53 ? 6.112   2.567   -13.096 1.00 17.91 ? 48  ARG A HG3  1 
ATOM   808  H  HD2  . ARG A 1 53 ? 8.151   1.634   -13.179 1.00 19.26 ? 48  ARG A HD2  1 
ATOM   809  H  HD3  . ARG A 1 53 ? 8.336   3.037   -13.904 1.00 19.26 ? 48  ARG A HD3  1 
ATOM   810  H  HE   . ARG A 1 53 ? 9.672   3.624   -12.315 1.00 19.99 ? 48  ARG A HE   1 
ATOM   811  H  HH11 . ARG A 1 53 ? 8.105   0.944   -11.220 1.00 21.51 ? 48  ARG A HH11 1 
ATOM   812  H  HH12 . ARG A 1 53 ? 8.925   0.762   -9.991  1.00 21.51 ? 48  ARG A HH12 1 
ATOM   813  H  HH21 . ARG A 1 53 ? 10.903  3.313   -10.453 1.00 22.27 ? 48  ARG A HH21 1 
ATOM   814  H  HH22 . ARG A 1 53 ? 10.601  2.182   -9.533  1.00 22.27 ? 48  ARG A HH22 1 
ATOM   815  N  N    . LEU A 1 54 ? 5.894   5.351   -9.807  1.00 13.63 ? 49  LEU A N    1 
ATOM   816  C  CA   . LEU A 1 54 ? 5.897   5.065   -8.376  1.00 14.11 ? 49  LEU A CA   1 
ATOM   817  C  C    . LEU A 1 54 ? 4.543   5.396   -7.731  1.00 12.97 ? 49  LEU A C    1 
ATOM   818  O  O    . LEU A 1 54 ? 4.112   4.730   -6.797  1.00 13.90 ? 49  LEU A O    1 
ATOM   819  C  CB   . LEU A 1 54 ? 7.038   5.789   -7.684  1.00 14.00 ? 49  LEU A CB   1 
ATOM   820  C  CG   . LEU A 1 54 ? 8.406   5.169   -7.979  1.00 15.69 ? 49  LEU A CG   1 
ATOM   821  C  CD1  . LEU A 1 54 ? 9.533   6.072   -7.612  1.00 16.43 ? 49  LEU A CD1  1 
ATOM   822  C  CD2  . LEU A 1 54 ? 8.596   3.778   -7.363  1.00 17.53 ? 49  LEU A CD2  1 
ATOM   823  H  H    . LEU A 1 54 ? 6.401   6.003   -10.045 1.00 16.36 ? 49  LEU A H    1 
ATOM   824  H  HA   . LEU A 1 54 ? 6.045   4.114   -8.258  1.00 16.94 ? 49  LEU A HA   1 
ATOM   825  H  HB2  . LEU A 1 54 ? 7.056   6.710   -7.985  1.00 16.80 ? 49  LEU A HB2  1 
ATOM   826  H  HB3  . LEU A 1 54 ? 6.896   5.757   -6.725  1.00 16.80 ? 49  LEU A HB3  1 
ATOM   827  H  HG   . LEU A 1 54 ? 8.460   5.047   -8.939  1.00 18.83 ? 49  LEU A HG   1 
ATOM   828  H  HD11 . LEU A 1 54 ? 10.371  5.630   -7.821  1.00 19.72 ? 49  LEU A HD11 1 
ATOM   829  H  HD12 . LEU A 1 54 ? 9.457   6.894   -8.121  1.00 19.72 ? 49  LEU A HD12 1 
ATOM   830  H  HD13 . LEU A 1 54 ? 9.487   6.265   -6.663  1.00 19.72 ? 49  LEU A HD13 1 
ATOM   831  H  HD21 . LEU A 1 54 ? 9.480   3.451   -7.590  1.00 21.04 ? 49  LEU A HD21 1 
ATOM   832  H  HD22 . LEU A 1 54 ? 8.506   3.845   -6.399  1.00 21.04 ? 49  LEU A HD22 1 
ATOM   833  H  HD23 . LEU A 1 54 ? 7.920   3.180   -7.718  1.00 21.04 ? 49  LEU A HD23 1 
ATOM   834  N  N    . ASN A 1 55 ? 3.879   6.427   -8.245  1.00 12.79 ? 50  ASN A N    1 
ATOM   835  C  CA   . ASN A 1 55 ? 2.556   6.757   -7.719  1.00 12.66 ? 50  ASN A CA   1 
ATOM   836  C  C    . ASN A 1 55 ? 1.592   5.604   -8.036  1.00 13.05 ? 50  ASN A C    1 
ATOM   837  O  O    . ASN A 1 55 ? 0.863   5.188   -7.155  1.00 13.36 ? 50  ASN A O    1 
ATOM   838  C  CB   . ASN A 1 55 ? 2.075   8.118   -8.245  1.00 13.23 ? 50  ASN A CB   1 
ATOM   839  C  CG   . ASN A 1 55 ? 1.060   8.793   -7.352  1.00 13.36 ? 50  ASN A CG   1 
ATOM   840  O  OD1  . ASN A 1 55 ? 0.274   8.146   -6.623  1.00 14.50 ? 50  ASN A OD1  1 
ATOM   841  N  ND2  . ASN A 1 55 ? 1.085   10.075  -7.382  1.00 12.64 ? 50  ASN A ND2  1 
ATOM   842  H  H    . ASN A 1 55 ? 4.160   6.938   -8.878  1.00 15.35 ? 50  ASN A H    1 
ATOM   843  H  HA   . ASN A 1 55 ? 2.618   6.825   -6.753  1.00 15.19 ? 50  ASN A HA   1 
ATOM   844  H  HB2  . ASN A 1 55 ? 2.839   8.709   -8.327  1.00 15.88 ? 50  ASN A HB2  1 
ATOM   845  H  HB3  . ASN A 1 55 ? 1.664   7.989   -9.115  1.00 15.88 ? 50  ASN A HB3  1 
ATOM   846  H  HD21 . ASN A 1 55 ? 0.536   10.528  -6.899  1.00 15.17 ? 50  ASN A HD21 1 
ATOM   847  H  HD22 . ASN A 1 55 ? 1.650   10.483  -7.886  1.00 15.17 ? 50  ASN A HD22 1 
ATOM   848  N  N    . VAL A 1 56 ? 1.582   5.120   -9.266  1.00 13.01 ? 51  VAL A N    1 
ATOM   849  C  CA   . VAL A 1 56 ? 0.717   4.030   -9.628  1.00 13.55 ? 51  VAL A CA   1 
ATOM   850  C  C    . VAL A 1 56 ? 1.006   2.768   -8.766  1.00 13.02 ? 51  VAL A C    1 
ATOM   851  O  O    . VAL A 1 56 ? 0.069   2.127   -8.318  1.00 13.77 ? 51  VAL A O    1 
ATOM   852  C  CB   . VAL A 1 56 ? 0.855   3.734   -11.157 1.00 13.93 ? 51  VAL A CB   1 
ATOM   853  C  CG1  . VAL A 1 56 ? 0.094   2.473   -11.525 1.00 14.19 ? 51  VAL A CG1  1 
ATOM   854  C  CG2  . VAL A 1 56 ? 0.379   4.890   -11.979 1.00 14.40 ? 51  VAL A CG2  1 
ATOM   855  H  H    . VAL A 1 56 ? 2.073   5.411   -9.909  1.00 15.61 ? 51  VAL A H    1 
ATOM   856  H  HA   . VAL A 1 56 ? -0.201  4.294   -9.462  1.00 16.26 ? 51  VAL A HA   1 
ATOM   857  H  HB   . VAL A 1 56 ? 1.790   3.587   -11.366 1.00 16.72 ? 51  VAL A HB   1 
ATOM   858  H  HG11 . VAL A 1 56 ? 0.193   2.311   -12.476 1.00 17.03 ? 51  VAL A HG11 1 
ATOM   859  H  HG12 . VAL A 1 56 ? 0.458   1.728   -11.021 1.00 17.03 ? 51  VAL A HG12 1 
ATOM   860  H  HG13 . VAL A 1 56 ? -0.843  2.595   -11.305 1.00 17.03 ? 51  VAL A HG13 1 
ATOM   861  H  HG21 . VAL A 1 56 ? 0.479   4.671   -12.920 1.00 17.28 ? 51  VAL A HG21 1 
ATOM   862  H  HG22 . VAL A 1 56 ? -0.554  5.059   -11.775 1.00 17.28 ? 51  VAL A HG22 1 
ATOM   863  H  HG23 . VAL A 1 56 ? 0.912   5.672   -11.764 1.00 17.28 ? 51  VAL A HG23 1 
ATOM   864  N  N    . GLU A 1 57 ? 2.270   2.467   -8.552  1.00 13.65 ? 52  GLU A N    1 
ATOM   865  C  CA   . GLU A 1 57 ? 2.603   1.327   -7.728  1.00 14.32 ? 52  GLU A CA   1 
ATOM   866  C  C    . GLU A 1 57 ? 2.043   1.500   -6.283  1.00 13.57 ? 52  GLU A C    1 
ATOM   867  O  O    . GLU A 1 57 ? 1.587   0.567   -5.670  1.00 14.29 ? 52  GLU A O    1 
ATOM   868  C  CB   . GLU A 1 57 ? 4.110   1.127   -7.688  1.00 14.85 ? 52  GLU A CB   1 
ATOM   869  C  CG   . GLU A 1 57 ? 4.530   -0.058  -6.865  1.00 16.08 ? 52  GLU A CG   1 
ATOM   870  C  CD   . GLU A 1 57 ? 6.030   -0.252  -6.743  1.00 25.83 ? 52  GLU A CD   1 
ATOM   871  O  OE1  . GLU A 1 57 ? 6.782   0.652   -7.094  1.00 29.81 ? 52  GLU A OE1  1 
ATOM   872  O  OE2  . GLU A 1 57 ? 6.456   -1.309  -6.243  1.00 54.72 ? 52  GLU A OE2  1 
ATOM   873  H  H    . GLU A 1 57 ? 2.945   2.897   -8.866  1.00 16.38 ? 52  GLU A H    1 
ATOM   874  H  HA   . GLU A 1 57 ? 2.204   0.530   -8.112  1.00 17.19 ? 52  GLU A HA   1 
ATOM   875  H  HB2  . GLU A 1 57 ? 4.432   0.992   -8.592  1.00 17.81 ? 52  GLU A HB2  1 
ATOM   876  H  HB3  . GLU A 1 57 ? 4.522   1.917   -7.305  1.00 17.81 ? 52  GLU A HB3  1 
ATOM   877  H  HG2  . GLU A 1 57 ? 4.175   0.048   -5.969  1.00 19.30 ? 52  GLU A HG2  1 
ATOM   878  H  HG3  . GLU A 1 57 ? 4.163   -0.860  -7.269  1.00 19.30 ? 52  GLU A HG3  1 
ATOM   879  N  N    . ASN A 1 58 ? 2.151   2.712   -5.749  1.00 13.26 ? 53  ASN A N    1 
ATOM   880  C  CA   . ASN A 1 58 ? 1.606   2.984   -4.430  1.00 13.22 ? 53  ASN A CA   1 
ATOM   881  C  C    . ASN A 1 58 ? 0.109   2.748   -4.416  1.00 12.66 ? 53  ASN A C    1 
ATOM   882  O  O    . ASN A 1 58 ? -0.388  2.095   -3.528  1.00 13.23 ? 53  ASN A O    1 
ATOM   883  C  CB   . ASN A 1 58 ? 1.994   4.412   -4.014  1.00 12.97 ? 53  ASN A CB   1 
ATOM   884  C  CG   . ASN A 1 58 ? 1.798   4.643   -2.525  1.00 13.67 ? 53  ASN A CG   1 
ATOM   885  O  OD1  . ASN A 1 58 ? 0.777   5.146   -2.094  1.00 14.27 ? 53  ASN A OD1  1 
ATOM   886  N  ND2  . ASN A 1 58 ? 2.807   4.269   -1.744  1.00 15.20 ? 53  ASN A ND2  1 
ATOM   887  H  H    . ASN A 1 58 ? 2.531   3.385   -6.125  1.00 15.92 ? 53  ASN A H    1 
ATOM   888  H  HA   . ASN A 1 58 ? 2.007   2.371   -3.792  1.00 15.86 ? 53  ASN A HA   1 
ATOM   889  H  HB2  . ASN A 1 58 ? 2.928   4.562   -4.224  1.00 15.56 ? 53  ASN A HB2  1 
ATOM   890  H  HB3  . ASN A 1 58 ? 1.436   5.046   -4.493  1.00 15.56 ? 53  ASN A HB3  1 
ATOM   891  H  HD21 . ASN A 1 58 ? 2.754   4.376   -0.892  1.00 18.24 ? 53  ASN A HD21 1 
ATOM   892  H  HD22 . ASN A 1 58 ? 3.513   3.922   -2.090  1.00 18.24 ? 53  ASN A HD22 1 
ATOM   893  N  N    . ASN A 1 59 ? -0.619  3.244   -5.427  1.00 12.70 ? 54  ASN A N    1 
ATOM   894  C  CA   . ASN A 1 59 ? -2.048  2.922   -5.545  1.00 12.45 ? 54  ASN A CA   1 
ATOM   895  C  C    . ASN A 1 59 ? -2.281  1.418   -5.606  1.00 12.76 ? 54  ASN A C    1 
ATOM   896  O  O    . ASN A 1 59 ? -3.212  0.956   -4.994  1.00 13.13 ? 54  ASN A O    1 
ATOM   897  C  CB   . ASN A 1 59 ? -2.695  3.607   -6.750  1.00 12.67 ? 54  ASN A CB   1 
ATOM   898  C  CG   . ASN A 1 59 ? -2.842  5.118   -6.527  1.00 12.63 ? 54  ASN A CG   1 
ATOM   899  O  OD1  . ASN A 1 59 ? -1.874  5.844   -6.295  1.00 12.85 ? 54  ASN A OD1  1 
ATOM   900  N  ND2  . ASN A 1 59 ? -4.098  5.579   -6.567  1.00 13.43 ? 54  ASN A ND2  1 
ATOM   901  H  H    . ASN A 1 59 ? -0.316  3.760   -6.045  1.00 15.24 ? 54  ASN A H    1 
ATOM   902  H  HA   . ASN A 1 59 ? -2.499  3.250   -4.750  1.00 14.93 ? 54  ASN A HA   1 
ATOM   903  H  HB2  . ASN A 1 59 ? -2.140  3.468   -7.532  1.00 15.20 ? 54  ASN A HB2  1 
ATOM   904  H  HB3  . ASN A 1 59 ? -3.579  3.235   -6.893  1.00 15.20 ? 54  ASN A HB3  1 
ATOM   905  H  HD21 . ASN A 1 59 ? -4.254  6.416   -6.451  1.00 16.12 ? 54  ASN A HD21 1 
ATOM   906  H  HD22 . ASN A 1 59 ? -4.751  5.036   -6.710  1.00 16.12 ? 54  ASN A HD22 1 
ATOM   907  N  N    . LYS A 1 60 ? -1.489  0.687   -6.373  1.00 13.46 ? 55  LYS A N    1 
ATOM   908  C  CA   . LYS A 1 60 ? -1.663  -0.753  -6.463  1.00 13.89 ? 55  LYS A CA   1 
ATOM   909  C  C    . LYS A 1 60 ? -1.581  -1.399  -5.087  1.00 13.44 ? 55  LYS A C    1 
ATOM   910  O  O    . LYS A 1 60 ? -2.387  -2.256  -4.752  1.00 14.59 ? 55  LYS A O    1 
ATOM   911  C  CB   . LYS A 1 60 ? -0.658  -1.339  -7.451  1.00 14.71 ? 55  LYS A CB   1 
ATOM   912  C  CG   . LYS A 1 60 ? -0.750  -2.845  -7.566  1.00 15.55 ? 55  LYS A CG   1 
ATOM   913  C  CD   . LYS A 1 60 ? 0.244   -3.444  -8.523  1.00 19.71 ? 55  LYS A CD   1 
ATOM   914  C  CE   . LYS A 1 60 ? 0.051   -4.932  -8.620  1.00 24.92 ? 55  LYS A CE   1 
ATOM   915  N  NZ   . LYS A 1 60 ? 1.049   -5.521  -9.566  1.00 40.25 ? 55  LYS A NZ   1 
ATOM   916  H  H    . LYS A 1 60 ? -0.845  0.999   -6.850  1.00 16.15 ? 55  LYS A H    1 
ATOM   917  H  HA   . LYS A 1 60 ? -2.550  -0.932  -6.813  1.00 16.67 ? 55  LYS A HA   1 
ATOM   918  H  HB2  . LYS A 1 60 ? -0.823  -0.962  -8.329  1.00 17.65 ? 55  LYS A HB2  1 
ATOM   919  H  HB3  . LYS A 1 60 ? 0.238   -1.116  -7.157  1.00 17.65 ? 55  LYS A HB3  1 
ATOM   920  H  HG2  . LYS A 1 60 ? -0.591  -3.235  -6.692  1.00 18.66 ? 55  LYS A HG2  1 
ATOM   921  H  HG3  . LYS A 1 60 ? -1.638  -3.082  -7.875  1.00 18.66 ? 55  LYS A HG3  1 
ATOM   922  H  HD2  . LYS A 1 60 ? 0.115   -3.059  -9.404  1.00 23.65 ? 55  LYS A HD2  1 
ATOM   923  H  HD3  . LYS A 1 60 ? 1.143   -3.270  -8.205  1.00 23.65 ? 55  LYS A HD3  1 
ATOM   924  H  HE2  . LYS A 1 60 ? 0.181   -5.334  -7.746  1.00 29.90 ? 55  LYS A HE2  1 
ATOM   925  H  HE3  . LYS A 1 60 ? -0.839  -5.123  -8.953  1.00 29.90 ? 55  LYS A HE3  1 
ATOM   926  H  HZ1  . LYS A 1 60 ? 0.933   -6.401  -9.622  1.00 48.30 ? 55  LYS A HZ1  1 
ATOM   927  H  HZ2  . LYS A 1 60 ? 0.947   -5.163  -10.375 1.00 48.30 ? 55  LYS A HZ2  1 
ATOM   928  H  HZ3  . LYS A 1 60 ? 1.875   -5.355  -9.279  1.00 48.30 ? 55  LYS A HZ3  1 
ATOM   929  N  N    . ILE A 1 61 ? -0.587  -1.016  -4.313  1.00 13.54 ? 56  ILE A N    1 
ATOM   930  C  CA   . ILE A 1 61 ? -0.399  -1.570  -3.001  1.00 13.77 ? 56  ILE A CA   1 
ATOM   931  C  C    . ILE A 1 61 ? -1.593  -1.170  -2.113  1.00 13.15 ? 56  ILE A C    1 
ATOM   932  O  O    . ILE A 1 61 ? -2.083  -1.983  -1.313  1.00 14.54 ? 56  ILE A O    1 
ATOM   933  C  CB   . ILE A 1 61 ? 0.946   -1.178  -2.385  1.00 14.56 ? 56  ILE A CB   1 
ATOM   934  C  CG1  . ILE A 1 61 ? 2.099   -1.689  -3.232  1.00 14.58 ? 56  ILE A CG1  1 
ATOM   935  C  CG2  . ILE A 1 61 ? 1.048   -1.735  -0.991  1.00 15.35 ? 56  ILE A CG2  1 
ATOM   936  C  CD1  . ILE A 1 61 ? 3.407   -1.068  -2.922  1.00 17.78 ? 56  ILE A CD1  1 
ATOM   937  H  H    . ILE A 1 61 ? -0.001  -0.426  -4.531  1.00 16.25 ? 56  ILE A H    1 
ATOM   938  H  HA   . ILE A 1 61 ? -0.408  -2.538  -3.077  1.00 16.52 ? 56  ILE A HA   1 
ATOM   939  H  HB   . ILE A 1 61 ? 0.997   -0.210  -2.338  1.00 17.47 ? 56  ILE A HB   1 
ATOM   940  H  HG12 . ILE A 1 61 ? 2.186   -2.645  -3.093  1.00 17.49 ? 56  ILE A HG12 1 
ATOM   941  H  HG13 . ILE A 1 61 ? 1.902   -1.511  -4.165  1.00 17.49 ? 56  ILE A HG13 1 
ATOM   942  H  HG21 . ILE A 1 61 ? 1.903   -1.479  -0.613  1.00 18.42 ? 56  ILE A HG21 1 
ATOM   943  H  HG22 . ILE A 1 61 ? 0.326   -1.374  -0.453  1.00 18.42 ? 56  ILE A HG22 1 
ATOM   944  H  HG23 . ILE A 1 61 ? 0.979   -2.701  -1.033  1.00 18.42 ? 56  ILE A HG23 1 
ATOM   945  H  HD11 . ILE A 1 61 ? 4.082   -1.449  -3.505  1.00 21.34 ? 56  ILE A HD11 1 
ATOM   946  H  HD12 . ILE A 1 61 ? 3.344   -0.112  -3.069  1.00 21.34 ? 56  ILE A HD12 1 
ATOM   947  H  HD13 . ILE A 1 61 ? 3.630   -1.248  -1.995  1.00 21.34 ? 56  ILE A HD13 1 
ATOM   948  N  N    . ILE A 1 62 ? -2.070  0.057   -2.209  1.00 12.87 ? 57  ILE A N    1 
ATOM   949  C  CA   . ILE A 1 62 ? -3.262  0.473   -1.474  1.00 13.28 ? 57  ILE A CA   1 
ATOM   950  C  C    . ILE A 1 62 ? -4.433  -0.447  -1.790  1.00 13.16 ? 57  ILE A C    1 
ATOM   951  O  O    . ILE A 1 62 ? -5.163  -0.863  -0.905  1.00 13.65 ? 57  ILE A O    1 
ATOM   952  C  CB   . ILE A 1 62 ? -3.616  1.945   -1.746  1.00 13.02 ? 57  ILE A CB   1 
ATOM   953  C  CG1  . ILE A 1 62 ? -2.576  2.864   -1.087  1.00 13.74 ? 57  ILE A CG1  1 
ATOM   954  C  CG2  . ILE A 1 62 ? -4.990  2.265   -1.215  1.00 13.43 ? 57  ILE A CG2  1 
ATOM   955  C  CD1  . ILE A 1 62 ? -2.542  4.297   -1.590  1.00 14.89 ? 57  ILE A CD1  1 
ATOM   956  H  H    . ILE A 1 62 ? -1.724  0.676   -2.695  1.00 15.44 ? 57  ILE A H    1 
ATOM   957  H  HA   . ILE A 1 62 ? -3.078  0.391   -0.525  1.00 15.93 ? 57  ILE A HA   1 
ATOM   958  H  HB   . ILE A 1 62 ? -3.606  2.098   -2.704  1.00 15.63 ? 57  ILE A HB   1 
ATOM   959  H  HG12 . ILE A 1 62 ? -2.756  2.895   -0.135  1.00 16.48 ? 57  ILE A HG12 1 
ATOM   960  H  HG13 . ILE A 1 62 ? -1.696  2.485   -1.236  1.00 16.48 ? 57  ILE A HG13 1 
ATOM   961  H  HG21 . ILE A 1 62 ? -5.190  3.195   -1.397  1.00 16.11 ? 57  ILE A HG21 1 
ATOM   962  H  HG22 . ILE A 1 62 ? -5.638  1.694   -1.655  1.00 16.11 ? 57  ILE A HG22 1 
ATOM   963  H  HG23 . ILE A 1 62 ? -5.002  2.105   -0.258  1.00 16.11 ? 57  ILE A HG23 1 
ATOM   964  H  HD11 . ILE A 1 62 ? -1.855  4.783   -1.108  1.00 17.87 ? 57  ILE A HD11 1 
ATOM   965  H  HD12 . ILE A 1 62 ? -2.344  4.294   -2.539  1.00 17.87 ? 57  ILE A HD12 1 
ATOM   966  H  HD13 . ILE A 1 62 ? -3.408  4.706   -1.434  1.00 17.87 ? 57  ILE A HD13 1 
ATOM   967  N  N    . VAL A 1 63 ? -4.654  -0.761  -3.080  1.00 14.32 ? 58  VAL A N    1 
ATOM   968  C  CA   . VAL A 1 63 ? -5.761  -1.674  -3.437  1.00 13.94 ? 58  VAL A CA   1 
ATOM   969  C  C    . VAL A 1 63 ? -5.563  -3.036  -2.746  1.00 14.35 ? 58  VAL A C    1 
ATOM   970  O  O    . VAL A 1 63 ? -6.510  -3.589  -2.212  1.00 15.09 ? 58  VAL A O    1 
ATOM   971  C  CB   . VAL A 1 63 ? -5.867  -1.822  -4.941  1.00 15.89 ? 58  VAL A CB   1 
ATOM   972  C  CG1  . VAL A 1 63 ? -6.959  -2.850  -5.296  1.00 18.19 ? 58  VAL A CG1  1 
ATOM   973  C  CG2  . VAL A 1 63 ? -6.159  -0.471  -5.577  1.00 16.07 ? 58  VAL A CG2  1 
ATOM   974  H  H    . VAL A 1 63 ? -4.196  -0.470  -3.747  1.00 17.19 ? 58  VAL A H    1 
ATOM   975  H  HA   . VAL A 1 63 ? -6.596  -1.297  -3.116  1.00 16.73 ? 58  VAL A HA   1 
ATOM   976  H  HB   . VAL A 1 63 ? -5.022  -2.146  -5.290  1.00 19.07 ? 58  VAL A HB   1 
ATOM   977  H  HG11 . VAL A 1 63 ? -7.013  -2.933  -6.261  1.00 21.83 ? 58  VAL A HG11 1 
ATOM   978  H  HG12 . VAL A 1 63 ? -6.726  -3.706  -4.903  1.00 21.83 ? 58  VAL A HG12 1 
ATOM   979  H  HG13 . VAL A 1 63 ? -7.809  -2.544  -4.942  1.00 21.83 ? 58  VAL A HG13 1 
ATOM   980  H  HG21 . VAL A 1 63 ? -6.223  -0.582  -6.540  1.00 19.28 ? 58  VAL A HG21 1 
ATOM   981  H  HG22 . VAL A 1 63 ? -6.996  -0.130  -5.227  1.00 19.28 ? 58  VAL A HG22 1 
ATOM   982  H  HG23 . VAL A 1 63 ? -5.437  0.141   -5.363  1.00 19.28 ? 58  VAL A HG23 1 
ATOM   983  N  N    . GLU A 1 64 ? -4.350  -3.534  -2.698  1.00 15.09 ? 59  GLU A N    1 
ATOM   984  C  CA   . GLU A 1 64 ? -4.073  -4.795  -2.010  1.00 15.26 ? 59  GLU A CA   1 
ATOM   985  C  C    . GLU A 1 64 ? -4.408  -4.706  -0.529  1.00 14.27 ? 59  GLU A C    1 
ATOM   986  O  O    . GLU A 1 64 ? -4.974  -5.630  0.049   1.00 15.46 ? 59  GLU A O    1 
ATOM   987  C  CB   . GLU A 1 64 ? -2.619  -5.179  -2.226  1.00 17.44 ? 59  GLU A CB   1 
ATOM   988  C  CG   . GLU A 1 64 ? -2.382  -5.561  -3.683  1.00 20.24 ? 59  GLU A CG   1 
ATOM   989  C  CD   . GLU A 1 64 ? -0.937  -5.736  -4.093  1.00 27.49 ? 59  GLU A CD   1 
ATOM   990  O  OE1  . GLU A 1 64 ? -0.053  -5.313  -3.347  1.00 24.37 ? 59  GLU A OE1  1 
ATOM   991  O  OE2  . GLU A 1 64 ? -0.702  -6.280  -5.206  1.00 33.70 ? 59  GLU A OE2  1 
ATOM   992  H  H    . GLU A 1 64 ? -3.659  -3.168  -3.056  1.00 18.11 ? 59  GLU A H    1 
ATOM   993  H  HA   . GLU A 1 64 ? -4.626  -5.491  -2.397  1.00 18.31 ? 59  GLU A HA   1 
ATOM   994  H  HB2  . GLU A 1 64 ? -2.049  -4.424  -2.009  1.00 20.92 ? 59  GLU A HB2  1 
ATOM   995  H  HB3  . GLU A 1 64 ? -2.400  -5.942  -1.669  1.00 20.92 ? 59  GLU A HB3  1 
ATOM   996  H  HG2  . GLU A 1 64 ? -2.835  -6.401  -3.856  1.00 24.28 ? 59  GLU A HG2  1 
ATOM   997  H  HG3  . GLU A 1 64 ? -2.761  -4.868  -4.246  1.00 24.28 ? 59  GLU A HG3  1 
ATOM   998  N  N    . VAL A 1 65 ? -4.053  -3.602  0.100   1.00 13.84 ? 60  VAL A N    1 
ATOM   999  C  CA   . VAL A 1 65 ? -4.357  -3.358  1.512   1.00 14.56 ? 60  VAL A CA   1 
ATOM   1000 C  C    . VAL A 1 65 ? -5.885  -3.346  1.738   1.00 13.63 ? 60  VAL A C    1 
ATOM   1001 O  O    . VAL A 1 65 ? -6.392  -3.945  2.682   1.00 14.24 ? 60  VAL A O    1 
ATOM   1002 C  CB   . VAL A 1 65 ? -3.697  -2.071  2.011   1.00 14.24 ? 60  VAL A CB   1 
ATOM   1003 C  CG1  . VAL A 1 65 ? -4.224  -1.703  3.433   1.00 15.51 ? 60  VAL A CG1  1 
ATOM   1004 C  CG2  . VAL A 1 65 ? -2.224  -2.156  2.059   1.00 15.14 ? 60  VAL A CG2  1 
ATOM   1005 H  H    . VAL A 1 65 ? -3.624  -2.958  -0.273  1.00 16.61 ? 60  VAL A H    1 
ATOM   1006 H  HA   . VAL A 1 65 ? -3.994  -4.090  2.034   1.00 17.47 ? 60  VAL A HA   1 
ATOM   1007 H  HB   . VAL A 1 65 ? -3.932  -1.346  1.411   1.00 17.09 ? 60  VAL A HB   1 
ATOM   1008 H  HG11 . VAL A 1 65 ? -3.792  -0.887  3.728   1.00 18.61 ? 60  VAL A HG11 1 
ATOM   1009 H  HG12 . VAL A 1 65 ? -5.184  -1.574  3.390   1.00 18.61 ? 60  VAL A HG12 1 
ATOM   1010 H  HG13 . VAL A 1 65 ? -4.015  -2.428  4.044   1.00 18.61 ? 60  VAL A HG13 1 
ATOM   1011 H  HG21 . VAL A 1 65 ? -1.870  -1.314  2.382   1.00 18.17 ? 60  VAL A HG21 1 
ATOM   1012 H  HG22 . VAL A 1 65 ? -1.970  -2.874  2.659   1.00 18.17 ? 60  VAL A HG22 1 
ATOM   1013 H  HG23 . VAL A 1 65 ? -1.890  -2.336  1.166   1.00 18.17 ? 60  VAL A HG23 1 
ATOM   1014 N  N    . LEU A 1 66 ? -6.589  -2.634  0.871   1.00 13.85 ? 61  LEU A N    1 
ATOM   1015 C  CA   . LEU A 1 66 ? -8.055  -2.564  0.974   1.00 14.28 ? 61  LEU A CA   1 
ATOM   1016 C  C    . LEU A 1 66 ? -8.715  -3.945  0.836   1.00 13.94 ? 61  LEU A C    1 
ATOM   1017 O  O    . LEU A 1 66 ? -9.664  -4.240  1.520   1.00 14.83 ? 61  LEU A O    1 
ATOM   1018 C  CB   . LEU A 1 66 ? -8.586  -1.592  -0.061  1.00 14.46 ? 61  LEU A CB   1 
ATOM   1019 C  CG   . LEU A 1 66 ? -8.205  -0.138  0.194   1.00 13.94 ? 61  LEU A CG   1 
ATOM   1020 C  CD1  . LEU A 1 66 ? -8.578  0.721   -1.058  1.00 14.91 ? 61  LEU A CD1  1 
ATOM   1021 C  CD2  . LEU A 1 66 ? -8.877  0.433   1.456   1.00 15.19 ? 61  LEU A CD2  1 
ATOM   1022 H  H    . LEU A 1 66 ? -6.255  -2.183  0.219   1.00 16.62 ? 61  LEU A H    1 
ATOM   1023 H  HA   . LEU A 1 66 ? -8.286  -2.216  1.849   1.00 17.13 ? 61  LEU A HA   1 
ATOM   1024 H  HB2  . LEU A 1 66 ? -8.236  -1.841  -0.930  1.00 17.35 ? 61  LEU A HB2  1 
ATOM   1025 H  HB3  . LEU A 1 66 ? -9.555  -1.645  -0.070  1.00 17.35 ? 61  LEU A HB3  1 
ATOM   1026 H  HG   . LEU A 1 66 ? -7.244  -0.084  0.317   1.00 16.73 ? 61  LEU A HG   1 
ATOM   1027 H  HD11 . LEU A 1 66 ? -8.334  1.645   -0.892  1.00 17.89 ? 61  LEU A HD11 1 
ATOM   1028 H  HD12 . LEU A 1 66 ? -8.095  0.384   -1.828  1.00 17.89 ? 61  LEU A HD12 1 
ATOM   1029 H  HD13 . LEU A 1 66 ? -9.534  0.654   -1.213  1.00 17.89 ? 61  LEU A HD13 1 
ATOM   1030 H  HD21 . LEU A 1 66 ? -8.600  1.357   1.569   1.00 18.22 ? 61  LEU A HD21 1 
ATOM   1031 H  HD22 . LEU A 1 66 ? -9.840  0.387   1.347   1.00 18.22 ? 61  LEU A HD22 1 
ATOM   1032 H  HD23 . LEU A 1 66 ? -8.604  -0.091  2.224   1.00 18.22 ? 61  LEU A HD23 1 
ATOM   1033 N  N    . ARG A 1 67 ? -8.140  -4.808  0.002   1.00 14.69 ? 62  ARG A N    1 
ATOM   1034 C  CA   . ARG A 1 67 ? -8.674  -6.183  -0.107  1.00 15.25 ? 62  ARG A CA   1 
ATOM   1035 C  C    . ARG A 1 67 ? -8.470  -6.960  1.211   1.00 14.82 ? 62  ARG A C    1 
ATOM   1036 O  O    . ARG A 1 67 ? -9.329  -7.725  1.599   1.00 15.05 ? 62  ARG A O    1 
ATOM   1037 C  CB   . ARG A 1 67 ? -8.041  -6.878  -1.286  1.00 16.37 ? 62  ARG A CB   1 
ATOM   1038 C  CG   . ARG A 1 67 ? -8.525  -6.369  -2.581  1.00 17.29 ? 62  ARG A CG   1 
ATOM   1039 C  CD   . ARG A 1 67 ? -7.829  -7.157  -3.696  1.00 28.48 ? 62  ARG A CD   1 
ATOM   1040 N  NE   . ARG A 1 67 ? -8.063  -6.580  -5.024  1.00 39.82 ? 62  ARG A NE   1 
ATOM   1041 C  CZ   . ARG A 1 67 ? -7.194  -6.621  -6.033  1.00 48.99 ? 62  ARG A CZ   1 
ATOM   1042 N  NH1  . ARG A 1 67 ? -6.014  -7.215  -5.887  1.00 51.20 ? 62  ARG A NH1  1 
ATOM   1043 N  NH2  . ARG A 1 67 ? -7.506  -6.062  -7.198  1.00 44.02 ? 62  ARG A NH2  1 
ATOM   1044 H  H    . ARG A 1 67 ? -7.463  -4.640  -0.500  1.00 17.63 ? 62  ARG A H    1 
ATOM   1045 H  HA   . ARG A 1 67 ? -9.629  -6.133  -0.272  1.00 18.30 ? 62  ARG A HA   1 
ATOM   1046 H  HB2  . ARG A 1 67 ? -7.081  -6.746  -1.252  1.00 19.64 ? 62  ARG A HB2  1 
ATOM   1047 H  HB3  . ARG A 1 67 ? -8.246  -7.826  -1.240  1.00 19.64 ? 62  ARG A HB3  1 
ATOM   1048 H  HG2  . ARG A 1 67 ? -9.483  -6.504  -2.652  1.00 20.74 ? 62  ARG A HG2  1 
ATOM   1049 H  HG3  . ARG A 1 67 ? -8.300  -5.430  -2.672  1.00 20.74 ? 62  ARG A HG3  1 
ATOM   1050 H  HD2  . ARG A 1 67 ? -6.873  -7.159  -3.534  1.00 34.17 ? 62  ARG A HD2  1 
ATOM   1051 H  HD3  . ARG A 1 67 ? -8.167  -8.066  -3.700  1.00 34.17 ? 62  ARG A HD3  1 
ATOM   1052 H  HE   . ARG A 1 67 ? -8.815  -6.186  -5.161  1.00 47.78 ? 62  ARG A HE   1 
ATOM   1053 H  HH11 . ARG A 1 67 ? -5.806  -7.577  -5.137  1.00 61.44 ? 62  ARG A HH11 1 
ATOM   1054 H  HH12 . ARG A 1 67 ? -5.460  -7.236  -6.545  1.00 61.44 ? 62  ARG A HH12 1 
ATOM   1055 H  HH21 . ARG A 1 67 ? -8.269  -5.676  -7.299  1.00 52.82 ? 62  ARG A HH21 1 
ATOM   1056 H  HH22 . ARG A 1 67 ? -6.947  -6.087  -7.851  1.00 52.82 ? 62  ARG A HH22 1 
ATOM   1057 N  N    . ILE A 1 68 ? -7.372  -6.763  1.915   1.00 13.92 ? 63  ILE A N    1 
ATOM   1058 C  CA   . ILE A 1 68 ? -7.167  -7.403  3.190   1.00 14.44 ? 63  ILE A CA   1 
ATOM   1059 C  C    . ILE A 1 68 ? -8.225  -6.874  4.191   1.00 13.87 ? 63  ILE A C    1 
ATOM   1060 O  O    . ILE A 1 68 ? -8.795  -7.619  4.958   1.00 15.07 ? 63  ILE A O    1 
ATOM   1061 C  CB   . ILE A 1 68 ? -5.760  -7.149  3.738   1.00 14.19 ? 63  ILE A CB   1 
ATOM   1062 C  CG1  . ILE A 1 68 ? -4.697  -7.817  2.837   1.00 15.30 ? 63  ILE A CG1  1 
ATOM   1063 C  CG2  . ILE A 1 68 ? -5.666  -7.667  5.206   1.00 14.72 ? 63  ILE A CG2  1 
ATOM   1064 C  CD1  . ILE A 1 68 ? -3.278  -7.335  3.150   1.00 16.40 ? 63  ILE A CD1  1 
ATOM   1065 H  H    . ILE A 1 68 ? -6.723  -6.255  1.670   1.00 16.71 ? 63  ILE A H    1 
ATOM   1066 H  HA   . ILE A 1 68 ? -7.289  -8.360  3.093   1.00 17.33 ? 63  ILE A HA   1 
ATOM   1067 H  HB   . ILE A 1 68 ? -5.601  -6.193  3.740   1.00 17.03 ? 63  ILE A HB   1 
ATOM   1068 H  HG12 . ILE A 1 68 ? -4.725  -8.777  2.971   1.00 18.36 ? 63  ILE A HG12 1 
ATOM   1069 H  HG13 . ILE A 1 68 ? -4.889  -7.605  1.910   1.00 18.36 ? 63  ILE A HG13 1 
ATOM   1070 H  HG21 . ILE A 1 68 ? -4.772  -7.501  5.542   1.00 17.67 ? 63  ILE A HG21 1 
ATOM   1071 H  HG22 . ILE A 1 68 ? -6.317  -7.194  5.749   1.00 17.67 ? 63  ILE A HG22 1 
ATOM   1072 H  HG23 . ILE A 1 68 ? -5.853  -8.619  5.218   1.00 17.67 ? 63  ILE A HG23 1 
ATOM   1073 H  HD11 . ILE A 1 68 ? -2.655  -7.784  2.559   1.00 19.69 ? 63  ILE A HD11 1 
ATOM   1074 H  HD12 . ILE A 1 68 ? -3.234  -6.376  3.013   1.00 19.69 ? 63  ILE A HD12 1 
ATOM   1075 H  HD13 . ILE A 1 68 ? -3.070  -7.547  4.074   1.00 19.69 ? 63  ILE A HD13 1 
ATOM   1076 N  N    . ILE A 1 69 ? -8.508  -5.570  4.134   1.00 13.89 ? 64  ILE A N    1 
ATOM   1077 C  CA   . ILE A 1 69 ? -9.538  -5.000  5.023   1.00 13.97 ? 64  ILE A CA   1 
ATOM   1078 C  C    . ILE A 1 69 ? -10.930 -5.574  4.720   1.00 13.20 ? 64  ILE A C    1 
ATOM   1079 O  O    . ILE A 1 69 ? -11.672 -5.880  5.603   1.00 14.54 ? 64  ILE A O    1 
ATOM   1080 C  CB   . ILE A 1 69 ? -9.470  -3.451  4.996   1.00 14.06 ? 64  ILE A CB   1 
ATOM   1081 C  CG1  . ILE A 1 69 ? -8.127  -2.956  5.582   1.00 14.43 ? 64  ILE A CG1  1 
ATOM   1082 C  CG2  . ILE A 1 69 ? -10.702 -2.842  5.701   1.00 14.49 ? 64  ILE A CG2  1 
ATOM   1083 C  CD1  . ILE A 1 69 ? -7.859  -1.531  5.171   1.00 14.09 ? 64  ILE A CD1  1 
ATOM   1084 H  H    . ILE A 1 69 ? -8.133  -5.004  3.607   1.00 16.67 ? 64  ILE A H    1 
ATOM   1085 H  HA   . ILE A 1 69 ? -9.321  -5.269  5.929   1.00 16.77 ? 64  ILE A HA   1 
ATOM   1086 H  HB   . ILE A 1 69 ? -9.501  -3.174  4.067   1.00 16.87 ? 64  ILE A HB   1 
ATOM   1087 H  HG12 . ILE A 1 69 ? -8.165  -2.993  6.552   1.00 17.32 ? 64  ILE A HG12 1 
ATOM   1088 H  HG13 . ILE A 1 69 ? -7.405  -3.512  5.251   1.00 17.32 ? 64  ILE A HG13 1 
ATOM   1089 H  HG21 . ILE A 1 69 ? -10.637 -1.875  5.672   1.00 17.38 ? 64  ILE A HG21 1 
ATOM   1090 H  HG22 . ILE A 1 69 ? -11.505 -3.134  5.242   1.00 17.38 ? 64  ILE A HG22 1 
ATOM   1091 H  HG23 . ILE A 1 69 ? -10.720 -3.144  6.623   1.00 17.38 ? 64  ILE A HG23 1 
ATOM   1092 H  HD11 . ILE A 1 69 ? -7.013  -1.246  5.551   1.00 16.91 ? 64  ILE A HD11 1 
ATOM   1093 H  HD12 . ILE A 1 69 ? -7.819  -1.485  4.203   1.00 16.91 ? 64  ILE A HD12 1 
ATOM   1094 H  HD13 . ILE A 1 69 ? -8.576  -0.967  5.500   1.00 16.91 ? 64  ILE A HD13 1 
ATOM   1095 N  N    . LEU A 1 70 ? -11.235 -5.784  3.436   1.00 14.27 ? 65  LEU A N    1 
ATOM   1096 C  CA   . LEU A 1 70 ? -12.470 -6.472  3.104   1.00 14.58 ? 65  LEU A CA   1 
ATOM   1097 C  C    . LEU A 1 70 ? -12.481 -7.864  3.732   1.00 14.39 ? 65  LEU A C    1 
ATOM   1098 O  O    . LEU A 1 70 ? -13.484 -8.310  4.307   1.00 15.81 ? 65  LEU A O    1 
ATOM   1099 C  CB   . LEU A 1 70 ? -12.645 -6.581  1.577   1.00 15.68 ? 65  LEU A CB   1 
ATOM   1100 C  CG   . LEU A 1 70 ? -13.772 -7.522  1.109   1.00 15.84 ? 65  LEU A CG   1 
ATOM   1101 C  CD1  . LEU A 1 70 ? -15.118 -7.083  1.598   1.00 16.68 ? 65  LEU A CD1  1 
ATOM   1102 C  CD2  . LEU A 1 70 ? -13.775 -7.717  -0.371  1.00 17.12 ? 65  LEU A CD2  1 
ATOM   1103 H  H    . LEU A 1 70 ? -10.756 -5.545  2.763   1.00 17.13 ? 65  LEU A H    1 
ATOM   1104 H  HA   . LEU A 1 70 ? -13.221 -5.972  3.461   1.00 17.49 ? 65  LEU A HA   1 
ATOM   1105 H  HB2  . LEU A 1 70 ? -12.838 -5.697  1.226   1.00 18.82 ? 65  LEU A HB2  1 
ATOM   1106 H  HB3  . LEU A 1 70 ? -11.816 -6.907  1.194   1.00 18.82 ? 65  LEU A HB3  1 
ATOM   1107 H  HG   . LEU A 1 70 ? -13.607 -8.393  1.502   1.00 19.01 ? 65  LEU A HG   1 
ATOM   1108 H  HD11 . LEU A 1 70 ? -15.789 -7.706  1.278   1.00 20.02 ? 65  LEU A HD11 1 
ATOM   1109 H  HD12 . LEU A 1 70 ? -15.113 -7.072  2.568   1.00 20.02 ? 65  LEU A HD12 1 
ATOM   1110 H  HD13 . LEU A 1 70 ? -15.303 -6.193  1.258   1.00 20.02 ? 65  LEU A HD13 1 
ATOM   1111 H  HD21 . LEU A 1 70 ? -14.501 -8.314  -0.609  1.00 20.55 ? 65  LEU A HD21 1 
ATOM   1112 H  HD22 . LEU A 1 70 ? -13.900 -6.856  -0.801  1.00 20.55 ? 65  LEU A HD22 1 
ATOM   1113 H  HD23 . LEU A 1 70 ? -12.926 -8.102  -0.640  1.00 20.55 ? 65  LEU A HD23 1 
ATOM   1114 N  N    . GLU A 1 71 ? -11.366 -8.599  3.683   1.00 14.97 ? 66  GLU A N    1 
ATOM   1115 C  CA   . GLU A 1 71 ? -11.337 -9.930  4.328   1.00 15.42 ? 66  GLU A CA   1 
ATOM   1116 C  C    . GLU A 1 71 ? -11.508 -9.799  5.822   1.00 14.61 ? 66  GLU A C    1 
ATOM   1117 O  O    . GLU A 1 71 ? -12.164 -10.670 6.416   1.00 15.64 ? 66  GLU A O    1 
ATOM   1118 C  CB   . GLU A 1 71 ? -10.042 -10.660 3.962   1.00 15.99 ? 66  GLU A CB   1 
ATOM   1119 C  CG   . GLU A 1 71 ? -9.976  -11.002 2.473   1.00 17.32 ? 66  GLU A CG   1 
ATOM   1120 C  CD   . GLU A 1 71 ? -11.160 -11.800 1.983   1.00 18.52 ? 66  GLU A CD   1 
ATOM   1121 O  OE1  . GLU A 1 71 ? -11.557 -12.799 2.642   1.00 23.65 ? 66  GLU A OE1  1 
ATOM   1122 O  OE2  . GLU A 1 71 ? -11.710 -11.427 0.916   1.00 22.47 ? 66  GLU A OE2  1 
ATOM   1123 H  H    . GLU A 1 71 ? -10.634 -8.366  3.298   1.00 17.97 ? 66  GLU A H    1 
ATOM   1124 H  HA   . GLU A 1 71 ? -12.078 -10.457 3.991   1.00 18.50 ? 66  GLU A HA   1 
ATOM   1125 H  HB2  . GLU A 1 71 ? -9.285  -10.092 4.176   1.00 19.19 ? 66  GLU A HB2  1 
ATOM   1126 H  HB3  . GLU A 1 71 ? -9.991  -11.488 4.465   1.00 19.19 ? 66  GLU A HB3  1 
ATOM   1127 H  HG2  . GLU A 1 71 ? -9.942  -10.177 1.964   1.00 20.79 ? 66  GLU A HG2  1 
ATOM   1128 H  HG3  . GLU A 1 71 ? -9.175  -11.523 2.306   1.00 20.79 ? 66  GLU A HG3  1 
ATOM   1129 N  N    . LEU A 1 72 ? -10.949 -8.787  6.473   1.00 14.91 ? 67  LEU A N    1 
ATOM   1130 C  CA   . LEU A 1 72 ? -11.240 -8.562  7.893   1.00 15.78 ? 67  LEU A CA   1 
ATOM   1131 C  C    . LEU A 1 72 ? -12.740 -8.413  8.142   1.00 14.44 ? 67  LEU A C    1 
ATOM   1132 O  O    . LEU A 1 72 ? -13.284 -9.009  9.077   1.00 15.59 ? 67  LEU A O    1 
ATOM   1133 C  CB   . LEU A 1 72 ? -10.450 -7.344  8.411   1.00 15.46 ? 67  LEU A CB   1 
ATOM   1134 C  CG   . LEU A 1 72 ? -8.951  -7.573  8.604   1.00 15.28 ? 67  LEU A CG   1 
ATOM   1135 C  CD1  . LEU A 1 72 ? -8.225  -6.280  8.738   1.00 16.31 ? 67  LEU A CD1  1 
ATOM   1136 C  CD2  . LEU A 1 72 ? -8.697  -8.378  9.834   1.00 15.49 ? 67  LEU A CD2  1 
ATOM   1137 H  H    . LEU A 1 72 ? -10.404 -8.221  6.126   1.00 17.90 ? 67  LEU A H    1 
ATOM   1138 H  HA   . LEU A 1 72 ? -10.939 -9.337  8.395   1.00 18.94 ? 67  LEU A HA   1 
ATOM   1139 H  HB2  . LEU A 1 72 ? -10.555 -6.618  7.776   1.00 18.55 ? 67  LEU A HB2  1 
ATOM   1140 H  HB3  . LEU A 1 72 ? -10.818 -7.081  9.269   1.00 18.55 ? 67  LEU A HB3  1 
ATOM   1141 H  HG   . LEU A 1 72 ? -8.594  -8.052  7.841   1.00 18.34 ? 67  LEU A HG   1 
ATOM   1142 H  HD11 . LEU A 1 72 ? -7.280  -6.461  8.860   1.00 19.57 ? 67  LEU A HD11 1 
ATOM   1143 H  HD12 . LEU A 1 72 ? -8.361  -5.757  7.933   1.00 19.57 ? 67  LEU A HD12 1 
ATOM   1144 H  HD13 . LEU A 1 72 ? -8.572  -5.802  9.507   1.00 19.57 ? 67  LEU A HD13 1 
ATOM   1145 H  HD21 . LEU A 1 72 ? -7.740  -8.508  9.932   1.00 18.59 ? 67  LEU A HD21 1 
ATOM   1146 H  HD22 . LEU A 1 72 ? -9.047  -7.901  10.602  1.00 18.59 ? 67  LEU A HD22 1 
ATOM   1147 H  HD23 . LEU A 1 72 ? -9.140  -9.236  9.746   1.00 18.59 ? 67  LEU A HD23 1 
ATOM   1148 N  N    . ALA A 1 73 ? -13.401 -7.602  7.306   1.00 14.79 ? 68  ALA A N    1 
ATOM   1149 C  CA   . ALA A 1 73 ? -14.833 -7.371  7.501   1.00 15.89 ? 68  ALA A CA   1 
ATOM   1150 C  C    . ALA A 1 73 ? -15.590 -8.678  7.287   1.00 16.06 ? 68  ALA A C    1 
ATOM   1151 O  O    . ALA A 1 73 ? -16.530 -8.967  8.032   1.00 18.03 ? 68  ALA A O    1 
ATOM   1152 C  CB   . ALA A 1 73 ? -15.366 -6.319  6.535   1.00 16.14 ? 68  ALA A CB   1 
ATOM   1153 H  H    . ALA A 1 73 ? -13.053 -7.185  6.640   1.00 17.75 ? 68  ALA A H    1 
ATOM   1154 H  HA   . ALA A 1 73 ? -14.992 -7.067  8.409   1.00 19.06 ? 68  ALA A HA   1 
ATOM   1155 H  HB1  . ALA A 1 73 ? -16.316 -6.195  6.696   1.00 19.37 ? 68  ALA A HB1  1 
ATOM   1156 H  HB2  . ALA A 1 73 ? -14.895 -5.485  6.684   1.00 19.37 ? 68  ALA A HB2  1 
ATOM   1157 H  HB3  . ALA A 1 73 ? -15.222 -6.623  5.625   1.00 19.37 ? 68  ALA A HB3  1 
ATOM   1158 N  N    . LYS A 1 74 ? -15.236 -9.463  6.268   1.00 16.51 ? 69  LYS A N    1 
ATOM   1159 C  CA   . LYS A 1 74 ? -15.920 -10.728 6.007   1.00 18.07 ? 69  LYS A CA   1 
ATOM   1160 C  C    . LYS A 1 74 ? -15.730 -11.732 7.169   1.00 17.96 ? 69  LYS A C    1 
ATOM   1161 O  O    . LYS A 1 74 ? -16.688 -12.380 7.595   1.00 19.68 ? 69  LYS A O    1 
ATOM   1162 C  CB   . LYS A 1 74 ? -15.432 -11.364 4.710   1.00 18.49 ? 69  LYS A CB   1 
ATOM   1163 C  CG   . LYS A 1 74 ? -15.856 -10.589 3.507   1.00 18.25 ? 69  LYS A CG   1 
ATOM   1164 C  CD   . LYS A 1 74 ? -15.187 -11.049 2.223   1.00 22.83 ? 69  LYS A CD   1 
ATOM   1165 C  CE   . LYS A 1 74 ? -15.650 -12.414 1.763   1.00 44.63 ? 69  LYS A CE   1 
ATOM   1166 N  NZ   . LYS A 1 74 ? -17.042 -12.362 1.238   1.00 59.15 ? 69  LYS A NZ   1 
ATOM   1167 H  H    . LYS A 1 74 ? -14.603 -9.285  5.713   1.00 19.81 ? 69  LYS A H    1 
ATOM   1168 H  HA   . LYS A 1 74 ? -16.871 -10.558 5.915   1.00 21.69 ? 69  LYS A HA   1 
ATOM   1169 H  HB2  . LYS A 1 74 ? -14.463 -11.402 4.719   1.00 22.18 ? 69  LYS A HB2  1 
ATOM   1170 H  HB3  . LYS A 1 74 ? -15.799 -12.259 4.636   1.00 22.18 ? 69  LYS A HB3  1 
ATOM   1171 H  HG2  . LYS A 1 74 ? -16.815 -10.684 3.395   1.00 21.90 ? 69  LYS A HG2  1 
ATOM   1172 H  HG3  . LYS A 1 74 ? -15.631 -9.655  3.641   1.00 21.90 ? 69  LYS A HG3  1 
ATOM   1173 H  HD2  . LYS A 1 74 ? -15.389 -10.414 1.520   1.00 27.40 ? 69  LYS A HD2  1 
ATOM   1174 H  HD3  . LYS A 1 74 ? -14.229 -11.091 2.366   1.00 27.40 ? 69  LYS A HD3  1 
ATOM   1175 H  HE2  . LYS A 1 74 ? -15.068 -12.729 1.054   1.00 53.56 ? 69  LYS A HE2  1 
ATOM   1176 H  HE3  . LYS A 1 74 ? -15.630 -13.029 2.514   1.00 53.56 ? 69  LYS A HE3  1 
ATOM   1177 H  HZ1  . LYS A 1 74 ? -17.298 -13.172 0.972   1.00 70.98 ? 69  LYS A HZ1  1 
ATOM   1178 H  HZ2  . LYS A 1 74 ? -17.596 -12.076 1.873   1.00 70.98 ? 69  LYS A HZ2  1 
ATOM   1179 H  HZ3  . LYS A 1 74 ? -17.084 -11.803 0.545   1.00 70.98 ? 69  LYS A HZ3  1 
ATOM   1180 N  N    . ALA A 1 75 ? -14.531 -11.840 7.714   1.00 17.62 ? 70  ALA A N    1 
ATOM   1181 C  CA   . ALA A 1 75 ? -14.301 -12.741 8.825   1.00 19.35 ? 70  ALA A CA   1 
ATOM   1182 C  C    . ALA A 1 75 ? -14.994 -12.254 10.094  1.00 16.61 ? 70  ALA A C    1 
ATOM   1183 O  O    . ALA A 1 75 ? -15.504 -13.081 10.878  1.00 20.50 ? 70  ALA A O    1 
ATOM   1184 C  CB   . ALA A 1 75 ? -12.827 -12.930 9.038   1.00 18.83 ? 70  ALA A CB   1 
ATOM   1185 H  H    . ALA A 1 75 ? -13.836 -11.403 7.460   1.00 21.14 ? 70  ALA A H    1 
ATOM   1186 H  HA   . ALA A 1 75 ? -14.677 -13.607 8.603   1.00 23.22 ? 70  ALA A HA   1 
ATOM   1187 H  HB1  . ALA A 1 75 ? -12.690 -13.534 9.784   1.00 22.60 ? 70  ALA A HB1  1 
ATOM   1188 H  HB2  . ALA A 1 75 ? -12.437 -13.305 8.232   1.00 22.60 ? 70  ALA A HB2  1 
ATOM   1189 H  HB3  . ALA A 1 75 ? -12.423 -12.068 9.230   1.00 22.60 ? 70  ALA A HB3  1 
ATOM   1190 N  N    . SER A 1 76 ? -15.158 -10.954 10.267  1.00 18.18 ? 71  SER A N    1 
ATOM   1191 C  CA   . SER A 1 76 ? -15.838 -10.425 11.453  1.00 17.64 ? 71  SER A CA   1 
ATOM   1192 C  C    . SER A 1 76 ? -17.310 -10.769 11.433  1.00 21.82 ? 71  SER A C    1 
ATOM   1193 O  O    . SER A 1 76 ? -17.893 -10.959 12.485  1.00 21.27 ? 71  SER A O    1 
ATOM   1194 C  CB   . SER A 1 76 ? -15.680 -8.885  11.476  1.00 18.78 ? 71  SER A CB   1 
ATOM   1195 O  OG   . SER A 1 76 ? -14.323 -8.532  11.597  1.00 19.50 ? 71  SER A OG   1 
ATOM   1196 H  H    . SER A 1 76 ? -14.887 -10.352 9.717   1.00 21.82 ? 71  SER A H    1 
ATOM   1197 H  HA   . SER A 1 76 ? -15.438 -10.795 12.256  1.00 21.17 ? 71  SER A HA   1 
ATOM   1198 H  HB2  . SER A 1 76 ? -16.032 -8.517  10.650  1.00 22.54 ? 71  SER A HB2  1 
ATOM   1199 H  HB3  . SER A 1 76 ? -16.168 -8.528  12.234  1.00 22.54 ? 71  SER A HB3  1 
ATOM   1200 H  HG   . SER A 1 76 ? -13.889 -8.838  10.945  1.00 23.40 ? 71  SER A HG   1 
ATOM   1201 N  N    . ALA A 1 77 ? -17.899 -10.837 10.243  1.00 26.74 ? 72  ALA A N    1 
ATOM   1202 C  CA   . ALA A 1 77 ? -19.347 -10.963 10.100  1.00 35.84 ? 72  ALA A CA   1 
ATOM   1203 C  C    . ALA A 1 77 ? -19.797 -12.287 10.648  1.00 54.00 ? 72  ALA A C    1 
ATOM   1204 O  O    . ALA A 1 77 ? -20.933 -12.445 11.089  1.00 63.03 ? 72  ALA A O    1 
ATOM   1205 C  CB   . ALA A 1 77 ? -19.746 -10.856 8.637   1.00 31.40 ? 72  ALA A CB   1 
ATOM   1206 H  H    . ALA A 1 77 ? -17.478 -10.811 9.494   1.00 32.09 ? 72  ALA A H    1 
ATOM   1207 H  HA   . ALA A 1 77 ? -19.788 -10.255 10.595  1.00 43.01 ? 72  ALA A HA   1 
ATOM   1208 H  HB1  . ALA A 1 77 ? -20.710 -10.942 8.567   1.00 37.68 ? 72  ALA A HB1  1 
ATOM   1209 H  HB2  . ALA A 1 77 ? -19.465 -9.992  8.296   1.00 37.68 ? 72  ALA A HB2  1 
ATOM   1210 H  HB3  . ALA A 1 77 ? -19.313 -11.566 8.139   1.00 37.68 ? 72  ALA A HB3  1 
ATOM   1211 N  N    . LYS A 1 78 ? -18.889 -13.248 10.604  1.00 49.44 ? 73  LYS A N    1 
ATOM   1212 C  CA   . LYS A 1 78 ? -19.223 -14.591 11.004  1.00 67.03 ? 73  LYS A CA   1 
ATOM   1213 C  C    . LYS A 1 78 ? -19.593 -14.613 12.484  1.00 71.88 ? 73  LYS A C    1 
ATOM   1214 O  O    . LYS A 1 78 ? -20.663 -15.097 12.855  1.00 82.53 ? 73  LYS A O    1 
ATOM   1215 C  CB   . LYS A 1 78 ? -18.063 -15.534 10.676  1.00 56.69 ? 73  LYS A CB   1 
ATOM   1216 C  CG   . LYS A 1 78 ? -18.182 -16.179 9.292   1.00 37.38 ? 73  LYS A CG   1 
ATOM   1217 C  CD   . LYS A 1 78 ? -19.449 -17.035 9.232   1.00 72.36 ? 73  LYS A CD   1 
ATOM   1218 C  CE   . LYS A 1 78 ? -19.412 -18.099 8.152   1.00 56.20 ? 73  LYS A CE   1 
ATOM   1219 N  NZ   . LYS A 1 78 ? -20.657 -18.925 8.192   1.00 57.56 ? 73  LYS A NZ   1 
ATOM   1220 H  H    . LYS A 1 78 ? -18.075 -13.144 10.346  1.00 59.33 ? 73  LYS A H    1 
ATOM   1221 H  HA   . LYS A 1 78 ? -19.997 -14.886 10.499  1.00 80.43 ? 73  LYS A HA   1 
ATOM   1222 H  HB2  . LYS A 1 78 ? -17.233 -15.033 10.702  1.00 68.03 ? 73  LYS A HB2  1 
ATOM   1223 H  HB3  . LYS A 1 78 ? -18.040 -16.245 11.337  1.00 68.03 ? 73  LYS A HB3  1 
ATOM   1224 H  HG2  . LYS A 1 78 ? -18.243 -15.489 8.614   1.00 44.85 ? 73  LYS A HG2  1 
ATOM   1225 H  HG3  . LYS A 1 78 ? -17.415 -16.751 9.131   1.00 44.85 ? 73  LYS A HG3  1 
ATOM   1226 H  HD2  . LYS A 1 78 ? -19.567 -17.481 10.086  1.00 86.83 ? 73  LYS A HD2  1 
ATOM   1227 H  HD3  . LYS A 1 78 ? -20.210 -16.458 9.056   1.00 86.83 ? 73  LYS A HD3  1 
ATOM   1228 H  HE2  . LYS A 1 78 ? -19.352 -17.675 7.281   1.00 67.44 ? 73  LYS A HE2  1 
ATOM   1229 H  HE3  . LYS A 1 78 ? -18.651 -18.683 8.298   1.00 67.44 ? 73  LYS A HE3  1 
ATOM   1230 H  HZ1  . LYS A 1 78 ? -20.631 -19.547 7.557   1.00 69.07 ? 73  LYS A HZ1  1 
ATOM   1231 H  HZ2  . LYS A 1 78 ? -20.732 -19.323 8.985   1.00 69.07 ? 73  LYS A HZ2  1 
ATOM   1232 H  HZ3  . LYS A 1 78 ? -21.369 -18.407 8.061   1.00 69.07 ? 73  LYS A HZ3  1 
ATOM   1233 N  N    . LEU A 1 79 ? -18.733 -14.047 13.320  1.00 62.04 ? 74  LEU A N    1 
ATOM   1234 C  CA   . LEU A 1 79 ? -18.999 -14.011 14.750  1.00 61.25 ? 74  LEU A CA   1 
ATOM   1235 C  C    . LEU A 1 79 ? -20.083 -12.985 15.124  1.00 65.10 ? 74  LEU A C    1 
ATOM   1236 O  O    . LEU A 1 79 ? -20.618 -13.026 16.234  1.00 68.81 ? 74  LEU A O    1 
ATOM   1237 C  CB   . LEU A 1 79 ? -17.696 -13.771 15.527  1.00 55.38 ? 74  LEU A CB   1 
ATOM   1238 C  CG   . LEU A 1 79 ? -16.809 -12.590 15.120  1.00 64.32 ? 74  LEU A CG   1 
ATOM   1239 C  CD1  . LEU A 1 79 ? -17.248 -11.310 15.827  1.00 69.46 ? 74  LEU A CD1  1 
ATOM   1240 C  CD2  . LEU A 1 79 ? -15.340 -12.898 15.393  1.00 37.15 ? 74  LEU A CD2  1 
ATOM   1241 H  H    . LEU A 1 79 ? -17.992 -13.678 13.086  1.00 74.45 ? 74  LEU A H    1 
ATOM   1242 H  HA   . LEU A 1 79 ? -19.332 -14.883 15.015  1.00 73.50 ? 74  LEU A HA   1 
ATOM   1243 H  HB2  . LEU A 1 79 ? -17.928 -13.641 16.460  1.00 66.46 ? 74  LEU A HB2  1 
ATOM   1244 H  HB3  . LEU A 1 79 ? -17.153 -14.571 15.446  1.00 66.46 ? 74  LEU A HB3  1 
ATOM   1245 H  HG   . LEU A 1 79 ? -16.906 -12.445 14.167  1.00 77.18 ? 74  LEU A HG   1 
ATOM   1246 H  HD11 . LEU A 1 79 ? -16.669 -10.583 15.550  1.00 83.35 ? 74  LEU A HD11 1 
ATOM   1247 H  HD12 . LEU A 1 79 ? -18.165 -11.114 15.583  1.00 83.35 ? 74  LEU A HD12 1 
ATOM   1248 H  HD13 . LEU A 1 79 ? -17.180 -11.441 16.786  1.00 83.35 ? 74  LEU A HD13 1 
ATOM   1249 H  HD21 . LEU A 1 79 ? -14.803 -12.134 15.127  1.00 44.58 ? 74  LEU A HD21 1 
ATOM   1250 H  HD22 . LEU A 1 79 ? -15.224 -13.069 16.341  1.00 44.58 ? 74  LEU A HD22 1 
ATOM   1251 H  HD23 . LEU A 1 79 ? -15.081 -13.679 14.880  1.00 44.58 ? 74  LEU A HD23 1 
ATOM   1252 N  N    . ALA A 1 80 ? -20.424 -12.092 14.191  1.00 75.90 ? 75  ALA A N    1 
ATOM   1253 C  CA   . ALA A 1 80 ? -21.448 -11.066 14.433  1.00 72.82 ? 75  ALA A CA   1 
ATOM   1254 C  C    . ALA A 1 80 ? -22.837 -11.679 14.533  1.00 62.58 ? 75  ALA A C    1 
ATOM   1255 O  O    . ALA A 1 80 ? -23.668 -11.206 15.305  1.00 71.71 ? 75  ALA A O    1 
ATOM   1256 C  CB   . ALA A 1 80 ? -21.426 -9.999  13.336  1.00 68.85 ? 75  ALA A CB   1 
ATOM   1257 H  H    . ALA A 1 80 ? -20.076 -12.056 13.406  1.00 91.08 ? 75  ALA A H    1 
ATOM   1258 H  HA   . ALA A 1 80 ? -21.257 -10.628 15.277  1.00 87.39 ? 75  ALA A HA   1 
ATOM   1259 H  HB1  . ALA A 1 80 ? -22.112 -9.340  13.524  1.00 82.62 ? 75  ALA A HB1  1 
ATOM   1260 H  HB2  . ALA A 1 80 ? -20.553 -9.576  13.325  1.00 82.62 ? 75  ALA A HB2  1 
ATOM   1261 H  HB3  . ALA A 1 80 ? -21.600 -10.423 12.481  1.00 82.62 ? 75  ALA A HB3  1 
HETATM 1262 N  N1   . 308 B 2 .  ? -14.361 -4.738  12.808  0.33 19.49 ? 101 308 A N1   1 
HETATM 1263 C  C10  . 308 B 2 .  ? -13.686 -3.996  11.723  0.33 16.16 ? 101 308 A C10  1 
HETATM 1264 C  C7   . 308 B 2 .  ? -12.335 -3.426  12.253  0.33 16.44 ? 101 308 A C7   1 
HETATM 1265 C  C1   . 308 B 2 .  ? -11.585 -2.679  11.123  0.33 16.40 ? 101 308 A C1   1 
HETATM 1266 C  C8   . 308 B 2 .  ? -13.398 -4.964  10.537  0.33 16.43 ? 101 308 A C8   1 
HETATM 1267 C  C5   . 308 B 2 .  ? -12.696 -4.207  9.383   0.33 16.39 ? 101 308 A C5   1 
HETATM 1268 C  C6   . 308 B 2 .  ? -11.335 -3.661  9.924   0.33 16.61 ? 101 308 A C6   1 
HETATM 1269 C  C4   . 308 B 2 .  ? -13.596 -3.009  8.913   0.33 16.67 ? 101 308 A C4   1 
HETATM 1270 C  C9   . 308 B 2 .  ? -14.577 -2.818  11.219  0.33 16.45 ? 101 308 A C9   1 
HETATM 1271 C  C3   . 308 B 2 .  ? -13.849 -2.028  10.103  0.33 16.55 ? 101 308 A C3   1 
HETATM 1272 C  C2   . 308 B 2 .  ? -12.481 -1.490  10.651  0.33 16.62 ? 101 308 A C2   1 
HETATM 1273 H  HN1  . 308 B 2 .  ? -13.845 -5.414  13.070  0.33 23.38 ? 101 308 A HN1  1 
HETATM 1274 H  HN1A . 308 B 2 .  ? -15.137 -5.056  12.510  0.33 23.38 ? 101 308 A HN1A 1 
HETATM 1275 H  H7   . 308 B 2 .  ? -11.783 -4.157  12.575  0.33 19.73 ? 101 308 A H7   1 
HETATM 1276 H  H7A  . 308 B 2 .  ? -12.516 -2.805  12.977  0.33 19.73 ? 101 308 A H7A  1 
HETATM 1277 H  H1   . 308 B 2 .  ? -10.740 -2.342  11.456  0.33 19.68 ? 101 308 A H1   1 
HETATM 1278 H  H8   . 308 B 2 .  ? -14.235 -5.333  10.214  0.33 19.72 ? 101 308 A H8   1 
HETATM 1279 H  H8A  . 308 B 2 .  ? -12.820 -5.679  10.845  0.33 19.72 ? 101 308 A H8A  1 
HETATM 1280 H  H5   . 308 B 2 .  ? -12.536 -4.814  8.643   0.33 19.67 ? 101 308 A H5   1 
HETATM 1281 H  H6   . 308 B 2 .  ? -10.788 -4.403  10.225  0.33 19.93 ? 101 308 A H6   1 
HETATM 1282 H  H6A  . 308 B 2 .  ? -10.874 -3.189  9.213   0.33 19.93 ? 101 308 A H6A  1 
HETATM 1283 H  H4   . 308 B 2 .  ? -14.446 -3.352  8.593   0.33 20.01 ? 101 308 A H4   1 
HETATM 1284 H  H4A  . 308 B 2 .  ? -13.150 -2.535  8.195   0.33 20.01 ? 101 308 A H4A  1 
HETATM 1285 H  H9   . 308 B 2 .  ? -14.767 -2.222  11.959  0.33 19.74 ? 101 308 A H9   1 
HETATM 1286 H  H9A  . 308 B 2 .  ? -15.406 -3.177  10.865  0.33 19.74 ? 101 308 A H9A  1 
HETATM 1287 H  H3   . 308 B 2 .  ? -14.405 -1.289  9.809   0.33 19.87 ? 101 308 A H3   1 
HETATM 1288 H  H2   . 308 B 2 .  ? -12.023 -1.001  9.950   0.33 19.94 ? 101 308 A H2   1 
HETATM 1289 H  H2A  . 308 B 2 .  ? -12.647 -0.896  11.401  0.33 19.94 ? 101 308 A H2A  1 
HETATM 1290 H  H03  . 308 B 2 .  ? -14.507 -4.191  13.496  0.33 23.38 ? 101 308 A H03  1 
HETATM 1291 NA NA   . NA  C 3 .  ? 1.109   11.767  -11.580 0.33 13.90 ? 102 NA  A NA   1 
HETATM 1292 O  O    . HOH D 4 .  ? 11.305  2.986   3.909   1.00 34.46 ? 201 HOH A O    1 
HETATM 1293 O  O    . HOH D 4 .  ? 1.911   -5.191  -4.643  1.00 39.87 ? 202 HOH A O    1 
HETATM 1294 O  O    . HOH D 4 .  ? 11.324  10.997  -22.470 1.00 37.86 ? 203 HOH A O    1 
HETATM 1295 O  O    . HOH D 4 .  ? 15.109  12.701  -0.941  1.00 50.66 ? 204 HOH A O    1 
HETATM 1296 O  O    . HOH D 4 .  ? 7.358   8.672   3.183   1.00 28.78 ? 205 HOH A O    1 
HETATM 1297 O  O    . HOH D 4 .  ? 0.898   -15.579 4.519   1.00 24.95 ? 206 HOH A O    1 
HETATM 1298 O  O    . HOH D 4 .  ? -6.426  -17.815 17.896  1.00 34.74 ? 207 HOH A O    1 
HETATM 1299 O  O    . HOH D 4 .  ? 3.561   14.179  0.575   1.00 18.20 ? 208 HOH A O    1 
HETATM 1300 O  O    . HOH D 4 .  ? -13.163 -14.647 1.758   1.00 31.94 ? 209 HOH A O    1 
HETATM 1301 O  O    . HOH D 4 .  ? 15.227  15.195  -14.216 1.00 23.07 ? 210 HOH A O    1 
HETATM 1302 O  O    . HOH D 4 .  ? 5.959   3.241   -5.102  1.00 22.10 ? 211 HOH A O    1 
HETATM 1303 O  O    . HOH D 4 .  ? -2.987  -18.540 16.424  1.00 23.94 ? 212 HOH A O    1 
HETATM 1304 O  O    . HOH D 4 .  ? -19.437 -11.242 1.427   1.00 31.93 ? 213 HOH A O    1 
HETATM 1305 O  O    . HOH D 4 .  ? 11.085  14.158  0.453   1.00 33.91 ? 214 HOH A O    1 
HETATM 1306 O  O    . HOH D 4 .  ? 3.936   -4.722  -1.891  1.00 26.70 ? 215 HOH A O    1 
HETATM 1307 O  O    . HOH D 4 .  ? 13.384  8.316   2.080   1.00 38.63 ? 216 HOH A O    1 
HETATM 1308 O  O    . HOH D 4 .  ? 6.562   18.771  -1.952  1.00 19.97 ? 217 HOH A O    1 
HETATM 1309 O  O    . HOH D 4 .  ? -13.179 -7.158  13.630  1.00 21.08 ? 218 HOH A O    1 
HETATM 1310 O  O    . HOH D 4 .  ? -5.709  -15.208 4.116   1.00 23.96 ? 219 HOH A O    1 
HETATM 1311 O  O    . HOH D 4 .  ? 15.534  19.885  -14.804 1.00 31.86 ? 220 HOH A O    1 
HETATM 1312 O  O    . HOH D 4 .  ? -18.443 -13.458 5.826   1.00 29.12 ? 221 HOH A O    1 
HETATM 1313 O  O    . HOH D 4 .  ? -10.628 -9.316  -0.420  1.00 22.87 ? 222 HOH A O    1 
HETATM 1314 O  O    . HOH D 4 .  ? 18.429  17.921  -2.252  1.00 43.83 ? 223 HOH A O    1 
HETATM 1315 O  O    . HOH D 4 .  ? 0.505   -6.310  -0.869  1.00 39.80 ? 224 HOH A O    1 
HETATM 1316 O  O    . HOH D 4 .  ? -18.730 -7.534  8.789   1.00 21.04 ? 225 HOH A O    1 
HETATM 1317 O  O    . HOH D 4 .  ? 8.333   -0.266  5.964   1.00 30.58 ? 226 HOH A O    1 
HETATM 1318 O  O    . HOH D 4 .  ? 16.582  18.235  0.436   1.00 46.49 ? 227 HOH A O    1 
HETATM 1319 O  O    . HOH D 4 .  ? -2.546  -10.731 14.765  1.00 20.91 ? 228 HOH A O    1 
HETATM 1320 O  O    . HOH D 4 .  ? 11.507  -1.804  -3.342  1.00 43.57 ? 229 HOH A O    1 
HETATM 1321 O  O    . HOH D 4 .  ? 11.133  11.330  -10.321 1.00 18.36 ? 230 HOH A O    1 
HETATM 1322 O  O    . HOH D 4 .  ? -1.684  -10.766 2.354   1.00 27.68 ? 231 HOH A O    1 
HETATM 1323 O  O    . HOH D 4 .  ? 10.615  22.812  -9.590  1.00 26.50 ? 232 HOH A O    1 
HETATM 1324 O  O    . HOH D 4 .  ? 0.295   -9.131  3.453   1.00 19.59 ? 233 HOH A O    1 
HETATM 1325 O  O    . HOH D 4 .  ? -4.671  -8.268  -0.815  1.00 18.25 ? 234 HOH A O    1 
HETATM 1326 O  O    . HOH D 4 .  ? -4.063  -21.191 14.416  1.00 17.10 ? 235 HOH A O    1 
HETATM 1327 O  O    . HOH D 4 .  ? 1.541   -4.002  -11.874 1.00 37.37 ? 236 HOH A O    1 
HETATM 1328 O  O    . HOH D 4 .  ? 4.475   -3.955  10.987  1.00 35.16 ? 237 HOH A O    1 
HETATM 1329 O  O    . HOH D 4 .  ? 11.745  2.930   0.488   1.00 35.63 ? 238 HOH A O    1 
HETATM 1330 O  O    . HOH D 4 .  ? 12.983  6.844   -8.298  1.00 30.41 ? 239 HOH A O    1 
HETATM 1331 O  O    . HOH D 4 .  ? 2.278   11.489  -9.527  1.00 14.83 ? 240 HOH A O    1 
HETATM 1332 O  O    . HOH D 4 .  ? 7.205   -1.944  -1.157  1.00 26.76 ? 241 HOH A O    1 
HETATM 1333 O  O    . HOH D 4 .  ? -8.753  -11.974 16.417  1.00 21.73 ? 242 HOH A O    1 
HETATM 1334 O  O    . HOH D 4 .  ? 12.655  6.771   -5.532  1.00 24.56 ? 243 HOH A O    1 
HETATM 1335 O  O    . HOH D 4 .  ? 2.704   -2.291  9.742   1.00 25.99 ? 244 HOH A O    1 
HETATM 1336 O  O    . HOH D 4 .  ? -3.274  -16.980 2.966   1.00 33.18 ? 245 HOH A O    1 
HETATM 1337 O  O    . HOH D 4 .  ? 2.767   1.801   7.152   1.00 27.89 ? 246 HOH A O    1 
HETATM 1338 O  O    . HOH D 4 .  ? -12.194 -13.344 5.388   1.00 21.93 ? 247 HOH A O    1 
HETATM 1339 O  O    . HOH D 4 .  ? -19.447 -12.309 18.790  1.00 45.17 ? 248 HOH A O    1 
HETATM 1340 O  O    . HOH D 4 .  ? 12.387  16.729  -20.292 1.00 27.26 ? 249 HOH A O    1 
HETATM 1341 O  O    . HOH D 4 .  ? -10.507 -19.004 16.097  1.00 28.70 ? 250 HOH A O    1 
HETATM 1342 O  O    . HOH D 4 .  ? -4.632  -8.405  -3.591  1.00 36.55 ? 251 HOH A O    1 
HETATM 1343 O  O    . HOH D 4 .  ? 9.698   17.625  -1.504  1.00 31.99 ? 252 HOH A O    1 
HETATM 1344 O  O    . HOH D 4 .  ? 3.166   -8.771  9.954   1.00 22.84 ? 253 HOH A O    1 
HETATM 1345 O  O    . HOH D 4 .  ? -6.269  -11.382 2.732   1.00 23.65 ? 254 HOH A O    1 
HETATM 1346 O  O    . HOH D 4 .  ? -3.489  -4.434  -6.392  1.00 31.91 ? 255 HOH A O    1 
HETATM 1347 O  O    . HOH D 4 .  ? 1.365   -11.610 3.970   1.00 27.41 ? 256 HOH A O    1 
HETATM 1348 O  O    . HOH D 4 .  ? 1.083   -3.053  14.337  1.00 32.31 ? 257 HOH A O    1 
HETATM 1349 O  O    . HOH D 4 .  ? 8.971   14.859  -1.400  1.00 30.25 ? 258 HOH A O    1 
HETATM 1350 O  O    . HOH D 4 .  ? 15.480  12.454  -3.928  1.00 41.02 ? 259 HOH A O    1 
HETATM 1351 O  O    . HOH D 4 .  ? 5.812   4.955   9.914   1.00 47.40 ? 260 HOH A O    1 
HETATM 1352 O  O    . HOH D 4 .  ? 1.343   -7.910  1.268   1.00 42.27 ? 261 HOH A O    1 
HETATM 1353 O  O    . HOH D 4 .  ? -14.180 -17.204 16.394  1.00 34.84 ? 262 HOH A O    1 
HETATM 1354 O  O    . HOH D 4 .  ? -15.925 -18.670 13.790  1.00 32.64 ? 263 HOH A O    1 
HETATM 1355 O  O    . HOH D 4 .  ? 13.720  13.790  -19.585 1.00 23.94 ? 264 HOH A O    1 
HETATM 1356 O  O    . HOH D 4 .  ? -9.358  -14.667 3.612   1.00 37.67 ? 265 HOH A O    1 
HETATM 1357 O  O    . HOH D 4 .  ? 11.153  9.552   1.544   1.00 33.90 ? 266 HOH A O    1 
HETATM 1358 O  O    . HOH D 4 .  ? 9.753   7.702   7.652   1.00 59.98 ? 267 HOH A O    1 
HETATM 1359 O  O    . HOH D 4 .  ? 14.152  8.121   -21.524 1.00 33.21 ? 268 HOH A O    1 
HETATM 1360 O  O    . HOH D 4 .  ? 3.725   -7.466  12.428  1.00 45.56 ? 269 HOH A O    1 
HETATM 1361 O  O    . HOH D 4 .  ? -13.224 -18.356 9.549   1.00 31.73 ? 270 HOH A O    1 
HETATM 1362 O  O    . HOH D 4 .  ? 7.774   -0.747  -3.462  1.00 32.49 ? 271 HOH A O    1 
HETATM 1363 O  O    . HOH D 4 .  ? 10.760  8.207   5.503   1.00 45.81 ? 272 HOH A O    1 
HETATM 1364 O  O    . HOH D 4 .  ? 13.810  17.821  2.146   1.00 45.64 ? 273 HOH A O    1 
HETATM 1365 O  O    . HOH D 4 .  ? -7.275  -10.061 15.062  1.00 20.48 ? 274 HOH A O    1 
HETATM 1366 O  O    . HOH D 4 .  ? -9.041  -17.914 18.154  1.00 35.19 ? 275 HOH A O    1 
HETATM 1367 O  O    . HOH D 4 .  ? 2.771   -7.050  -3.571  1.00 31.77 ? 276 HOH A O    1 
HETATM 1368 O  O    . HOH D 4 .  ? 6.832   16.898  -21.918 1.00 36.71 ? 277 HOH A O    1 
HETATM 1369 O  O    . HOH D 4 .  ? 13.606  10.540  -10.934 1.00 33.77 ? 278 HOH A O    1 
HETATM 1370 O  O    . HOH D 4 .  ? 3.138   -6.689  -7.201  1.00 41.31 ? 279 HOH A O    1 
HETATM 1371 O  O    . HOH D 4 .  ? -1.640  -9.156  -3.719  1.00 38.10 ? 280 HOH A O    1 
HETATM 1372 O  O    . HOH D 4 .  ? -14.249 -14.908 6.309   1.00 32.18 ? 281 HOH A O    1 
HETATM 1373 O  O    . HOH D 4 .  ? -18.936 -7.711  11.924  1.00 32.85 ? 282 HOH A O    1 
HETATM 1374 O  O    . HOH D 4 .  ? 5.966   -5.669  -2.122  1.00 32.20 ? 283 HOH A O    1 
HETATM 1375 O  O    . HOH D 4 .  ? 16.917  14.423  -10.074 1.00 37.53 ? 284 HOH A O    1 
HETATM 1376 O  O    . HOH D 4 .  ? -7.272  -20.918 17.387  1.00 28.74 ? 285 HOH A O    1 
HETATM 1377 O  O    . HOH D 4 .  ? 11.955  18.552  -0.232  1.00 30.22 ? 286 HOH A O    1 
HETATM 1378 O  O    . HOH D 4 .  ? -15.156 -21.284 16.925  1.00 30.48 ? 287 HOH A O    1 
HETATM 1379 O  O    . HOH D 4 .  ? -7.149  -12.490 18.703  1.00 40.39 ? 288 HOH A O    1 
HETATM 1380 O  O    . HOH D 4 .  ? 13.145  4.217   -5.935  1.00 42.27 ? 289 HOH A O    1 
HETATM 1381 O  O    . HOH D 4 .  ? 1.828   -10.965 -0.109  1.00 34.56 ? 290 HOH A O    1 
HETATM 1382 O  O    . HOH D 4 .  ? 13.642  12.892  -22.333 1.00 37.38 ? 291 HOH A O    1 
HETATM 1383 O  O    . HOH D 4 .  ? -6.440  -10.131 0.266   1.00 26.65 ? 292 HOH A O    1 
HETATM 1384 O  O    . HOH D 4 .  ? 17.189  12.498  -16.235 1.00 41.05 ? 293 HOH A O    1 
HETATM 1385 O  O    . HOH D 4 .  ? -19.168 -11.378 4.358   1.00 29.10 ? 294 HOH A O    1 
HETATM 1386 O  O    . HOH D 4 .  ? -11.947 -6.985  -4.626  1.00 35.81 ? 295 HOH A O    1 
HETATM 1387 O  O    . HOH D 4 .  ? -16.899 -5.313  9.431   1.00 22.43 ? 296 HOH A O    1 
HETATM 1388 O  O    . HOH D 4 .  ? -8.367  -11.070 -1.161  1.00 32.40 ? 297 HOH A O    1 
HETATM 1389 O  O    . HOH D 4 .  ? -3.458  -5.703  -8.531  1.00 30.74 ? 298 HOH A O    1 
HETATM 1390 O  O    . HOH D 4 .  ? -11.901 -13.939 -2.174  1.00 37.25 ? 299 HOH A O    1 
HETATM 1391 O  O    . HOH D 4 .  ? 7.044   9.240   6.443   1.00 45.64 ? 300 HOH A O    1 
HETATM 1392 O  O    . HOH D 4 .  ? -16.551 -15.050 4.549   1.00 40.95 ? 301 HOH A O    1 
HETATM 1393 O  O    . HOH D 4 .  ? 6.732   -3.939  12.521  1.00 47.43 ? 302 HOH A O    1 
HETATM 1394 O  O    . HOH D 4 .  ? -7.465  -13.777 2.470   1.00 24.21 ? 303 HOH A O    1 
HETATM 1395 O  O    . HOH D 4 .  ? -7.247  -10.542 -3.526  1.00 37.96 ? 304 HOH A O    1 
HETATM 1396 O  O    . HOH D 4 .  ? 7.812   -8.667  -1.160  1.00 38.75 ? 305 HOH A O    1 
HETATM 1397 O  O    . HOH D 4 .  ? -20.819 -14.441 6.903   1.00 34.73 ? 306 HOH A O    1 
HETATM 1398 O  O    . HOH D 4 .  ? -11.243 -9.130  -3.226  1.00 37.52 ? 307 HOH A O    1 
HETATM 1399 O  O    . HOH D 4 .  ? -4.656  -9.818  16.236  1.00 23.34 ? 308 HOH A O    1 
HETATM 1400 O  O    . HOH D 4 .  ? -2.139  -9.249  -0.169  1.00 31.44 ? 309 HOH A O    1 
HETATM 1401 O  O    . HOH D 4 .  ? 6.211   17.192  -19.575 0.33 70.42 ? 310 HOH A O    1 
HETATM 1402 O  O    . HOH D 4 .  ? 17.833  10.375  -1.636  1.00 47.41 ? 311 HOH A O    1 
HETATM 1403 O  O    . HOH D 4 .  ? -14.014 -14.964 -1.631  1.00 52.93 ? 312 HOH A O    1 
HETATM 1404 O  O    . HOH D 4 .  ? -4.566  -11.029 18.773  1.00 28.70 ? 313 HOH A O    1 
HETATM 1405 O  O    . HOH D 4 .  ? 3.066   -9.753  -5.069  1.00 43.73 ? 314 HOH A O    1 
HETATM 1406 O  O    . HOH D 4 .  ? -12.958 -21.269 19.465  1.00 33.82 ? 315 HOH A O    1 
HETATM 1407 O  O    . HOH D 4 .  ? 7.263   -8.147  -3.251  1.00 33.05 ? 316 HOH A O    1 
HETATM 1408 O  O    . HOH D 4 .  ? -14.616 -17.047 -2.171  1.00 51.75 ? 317 HOH A O    1 
# 
